data_9JZW
#
_entry.id   9JZW
#
_cell.length_a   71.697
_cell.length_b   94.408
_cell.length_c   211.056
_cell.angle_alpha   90.000
_cell.angle_beta   90.000
_cell.angle_gamma   90.000
#
_symmetry.space_group_name_H-M   'P 21 21 21'
#
loop_
_entity.id
_entity.type
_entity.pdbx_description
1 polymer 'Phosphoribosylformylglycinamidine cyclo-ligase'
2 non-polymer 'SULFATE ION'
3 water water
#
_entity_poly.entity_id   1
_entity_poly.type   'polypeptide(L)'
_entity_poly.pdbx_seq_one_letter_code
;MTDKTSLSYKDAGVDIDAGNALVGRIKGVVKKTRRPEVMGGLGGFGALCALPQKYREPVLVSGTDGVGTKLRLAMDLKRH
DTIGIDLVAMCVNDLVVQGAEPLFFLDYYATGKLDVDTASAVISGIAEGCLQSGCSLVGGETAEMPGMYHGEDYDVAGFC
VGVVEKSEIIDGSKVSDGDVLIALGSSGPHSNGYSLVRKILEVSGCDPQTTELDGKPLADHLLAPTRIYVKSVLELIEKV
DVHAIAHLTGGGFWENIPRVLPDNTQAVIDESSWQWPEVFNWLQTAGNVEHHEMYRTFNCGVGMIIALPAPEVDKALALL
NANGENAWKIGIIKASDSEQRVVIE
;
_entity_poly.pdbx_strand_id   A,B,C,D
#
loop_
_chem_comp.id
_chem_comp.type
_chem_comp.name
_chem_comp.formula
SO4 non-polymer 'SULFATE ION' 'O4 S -2'
#
# COMPACT_ATOMS: atom_id res chain seq x y z
N THR A 5 10.32 47.38 -9.73
CA THR A 5 11.10 46.41 -8.98
C THR A 5 10.35 45.08 -8.87
N SER A 6 10.89 44.05 -9.51
CA SER A 6 10.32 42.71 -9.48
C SER A 6 11.28 41.80 -8.72
N LEU A 7 10.79 41.24 -7.61
CA LEU A 7 11.64 40.38 -6.78
C LEU A 7 11.91 39.07 -7.49
N SER A 8 13.18 38.65 -7.47
CA SER A 8 13.60 37.37 -8.02
C SER A 8 14.44 36.64 -6.98
N TYR A 9 14.75 35.37 -7.26
CA TYR A 9 15.65 34.64 -6.39
C TYR A 9 17.06 35.23 -6.39
N LYS A 10 17.37 36.12 -7.33
CA LYS A 10 18.68 36.76 -7.38
C LYS A 10 18.83 37.89 -6.38
N ASP A 11 17.72 38.37 -5.80
CA ASP A 11 17.82 39.32 -4.70
C ASP A 11 18.45 38.66 -3.47
N ALA A 12 18.22 37.36 -3.30
CA ALA A 12 18.91 36.56 -2.30
C ALA A 12 19.23 35.20 -2.90
N GLY A 13 18.34 34.23 -2.65
CA GLY A 13 18.45 32.92 -3.26
C GLY A 13 19.64 32.10 -2.80
N VAL A 14 19.54 30.79 -2.97
CA VAL A 14 20.65 29.92 -2.62
C VAL A 14 21.68 29.80 -3.72
N ASP A 15 21.36 30.24 -4.94
CA ASP A 15 22.19 30.05 -6.12
C ASP A 15 22.36 28.55 -6.42
N ILE A 16 21.25 27.97 -6.89
CA ILE A 16 21.25 26.56 -7.26
C ILE A 16 22.27 26.30 -8.35
N ASP A 17 22.44 27.24 -9.27
CA ASP A 17 23.36 27.05 -10.39
C ASP A 17 24.80 26.94 -9.93
N ALA A 18 25.14 27.56 -8.79
CA ALA A 18 26.47 27.35 -8.22
C ALA A 18 26.66 25.90 -7.79
N GLY A 19 25.64 25.31 -7.17
CA GLY A 19 25.68 23.89 -6.88
C GLY A 19 25.69 23.05 -8.14
N ASN A 20 24.93 23.46 -9.15
CA ASN A 20 25.00 22.80 -10.45
C ASN A 20 26.35 23.02 -11.11
N ALA A 21 26.98 24.17 -10.86
CA ALA A 21 28.31 24.41 -11.40
C ALA A 21 29.34 23.51 -10.73
N LEU A 22 29.19 23.26 -9.42
CA LEU A 22 30.10 22.37 -8.72
C LEU A 22 30.00 20.95 -9.29
N VAL A 23 28.79 20.45 -9.48
CA VAL A 23 28.60 19.13 -10.05
C VAL A 23 29.20 19.07 -11.45
N GLY A 24 29.15 20.18 -12.20
CA GLY A 24 29.76 20.21 -13.52
C GLY A 24 31.27 20.10 -13.49
N ARG A 25 31.92 20.64 -12.45
CA ARG A 25 33.38 20.63 -12.40
C ARG A 25 33.91 19.27 -11.96
N ILE A 26 33.38 18.73 -10.86
CA ILE A 26 33.94 17.53 -10.25
C ILE A 26 33.29 16.26 -10.81
N LYS A 27 32.57 16.40 -11.92
CA LYS A 27 31.88 15.25 -12.50
C LYS A 27 32.86 14.15 -12.88
N GLY A 28 34.04 14.52 -13.36
CA GLY A 28 35.02 13.51 -13.75
C GLY A 28 35.65 12.81 -12.57
N VAL A 29 35.97 13.55 -11.52
CA VAL A 29 36.59 12.96 -10.33
C VAL A 29 35.63 11.99 -9.65
N VAL A 30 34.35 12.33 -9.63
CA VAL A 30 33.35 11.45 -9.01
C VAL A 30 33.12 10.21 -9.86
N LYS A 31 33.15 10.37 -11.18
CA LYS A 31 32.95 9.24 -12.10
C LYS A 31 34.01 8.17 -11.88
N LYS A 32 35.24 8.57 -11.54
CA LYS A 32 36.34 7.62 -11.39
C LYS A 32 36.10 6.62 -10.27
N THR A 33 35.21 6.92 -9.32
CA THR A 33 34.92 6.02 -8.22
C THR A 33 33.84 5.00 -8.54
N ARG A 34 33.29 5.05 -9.75
CA ARG A 34 32.11 4.26 -10.08
C ARG A 34 32.42 2.76 -10.06
N ARG A 35 31.62 2.02 -9.30
CA ARG A 35 31.70 0.56 -9.27
C ARG A 35 30.92 -0.04 -10.44
N PRO A 36 31.19 -1.31 -10.78
CA PRO A 36 30.36 -1.97 -11.79
C PRO A 36 28.90 -2.09 -11.40
N GLU A 37 28.60 -2.14 -10.10
CA GLU A 37 27.21 -2.24 -9.66
C GLU A 37 26.43 -0.95 -9.86
N VAL A 38 27.12 0.17 -10.08
CA VAL A 38 26.44 1.45 -10.24
C VAL A 38 25.73 1.50 -11.59
N MET A 39 24.49 1.99 -11.58
CA MET A 39 23.72 2.18 -12.80
C MET A 39 23.33 3.64 -12.94
N GLY A 40 23.28 4.11 -14.18
CA GLY A 40 22.88 5.49 -14.43
C GLY A 40 21.41 5.68 -14.12
N GLY A 41 21.11 6.71 -13.34
CA GLY A 41 19.73 7.01 -12.97
C GLY A 41 18.99 7.72 -14.08
N LEU A 42 17.78 8.15 -13.75
CA LEU A 42 16.95 8.88 -14.71
C LEU A 42 17.48 10.30 -14.89
N GLY A 43 17.26 11.16 -13.90
CA GLY A 43 17.71 12.54 -13.99
C GLY A 43 18.38 13.02 -12.71
N GLY A 44 19.06 12.10 -12.02
CA GLY A 44 19.71 12.44 -10.79
C GLY A 44 18.81 12.55 -9.59
N PHE A 45 17.56 12.08 -9.69
CA PHE A 45 16.67 12.10 -8.53
C PHE A 45 17.18 11.18 -7.43
N GLY A 46 17.78 10.05 -7.82
CA GLY A 46 18.37 9.13 -6.87
C GLY A 46 19.45 8.32 -7.54
N ALA A 47 20.39 7.84 -6.74
CA ALA A 47 21.52 7.07 -7.24
C ALA A 47 21.17 5.59 -7.27
N LEU A 48 21.48 4.94 -8.38
CA LEU A 48 21.16 3.53 -8.60
C LEU A 48 22.41 2.68 -8.41
N CYS A 49 22.31 1.67 -7.54
CA CYS A 49 23.41 0.73 -7.33
C CYS A 49 22.83 -0.64 -7.05
N ALA A 50 23.18 -1.61 -7.89
CA ALA A 50 22.76 -2.99 -7.66
C ALA A 50 23.55 -3.60 -6.50
N LEU A 51 23.03 -4.70 -5.98
CA LEU A 51 23.74 -5.44 -4.95
C LEU A 51 24.79 -6.33 -5.59
N PRO A 52 25.96 -6.47 -4.96
CA PRO A 52 26.98 -7.40 -5.49
C PRO A 52 26.45 -8.82 -5.52
N GLN A 53 26.79 -9.53 -6.60
CA GLN A 53 26.30 -10.89 -6.80
C GLN A 53 26.76 -11.83 -5.69
N LYS A 54 27.83 -11.50 -4.98
CA LYS A 54 28.37 -12.37 -3.94
C LYS A 54 27.34 -12.75 -2.89
N TYR A 55 26.41 -11.85 -2.58
CA TYR A 55 25.59 -11.97 -1.39
C TYR A 55 24.29 -12.71 -1.69
N ARG A 56 24.07 -13.82 -0.99
CA ARG A 56 22.82 -14.56 -1.12
C ARG A 56 21.74 -14.00 -0.21
N GLU A 57 22.11 -13.49 0.97
CA GLU A 57 21.19 -12.84 1.89
C GLU A 57 21.80 -11.52 2.34
N PRO A 58 21.80 -10.51 1.47
CA PRO A 58 22.51 -9.25 1.78
C PRO A 58 21.79 -8.47 2.87
N VAL A 59 22.57 -8.02 3.86
CA VAL A 59 22.09 -7.12 4.90
C VAL A 59 22.81 -5.79 4.74
N LEU A 60 22.05 -4.71 4.66
CA LEU A 60 22.62 -3.38 4.43
C LEU A 60 23.08 -2.78 5.75
N VAL A 61 24.31 -2.30 5.78
CA VAL A 61 24.88 -1.63 6.94
C VAL A 61 25.11 -0.18 6.57
N SER A 62 24.53 0.73 7.37
CA SER A 62 24.54 2.15 7.05
C SER A 62 25.06 2.94 8.24
N GLY A 63 25.53 4.15 7.95
CA GLY A 63 26.03 5.03 8.98
C GLY A 63 26.22 6.44 8.45
N THR A 64 26.20 7.39 9.37
CA THR A 64 26.49 8.79 9.08
C THR A 64 27.61 9.26 9.98
N ASP A 65 28.28 10.34 9.57
CA ASP A 65 29.39 10.84 10.35
C ASP A 65 29.70 12.28 9.97
N GLY A 66 30.54 12.90 10.80
CA GLY A 66 31.17 14.15 10.44
C GLY A 66 32.56 14.18 11.06
N VAL A 67 33.40 15.08 10.53
CA VAL A 67 34.74 15.19 11.09
C VAL A 67 34.75 16.10 12.31
N GLY A 68 33.80 17.03 12.40
CA GLY A 68 33.58 17.84 13.58
C GLY A 68 34.76 18.66 14.05
N THR A 69 35.35 18.25 15.17
CA THR A 69 36.41 19.05 15.79
C THR A 69 37.64 19.16 14.91
N LYS A 70 37.90 18.15 14.07
CA LYS A 70 39.06 18.22 13.19
C LYS A 70 38.83 19.22 12.05
N LEU A 71 37.58 19.38 11.61
CA LEU A 71 37.27 20.38 10.58
C LEU A 71 37.68 21.77 11.05
N ARG A 72 37.45 22.07 12.33
CA ARG A 72 37.84 23.37 12.89
C ARG A 72 39.32 23.61 12.72
N LEU A 73 40.16 22.64 13.12
CA LEU A 73 41.60 22.80 12.99
C LEU A 73 42.06 22.79 11.55
N ALA A 74 41.38 22.01 10.69
CA ALA A 74 41.80 21.93 9.30
C ALA A 74 41.64 23.27 8.58
N MET A 75 40.58 24.01 8.90
CA MET A 75 40.36 25.31 8.29
C MET A 75 41.09 26.43 9.02
N ASP A 76 41.34 26.28 10.32
CA ASP A 76 42.17 27.24 11.02
C ASP A 76 43.60 27.25 10.48
N LEU A 77 44.04 26.11 9.97
CA LEU A 77 45.33 26.01 9.29
C LEU A 77 45.19 26.12 7.78
N LYS A 78 43.94 26.25 7.29
CA LYS A 78 43.64 26.47 5.88
C LYS A 78 44.26 25.38 5.00
N ARG A 79 44.00 24.12 5.37
CA ARG A 79 44.41 22.95 4.59
C ARG A 79 43.24 21.97 4.61
N HIS A 80 42.61 21.76 3.47
CA HIS A 80 41.37 21.00 3.41
C HIS A 80 41.37 19.97 2.28
N ASP A 81 42.53 19.51 1.84
CA ASP A 81 42.59 18.50 0.79
C ASP A 81 42.43 17.08 1.33
N THR A 82 42.55 16.88 2.65
CA THR A 82 42.48 15.55 3.23
C THR A 82 41.32 15.35 4.18
N ILE A 83 40.59 16.41 4.55
CA ILE A 83 39.44 16.24 5.43
C ILE A 83 38.34 15.43 4.77
N GLY A 84 38.30 15.40 3.43
CA GLY A 84 37.38 14.53 2.74
C GLY A 84 37.73 13.06 2.89
N ILE A 85 39.04 12.75 2.97
CA ILE A 85 39.47 11.39 3.24
C ILE A 85 39.05 10.99 4.65
N ASP A 86 39.16 11.91 5.62
CA ASP A 86 38.76 11.62 6.98
C ASP A 86 37.26 11.31 7.06
N LEU A 87 36.45 12.04 6.31
CA LEU A 87 35.01 11.83 6.34
C LEU A 87 34.64 10.43 5.85
N VAL A 88 35.25 10.01 4.75
CA VAL A 88 34.99 8.66 4.23
C VAL A 88 35.56 7.61 5.17
N ALA A 89 36.79 7.83 5.66
CA ALA A 89 37.48 6.83 6.47
C ALA A 89 36.68 6.49 7.72
N MET A 90 36.12 7.50 8.38
CA MET A 90 35.33 7.25 9.58
C MET A 90 34.11 6.38 9.28
N CYS A 91 33.42 6.66 8.17
CA CYS A 91 32.30 5.82 7.75
C CYS A 91 32.74 4.40 7.47
N VAL A 92 33.65 4.23 6.51
CA VAL A 92 33.95 2.90 5.99
C VAL A 92 34.68 2.04 7.02
N ASN A 93 35.49 2.65 7.89
CA ASN A 93 36.14 1.86 8.94
C ASN A 93 35.13 1.37 9.96
N ASP A 94 34.01 2.08 10.14
CA ASP A 94 32.95 1.58 11.01
C ASP A 94 32.17 0.46 10.35
N LEU A 95 32.00 0.50 9.03
CA LEU A 95 31.23 -0.53 8.35
C LEU A 95 31.89 -1.90 8.47
N VAL A 96 33.20 -1.96 8.24
CA VAL A 96 33.91 -3.23 8.27
C VAL A 96 33.97 -3.85 9.65
N VAL A 97 33.65 -3.08 10.70
CA VAL A 97 33.63 -3.63 12.05
C VAL A 97 32.64 -4.78 12.15
N GLN A 98 31.49 -4.65 11.50
CA GLN A 98 30.48 -5.70 11.44
C GLN A 98 30.65 -6.61 10.24
N GLY A 99 31.72 -6.45 9.48
CA GLY A 99 31.98 -7.26 8.31
C GLY A 99 31.39 -6.75 7.01
N ALA A 100 30.94 -5.50 6.99
CA ALA A 100 30.27 -4.96 5.81
C ALA A 100 31.28 -4.48 4.78
N GLU A 101 31.00 -4.77 3.51
CA GLU A 101 31.79 -4.24 2.41
C GLU A 101 31.21 -2.91 1.96
N PRO A 102 31.97 -1.81 2.04
CA PRO A 102 31.43 -0.51 1.60
C PRO A 102 30.99 -0.55 0.15
N LEU A 103 29.78 -0.04 -0.10
CA LEU A 103 29.18 -0.08 -1.43
C LEU A 103 29.08 1.29 -2.09
N PHE A 104 28.47 2.27 -1.43
CA PHE A 104 28.43 3.62 -1.97
C PHE A 104 28.41 4.65 -0.84
N PHE A 105 28.61 5.91 -1.22
CA PHE A 105 28.81 7.01 -0.28
C PHE A 105 28.11 8.25 -0.81
N LEU A 106 27.57 9.06 0.11
CA LEU A 106 27.00 10.34 -0.23
C LEU A 106 27.46 11.38 0.80
N ASP A 107 27.55 12.63 0.37
CA ASP A 107 28.01 13.70 1.24
C ASP A 107 27.02 14.85 1.22
N TYR A 108 26.94 15.56 2.35
CA TYR A 108 26.15 16.77 2.50
C TYR A 108 27.09 17.92 2.81
N TYR A 109 27.18 18.88 1.89
CA TYR A 109 28.09 20.01 2.01
C TYR A 109 27.27 21.28 2.20
N ALA A 110 27.50 21.97 3.32
CA ALA A 110 26.74 23.17 3.65
C ALA A 110 27.71 24.30 4.00
N THR A 111 27.40 25.50 3.54
CA THR A 111 28.24 26.67 3.77
C THR A 111 27.40 27.93 3.55
N GLY A 112 28.01 29.08 3.81
CA GLY A 112 27.36 30.35 3.57
C GLY A 112 27.23 30.65 2.09
N LYS A 113 28.30 31.13 1.48
CA LYS A 113 28.39 31.26 0.03
C LYS A 113 29.33 30.19 -0.50
N LEU A 114 28.90 29.51 -1.55
CA LEU A 114 29.64 28.36 -2.06
C LEU A 114 30.96 28.80 -2.68
N ASP A 115 32.06 28.38 -2.08
CA ASP A 115 33.39 28.52 -2.67
C ASP A 115 33.64 27.25 -3.47
N VAL A 116 33.47 27.33 -4.79
CA VAL A 116 33.58 26.16 -5.65
C VAL A 116 34.97 25.55 -5.55
N ASP A 117 36.00 26.38 -5.36
CA ASP A 117 37.36 25.87 -5.23
C ASP A 117 37.51 25.05 -3.96
N THR A 118 37.06 25.59 -2.82
CA THR A 118 37.19 24.86 -1.56
C THR A 118 36.32 23.60 -1.57
N ALA A 119 35.12 23.69 -2.15
CA ALA A 119 34.25 22.51 -2.20
C ALA A 119 34.84 21.42 -3.08
N SER A 120 35.40 21.79 -4.24
CA SER A 120 35.97 20.81 -5.14
C SER A 120 37.15 20.07 -4.51
N ALA A 121 37.91 20.74 -3.64
CA ALA A 121 39.01 20.08 -2.97
C ALA A 121 38.50 19.10 -1.91
N VAL A 122 37.41 19.45 -1.22
CA VAL A 122 36.82 18.56 -0.24
C VAL A 122 36.21 17.34 -0.94
N ILE A 123 35.47 17.57 -2.02
CA ILE A 123 34.84 16.48 -2.76
C ILE A 123 35.90 15.55 -3.33
N SER A 124 37.00 16.12 -3.83
CA SER A 124 38.09 15.30 -4.38
C SER A 124 38.69 14.41 -3.30
N GLY A 125 38.78 14.91 -2.07
CA GLY A 125 39.24 14.08 -0.98
C GLY A 125 38.26 12.98 -0.63
N ILE A 126 36.96 13.26 -0.72
CA ILE A 126 35.94 12.24 -0.50
C ILE A 126 36.03 11.16 -1.57
N ALA A 127 36.18 11.57 -2.83
CA ALA A 127 36.33 10.61 -3.91
C ALA A 127 37.58 9.77 -3.75
N GLU A 128 38.68 10.39 -3.30
CA GLU A 128 39.90 9.63 -3.03
C GLU A 128 39.67 8.58 -1.94
N GLY A 129 38.97 8.97 -0.87
CA GLY A 129 38.65 8.00 0.17
C GLY A 129 37.78 6.87 -0.34
N CYS A 130 36.88 7.16 -1.28
CA CYS A 130 36.04 6.13 -1.85
C CYS A 130 36.86 5.15 -2.71
N LEU A 131 37.87 5.67 -3.41
CA LEU A 131 38.74 4.80 -4.20
C LEU A 131 39.48 3.81 -3.30
N GLN A 132 40.01 4.30 -2.17
CA GLN A 132 40.71 3.42 -1.25
C GLN A 132 39.76 2.42 -0.60
N SER A 133 38.49 2.78 -0.45
CA SER A 133 37.52 1.94 0.23
C SER A 133 36.83 0.95 -0.68
N GLY A 134 36.89 1.15 -2.00
CA GLY A 134 36.18 0.30 -2.93
C GLY A 134 34.72 0.64 -3.09
N CYS A 135 34.25 1.75 -2.53
CA CYS A 135 32.89 2.20 -2.69
C CYS A 135 32.84 3.37 -3.66
N SER A 136 31.65 3.65 -4.18
CA SER A 136 31.44 4.71 -5.15
C SER A 136 30.82 5.93 -4.49
N LEU A 137 31.24 7.11 -4.92
CA LEU A 137 30.57 8.36 -4.57
C LEU A 137 29.46 8.58 -5.58
N VAL A 138 28.22 8.35 -5.17
CA VAL A 138 27.09 8.25 -6.10
C VAL A 138 26.11 9.41 -5.97
N GLY A 139 26.34 10.33 -5.04
CA GLY A 139 25.41 11.44 -4.89
C GLY A 139 25.85 12.36 -3.78
N GLY A 140 25.18 13.50 -3.71
CA GLY A 140 25.50 14.49 -2.70
C GLY A 140 24.55 15.65 -2.77
N GLU A 141 24.75 16.59 -1.85
CA GLU A 141 23.93 17.80 -1.77
C GLU A 141 24.81 18.95 -1.34
N THR A 142 24.63 20.10 -1.97
CA THR A 142 25.32 21.34 -1.62
C THR A 142 24.30 22.38 -1.23
N ALA A 143 24.32 22.78 0.04
CA ALA A 143 23.35 23.72 0.59
C ALA A 143 24.04 25.06 0.84
N GLU A 144 23.36 26.14 0.45
CA GLU A 144 23.87 27.50 0.58
C GLU A 144 22.96 28.27 1.53
N MET A 145 23.41 28.44 2.78
CA MET A 145 22.64 29.10 3.83
C MET A 145 23.46 30.27 4.35
N PRO A 146 23.43 31.42 3.65
CA PRO A 146 24.34 32.51 4.00
C PRO A 146 24.18 33.04 5.42
N GLY A 147 22.97 33.00 5.97
CA GLY A 147 22.76 33.58 7.28
C GLY A 147 23.25 32.71 8.41
N MET A 148 23.32 31.39 8.20
CA MET A 148 23.65 30.48 9.28
C MET A 148 25.15 30.24 9.41
N TYR A 149 25.87 30.16 8.28
CA TYR A 149 27.31 29.96 8.28
C TYR A 149 27.99 31.30 8.01
N HIS A 150 28.86 31.69 8.93
CA HIS A 150 29.55 32.98 8.85
C HIS A 150 30.99 32.79 8.40
N GLY A 151 31.53 33.84 7.77
CA GLY A 151 32.88 33.75 7.25
C GLY A 151 32.99 32.73 6.15
N GLU A 152 34.07 31.94 6.19
CA GLU A 152 34.30 30.87 5.22
C GLU A 152 33.94 29.50 5.77
N ASP A 153 33.18 29.45 6.86
CA ASP A 153 32.86 28.18 7.49
C ASP A 153 32.03 27.30 6.56
N TYR A 154 32.29 26.00 6.62
CA TYR A 154 31.47 25.01 5.94
C TYR A 154 31.35 23.77 6.81
N ASP A 155 30.25 23.06 6.65
CA ASP A 155 30.01 21.81 7.34
C ASP A 155 29.80 20.71 6.32
N VAL A 156 30.37 19.54 6.59
CA VAL A 156 30.24 18.39 5.69
C VAL A 156 29.86 17.17 6.51
N ALA A 157 28.91 16.40 5.98
CA ALA A 157 28.45 15.17 6.61
C ALA A 157 28.48 14.05 5.59
N GLY A 158 28.87 12.86 6.02
CA GLY A 158 28.98 11.70 5.16
C GLY A 158 27.92 10.67 5.48
N PHE A 159 27.50 9.93 4.46
CA PHE A 159 26.62 8.79 4.64
C PHE A 159 27.13 7.65 3.77
N CYS A 160 27.22 6.45 4.34
N CYS A 160 27.22 6.46 4.36
CA CYS A 160 27.78 5.31 3.63
CA CYS A 160 27.76 5.29 3.71
C CYS A 160 26.91 4.09 3.86
C CYS A 160 26.79 4.13 3.82
N VAL A 161 26.84 3.24 2.84
CA VAL A 161 26.06 2.01 2.86
C VAL A 161 26.99 0.86 2.50
N GLY A 162 27.06 -0.15 3.38
CA GLY A 162 27.82 -1.35 3.14
C GLY A 162 26.91 -2.57 3.10
N VAL A 163 27.46 -3.67 2.59
CA VAL A 163 26.72 -4.91 2.45
C VAL A 163 27.47 -6.01 3.18
N VAL A 164 26.72 -6.86 3.90
CA VAL A 164 27.29 -8.01 4.60
C VAL A 164 26.36 -9.20 4.41
N GLU A 165 26.95 -10.38 4.29
CA GLU A 165 26.14 -11.59 4.26
C GLU A 165 25.53 -11.83 5.62
N LYS A 166 24.23 -12.15 5.65
CA LYS A 166 23.50 -12.20 6.91
C LYS A 166 24.13 -13.18 7.89
N SER A 167 24.54 -14.36 7.41
CA SER A 167 25.14 -15.35 8.28
C SER A 167 26.55 -14.98 8.72
N GLU A 168 27.12 -13.89 8.20
CA GLU A 168 28.49 -13.51 8.49
C GLU A 168 28.60 -12.21 9.28
N ILE A 169 27.48 -11.70 9.81
CA ILE A 169 27.54 -10.46 10.58
C ILE A 169 28.37 -10.68 11.83
N ILE A 170 29.37 -9.81 12.02
CA ILE A 170 30.26 -9.89 13.17
C ILE A 170 29.60 -9.15 14.33
N ASP A 171 29.21 -9.88 15.37
CA ASP A 171 28.60 -9.27 16.55
C ASP A 171 29.35 -9.59 17.84
N GLY A 172 30.55 -10.15 17.74
CA GLY A 172 31.38 -10.38 18.91
C GLY A 172 31.08 -11.65 19.68
N SER A 173 30.06 -12.42 19.29
CA SER A 173 29.73 -13.64 20.02
C SER A 173 30.79 -14.72 19.84
N LYS A 174 31.58 -14.65 18.77
CA LYS A 174 32.62 -15.64 18.52
C LYS A 174 33.90 -15.36 19.32
N VAL A 175 33.92 -14.32 20.15
CA VAL A 175 35.11 -14.03 20.95
C VAL A 175 35.22 -15.05 22.06
N SER A 176 36.41 -15.62 22.21
CA SER A 176 36.65 -16.68 23.18
C SER A 176 37.84 -16.34 24.05
N ASP A 177 37.83 -16.86 25.28
CA ASP A 177 39.00 -16.78 26.13
C ASP A 177 40.18 -17.45 25.44
N GLY A 178 41.26 -16.69 25.25
CA GLY A 178 42.42 -17.16 24.52
C GLY A 178 42.58 -16.52 23.16
N ASP A 179 41.58 -15.79 22.67
CA ASP A 179 41.73 -15.06 21.42
C ASP A 179 42.87 -14.04 21.54
N VAL A 180 43.68 -13.97 20.50
CA VAL A 180 44.80 -13.04 20.45
C VAL A 180 44.33 -11.75 19.78
N LEU A 181 44.82 -10.62 20.27
CA LEU A 181 44.47 -9.31 19.74
C LEU A 181 45.59 -8.82 18.84
N ILE A 182 45.26 -8.54 17.58
CA ILE A 182 46.18 -7.92 16.64
C ILE A 182 45.74 -6.48 16.42
N ALA A 183 46.71 -5.57 16.42
CA ALA A 183 46.45 -4.16 16.24
C ALA A 183 46.91 -3.71 14.85
N LEU A 184 46.18 -2.74 14.30
CA LEU A 184 46.54 -2.09 13.04
C LEU A 184 46.96 -0.65 13.36
N GLY A 185 48.19 -0.31 13.01
CA GLY A 185 48.70 1.01 13.35
C GLY A 185 47.91 2.12 12.68
N SER A 186 47.86 3.26 13.36
CA SER A 186 47.16 4.44 12.85
C SER A 186 48.16 5.39 12.19
N SER A 187 47.63 6.31 11.40
CA SER A 187 48.42 7.34 10.76
C SER A 187 48.55 8.61 11.61
N GLY A 188 48.03 8.59 12.84
CA GLY A 188 48.00 9.75 13.69
C GLY A 188 46.73 9.75 14.53
N PRO A 189 46.30 10.93 14.97
CA PRO A 189 45.06 11.00 15.77
C PRO A 189 43.80 10.64 14.99
N HIS A 190 43.91 10.40 13.68
CA HIS A 190 42.76 10.15 12.83
C HIS A 190 41.77 11.31 12.88
N SER A 191 40.66 11.15 13.61
CA SER A 191 39.66 12.21 13.66
C SER A 191 39.01 12.32 15.02
N ASN A 192 39.70 11.91 16.08
CA ASN A 192 39.15 12.01 17.43
C ASN A 192 40.22 12.54 18.38
N GLY A 193 39.75 13.23 19.41
CA GLY A 193 40.64 13.87 20.36
C GLY A 193 41.05 15.28 20.01
N TYR A 194 40.34 15.94 19.09
CA TYR A 194 40.81 17.21 18.56
C TYR A 194 40.33 18.44 19.34
N SER A 195 39.36 18.29 20.24
CA SER A 195 39.13 19.38 21.18
C SER A 195 40.29 19.44 22.17
N LEU A 196 40.85 18.28 22.53
CA LEU A 196 42.03 18.30 23.40
C LEU A 196 43.24 18.81 22.63
N VAL A 197 43.34 18.46 21.35
CA VAL A 197 44.44 18.97 20.52
C VAL A 197 44.40 20.50 20.48
N ARG A 198 43.23 21.06 20.19
CA ARG A 198 43.10 22.51 20.11
C ARG A 198 43.38 23.16 21.45
N LYS A 199 42.95 22.53 22.54
CA LYS A 199 43.22 23.07 23.88
C LYS A 199 44.71 23.03 24.19
N ILE A 200 45.38 21.92 23.85
CA ILE A 200 46.82 21.82 24.08
C ILE A 200 47.58 22.83 23.24
N LEU A 201 47.15 23.02 21.99
CA LEU A 201 47.80 24.02 21.14
C LEU A 201 47.66 25.42 21.72
N GLU A 202 46.50 25.72 22.32
CA GLU A 202 46.29 27.05 22.88
C GLU A 202 47.14 27.26 24.13
N VAL A 203 47.01 26.37 25.12
CA VAL A 203 47.68 26.58 26.39
C VAL A 203 49.19 26.55 26.26
N SER A 204 49.73 25.90 25.23
CA SER A 204 51.17 25.89 24.99
C SER A 204 51.62 27.02 24.09
N GLY A 205 50.70 27.80 23.54
CA GLY A 205 51.05 28.87 22.63
C GLY A 205 51.74 28.38 21.37
N CYS A 206 51.37 27.20 20.88
CA CYS A 206 52.06 26.54 19.79
C CYS A 206 51.37 26.85 18.45
N ASP A 207 52.14 27.43 17.52
CA ASP A 207 51.72 27.47 16.13
C ASP A 207 52.15 26.17 15.46
N PRO A 208 51.22 25.27 15.11
CA PRO A 208 51.63 23.96 14.59
C PRO A 208 52.27 24.02 13.21
N GLN A 209 52.18 25.14 12.50
CA GLN A 209 52.82 25.25 11.18
C GLN A 209 54.31 25.54 11.30
N THR A 210 54.70 26.34 12.29
CA THR A 210 56.09 26.70 12.50
C THR A 210 56.74 25.90 13.63
N THR A 211 56.14 24.76 14.00
CA THR A 211 56.68 23.90 15.04
C THR A 211 57.05 22.56 14.38
N GLU A 212 58.35 22.24 14.38
CA GLU A 212 58.84 21.06 13.69
C GLU A 212 58.84 19.86 14.64
N LEU A 213 58.33 18.73 14.14
CA LEU A 213 58.35 17.47 14.88
C LEU A 213 58.96 16.42 13.97
N ASP A 214 60.20 16.01 14.28
CA ASP A 214 60.93 15.02 13.49
C ASP A 214 61.07 15.46 12.03
N GLY A 215 61.43 16.73 11.83
CA GLY A 215 61.66 17.27 10.50
C GLY A 215 60.44 17.81 9.79
N LYS A 216 59.24 17.38 10.19
CA LYS A 216 58.01 17.85 9.58
C LYS A 216 57.28 18.80 10.52
N PRO A 217 56.55 19.78 9.99
CA PRO A 217 55.75 20.66 10.86
C PRO A 217 54.68 19.86 11.58
N LEU A 218 54.39 20.27 12.82
CA LEU A 218 53.45 19.54 13.66
C LEU A 218 52.07 19.44 13.02
N ALA A 219 51.71 20.40 12.16
CA ALA A 219 50.41 20.35 11.51
C ALA A 219 50.26 19.13 10.62
N ASP A 220 51.36 18.67 10.00
CA ASP A 220 51.29 17.48 9.16
C ASP A 220 50.97 16.25 9.99
N HIS A 221 51.53 16.16 11.20
CA HIS A 221 51.23 15.04 12.08
C HIS A 221 49.79 15.10 12.59
N LEU A 222 49.33 16.30 12.94
CA LEU A 222 47.98 16.43 13.50
C LEU A 222 46.91 16.25 12.42
N LEU A 223 47.17 16.72 11.21
CA LEU A 223 46.19 16.69 10.14
C LEU A 223 46.40 15.55 9.16
N ALA A 224 47.20 14.55 9.52
CA ALA A 224 47.37 13.39 8.66
C ALA A 224 46.01 12.72 8.45
N PRO A 225 45.67 12.34 7.20
CA PRO A 225 44.34 11.76 6.97
C PRO A 225 44.21 10.40 7.63
N THR A 226 43.00 10.10 8.09
CA THR A 226 42.72 8.83 8.74
C THR A 226 43.03 7.68 7.79
N ARG A 227 43.70 6.66 8.31
CA ARG A 227 44.01 5.48 7.51
C ARG A 227 42.74 4.65 7.28
N ILE A 228 42.56 4.20 6.04
CA ILE A 228 41.41 3.40 5.66
C ILE A 228 41.83 1.93 5.67
N TYR A 229 41.14 1.12 6.46
CA TYR A 229 41.50 -0.28 6.66
C TYR A 229 40.59 -1.24 5.90
N VAL A 230 39.79 -0.74 4.96
CA VAL A 230 38.72 -1.56 4.37
C VAL A 230 39.28 -2.80 3.69
N LYS A 231 40.20 -2.61 2.74
CA LYS A 231 40.65 -3.73 1.92
C LYS A 231 41.44 -4.74 2.75
N SER A 232 42.20 -4.28 3.74
CA SER A 232 42.94 -5.21 4.59
C SER A 232 42.00 -6.00 5.48
N VAL A 233 40.98 -5.35 6.05
CA VAL A 233 40.06 -6.03 6.95
C VAL A 233 39.18 -7.02 6.18
N LEU A 234 38.71 -6.63 5.01
CA LEU A 234 37.87 -7.53 4.21
C LEU A 234 38.64 -8.78 3.80
N GLU A 235 39.90 -8.62 3.39
CA GLU A 235 40.72 -9.79 3.10
C GLU A 235 40.92 -10.64 4.34
N LEU A 236 41.13 -10.01 5.50
CA LEU A 236 41.32 -10.75 6.74
C LEU A 236 40.12 -11.60 7.07
N ILE A 237 38.92 -11.03 6.96
CA ILE A 237 37.70 -11.81 7.18
C ILE A 237 37.60 -12.92 6.15
N GLU A 238 38.07 -12.68 4.93
CA GLU A 238 37.99 -13.69 3.87
C GLU A 238 38.88 -14.88 4.17
N LYS A 239 40.08 -14.64 4.71
CA LYS A 239 41.09 -15.68 4.84
C LYS A 239 41.31 -16.13 6.29
N VAL A 240 40.66 -15.49 7.26
CA VAL A 240 40.87 -15.77 8.67
C VAL A 240 39.55 -15.63 9.40
N ASP A 241 39.35 -16.47 10.42
CA ASP A 241 38.18 -16.40 11.30
C ASP A 241 38.34 -15.20 12.21
N VAL A 242 37.68 -14.10 11.85
CA VAL A 242 37.72 -12.87 12.64
C VAL A 242 36.58 -12.91 13.63
N HIS A 243 36.90 -12.77 14.92
CA HIS A 243 35.91 -12.84 15.98
C HIS A 243 35.33 -11.47 16.33
N ALA A 244 36.16 -10.44 16.34
CA ALA A 244 35.69 -9.09 16.64
C ALA A 244 36.69 -8.09 16.07
N ILE A 245 36.19 -6.87 15.85
CA ILE A 245 37.01 -5.76 15.35
C ILE A 245 36.65 -4.52 16.13
N ALA A 246 37.65 -3.90 16.76
CA ALA A 246 37.46 -2.67 17.51
C ALA A 246 37.99 -1.50 16.69
N HIS A 247 37.14 -0.50 16.46
CA HIS A 247 37.54 0.72 15.78
C HIS A 247 37.74 1.80 16.86
N LEU A 248 38.99 2.19 17.06
CA LEU A 248 39.36 3.08 18.16
C LEU A 248 39.05 4.52 17.74
N THR A 249 37.87 5.00 18.13
CA THR A 249 37.48 6.37 17.85
C THR A 249 37.33 7.15 19.15
N GLY A 250 36.25 7.91 19.30
CA GLY A 250 36.00 8.64 20.52
C GLY A 250 35.90 7.72 21.73
N GLY A 251 36.68 8.02 22.77
CA GLY A 251 36.73 7.18 23.96
C GLY A 251 37.96 6.31 24.06
N GLY A 252 38.76 6.23 23.00
CA GLY A 252 40.03 5.54 23.02
C GLY A 252 39.91 4.07 23.37
N PHE A 253 40.94 3.56 24.06
CA PHE A 253 40.97 2.15 24.42
C PHE A 253 39.82 1.78 25.35
N TRP A 254 39.52 2.65 26.33
CA TRP A 254 38.60 2.27 27.40
C TRP A 254 37.17 2.11 26.88
N GLU A 255 36.76 2.90 25.90
CA GLU A 255 35.37 2.91 25.49
C GLU A 255 35.08 1.97 24.32
N ASN A 256 35.97 1.92 23.33
CA ASN A 256 35.64 1.23 22.08
C ASN A 256 35.93 -0.26 22.11
N ILE A 257 36.92 -0.71 22.88
CA ILE A 257 37.28 -2.12 22.93
C ILE A 257 36.17 -2.95 23.58
N PRO A 258 35.61 -2.54 24.74
CA PRO A 258 34.52 -3.35 25.32
C PRO A 258 33.27 -3.37 24.47
N ARG A 259 33.08 -2.39 23.59
CA ARG A 259 31.86 -2.31 22.79
C ARG A 259 31.69 -3.51 21.85
N VAL A 260 32.77 -4.23 21.55
CA VAL A 260 32.69 -5.40 20.67
C VAL A 260 32.96 -6.69 21.42
N LEU A 261 33.44 -6.65 22.65
CA LEU A 261 33.67 -7.87 23.41
C LEU A 261 32.38 -8.30 24.10
N PRO A 262 32.07 -9.59 24.12
CA PRO A 262 30.88 -10.07 24.83
C PRO A 262 31.05 -9.92 26.32
N ASP A 263 29.95 -10.20 27.04
CA ASP A 263 29.97 -10.10 28.49
C ASP A 263 30.95 -11.12 29.08
N ASN A 264 31.53 -10.76 30.22
CA ASN A 264 32.46 -11.62 30.96
C ASN A 264 33.71 -11.95 30.15
N THR A 265 34.15 -11.01 29.31
CA THR A 265 35.42 -11.10 28.60
C THR A 265 36.19 -9.82 28.82
N GLN A 266 37.53 -9.94 28.81
CA GLN A 266 38.39 -8.82 29.13
C GLN A 266 39.57 -8.78 28.16
N ALA A 267 39.90 -7.57 27.72
CA ALA A 267 41.06 -7.34 26.84
C ALA A 267 42.24 -6.91 27.68
N VAL A 268 43.38 -7.57 27.49
CA VAL A 268 44.61 -7.28 28.20
C VAL A 268 45.62 -6.78 27.17
N ILE A 269 45.96 -5.49 27.24
CA ILE A 269 46.79 -4.85 26.23
C ILE A 269 48.24 -4.83 26.72
N ASP A 270 49.15 -5.36 25.92
CA ASP A 270 50.58 -5.31 26.20
C ASP A 270 51.11 -3.99 25.68
N GLU A 271 51.38 -3.05 26.59
CA GLU A 271 51.83 -1.72 26.18
C GLU A 271 53.25 -1.74 25.64
N SER A 272 54.05 -2.75 25.98
CA SER A 272 55.41 -2.85 25.47
C SER A 272 55.46 -3.31 24.02
N SER A 273 54.32 -3.71 23.44
CA SER A 273 54.27 -4.20 22.07
C SER A 273 54.38 -3.10 21.02
N TRP A 274 54.29 -1.83 21.43
CA TRP A 274 54.44 -0.73 20.49
C TRP A 274 54.80 0.53 21.25
N GLN A 275 55.37 1.49 20.52
CA GLN A 275 55.67 2.81 21.05
C GLN A 275 54.71 3.82 20.43
N TRP A 276 54.24 4.76 21.23
CA TRP A 276 53.37 5.80 20.72
C TRP A 276 54.07 6.56 19.61
N PRO A 277 53.40 6.85 18.50
CA PRO A 277 53.97 7.78 17.52
C PRO A 277 54.25 9.13 18.16
N GLU A 278 55.25 9.83 17.63
CA GLU A 278 55.79 11.01 18.30
C GLU A 278 54.76 12.13 18.44
N VAL A 279 53.73 12.16 17.59
CA VAL A 279 52.70 13.19 17.74
C VAL A 279 51.97 13.04 19.06
N PHE A 280 51.83 11.80 19.54
CA PHE A 280 51.17 11.58 20.82
C PHE A 280 52.09 11.87 22.00
N ASN A 281 53.39 11.65 21.84
CA ASN A 281 54.34 12.08 22.86
C ASN A 281 54.37 13.60 22.96
N TRP A 282 54.25 14.29 21.83
CA TRP A 282 54.23 15.75 21.86
C TRP A 282 52.99 16.26 22.56
N LEU A 283 51.82 15.71 22.19
CA LEU A 283 50.57 16.15 22.83
C LEU A 283 50.58 15.86 24.33
N GLN A 284 51.17 14.73 24.73
CA GLN A 284 51.23 14.39 26.14
C GLN A 284 52.06 15.40 26.92
N THR A 285 53.21 15.81 26.36
CA THR A 285 54.09 16.73 27.07
C THR A 285 53.54 18.15 27.07
N ALA A 286 53.10 18.63 25.90
CA ALA A 286 52.64 20.01 25.80
C ALA A 286 51.36 20.24 26.60
N GLY A 287 50.55 19.21 26.78
CA GLY A 287 49.34 19.31 27.56
C GLY A 287 49.43 18.76 28.97
N ASN A 288 50.57 18.16 29.35
CA ASN A 288 50.75 17.52 30.65
C ASN A 288 49.61 16.53 30.93
N VAL A 289 49.32 15.70 29.94
CA VAL A 289 48.17 14.82 29.97
C VAL A 289 48.55 13.52 30.66
N GLU A 290 47.73 13.09 31.61
CA GLU A 290 47.92 11.80 32.24
C GLU A 290 47.82 10.70 31.19
N HIS A 291 48.67 9.68 31.33
CA HIS A 291 48.69 8.59 30.36
C HIS A 291 47.35 7.88 30.29
N HIS A 292 46.63 7.80 31.42
CA HIS A 292 45.29 7.21 31.39
C HIS A 292 44.35 8.06 30.54
N GLU A 293 44.49 9.38 30.59
CA GLU A 293 43.69 10.24 29.73
C GLU A 293 44.12 10.12 28.27
N MET A 294 45.41 9.87 28.03
CA MET A 294 45.89 9.65 26.67
C MET A 294 45.17 8.47 26.03
N TYR A 295 45.05 7.36 26.76
CA TYR A 295 44.32 6.20 26.24
C TYR A 295 42.82 6.45 26.15
N ARG A 296 42.32 7.47 26.84
CA ARG A 296 40.90 7.81 26.77
C ARG A 296 40.59 8.73 25.60
N THR A 297 41.50 9.64 25.27
CA THR A 297 41.27 10.66 24.25
C THR A 297 41.80 10.27 22.88
N PHE A 298 42.96 9.61 22.82
CA PHE A 298 43.65 9.35 21.58
C PHE A 298 43.81 7.85 21.36
N ASN A 299 43.94 7.46 20.08
CA ASN A 299 44.19 6.07 19.75
C ASN A 299 45.64 5.66 20.00
N CYS A 300 46.53 6.63 20.24
CA CYS A 300 47.90 6.37 20.68
C CYS A 300 48.67 5.47 19.70
N GLY A 301 48.30 5.51 18.42
CA GLY A 301 48.96 4.73 17.40
C GLY A 301 48.25 3.46 16.98
N VAL A 302 47.07 3.18 17.53
CA VAL A 302 46.34 1.95 17.26
C VAL A 302 44.98 2.34 16.67
N GLY A 303 44.83 2.15 15.36
CA GLY A 303 43.58 2.47 14.70
C GLY A 303 42.51 1.41 14.86
N MET A 304 42.91 0.15 14.85
CA MET A 304 41.97 -0.97 14.94
C MET A 304 42.61 -2.11 15.71
N ILE A 305 41.75 -2.93 16.31
CA ILE A 305 42.17 -4.14 17.02
C ILE A 305 41.28 -5.30 16.58
N ILE A 306 41.89 -6.40 16.16
CA ILE A 306 41.18 -7.58 15.67
C ILE A 306 41.36 -8.70 16.68
N ALA A 307 40.26 -9.37 17.03
CA ALA A 307 40.29 -10.55 17.86
C ALA A 307 40.14 -11.79 16.97
N LEU A 308 40.98 -12.79 17.20
CA LEU A 308 41.02 -13.98 16.37
C LEU A 308 41.71 -15.08 17.15
N PRO A 309 41.51 -16.34 16.76
CA PRO A 309 42.17 -17.44 17.47
C PRO A 309 43.69 -17.37 17.36
N ALA A 310 44.35 -17.90 18.39
CA ALA A 310 45.81 -17.86 18.44
C ALA A 310 46.51 -18.55 17.27
N PRO A 311 46.03 -19.69 16.74
CA PRO A 311 46.76 -20.31 15.62
C PRO A 311 46.84 -19.46 14.37
N GLU A 312 45.87 -18.56 14.15
CA GLU A 312 45.78 -17.80 12.91
C GLU A 312 46.55 -16.48 12.95
N VAL A 313 47.33 -16.23 13.99
CA VAL A 313 47.96 -14.93 14.15
C VAL A 313 49.04 -14.71 13.10
N ASP A 314 49.87 -15.73 12.83
CA ASP A 314 50.98 -15.57 11.90
C ASP A 314 50.48 -15.30 10.49
N LYS A 315 49.48 -16.06 10.03
CA LYS A 315 48.91 -15.81 8.71
C LYS A 315 48.27 -14.42 8.66
N ALA A 316 47.54 -14.04 9.70
CA ALA A 316 46.90 -12.73 9.74
C ALA A 316 47.93 -11.61 9.65
N LEU A 317 49.00 -11.69 10.45
CA LEU A 317 50.03 -10.66 10.42
C LEU A 317 50.70 -10.61 9.06
N ALA A 318 50.93 -11.76 8.43
CA ALA A 318 51.56 -11.78 7.12
C ALA A 318 50.66 -11.14 6.07
N LEU A 319 49.36 -11.43 6.12
CA LEU A 319 48.41 -10.80 5.20
C LEU A 319 48.37 -9.29 5.40
N LEU A 320 48.21 -8.87 6.66
CA LEU A 320 48.04 -7.44 6.95
C LEU A 320 49.29 -6.65 6.56
N ASN A 321 50.47 -7.16 6.94
CA ASN A 321 51.71 -6.45 6.61
C ASN A 321 51.97 -6.42 5.11
N ALA A 322 51.46 -7.41 4.38
CA ALA A 322 51.61 -7.42 2.93
C ALA A 322 50.78 -6.33 2.27
N ASN A 323 49.72 -5.86 2.92
CA ASN A 323 48.89 -4.78 2.40
C ASN A 323 49.39 -3.40 2.82
N GLY A 324 50.54 -3.32 3.47
CA GLY A 324 51.06 -2.06 3.95
C GLY A 324 50.60 -1.67 5.34
N GLU A 325 49.89 -2.55 6.04
CA GLU A 325 49.44 -2.25 7.40
C GLU A 325 50.60 -2.38 8.38
N ASN A 326 50.51 -1.64 9.47
CA ASN A 326 51.41 -1.79 10.61
C ASN A 326 50.69 -2.68 11.62
N ALA A 327 50.99 -3.98 11.58
CA ALA A 327 50.27 -4.96 12.37
C ALA A 327 51.20 -5.64 13.37
N TRP A 328 50.68 -5.87 14.57
CA TRP A 328 51.45 -6.55 15.60
C TRP A 328 50.47 -7.14 16.61
N LYS A 329 50.96 -8.12 17.37
CA LYS A 329 50.18 -8.69 18.47
C LYS A 329 50.17 -7.71 19.63
N ILE A 330 48.98 -7.22 19.99
CA ILE A 330 48.86 -6.19 21.02
C ILE A 330 48.34 -6.73 22.35
N GLY A 331 47.69 -7.88 22.36
CA GLY A 331 47.22 -8.44 23.61
C GLY A 331 46.47 -9.73 23.41
N ILE A 332 45.70 -10.12 24.43
CA ILE A 332 44.89 -11.33 24.42
C ILE A 332 43.54 -11.05 25.04
N ILE A 333 42.64 -12.02 24.94
CA ILE A 333 41.32 -11.98 25.54
C ILE A 333 41.27 -13.03 26.64
N LYS A 334 40.68 -12.68 27.77
CA LYS A 334 40.47 -13.63 28.85
C LYS A 334 39.15 -13.31 29.55
N ALA A 335 38.66 -14.29 30.31
CA ALA A 335 37.38 -14.15 30.97
C ALA A 335 37.47 -13.12 32.10
N SER A 336 36.61 -12.11 32.04
CA SER A 336 36.57 -11.06 33.06
C SER A 336 35.66 -11.54 34.19
N ASP A 337 36.27 -12.02 35.27
CA ASP A 337 35.51 -12.47 36.43
C ASP A 337 34.90 -11.28 37.16
N SER A 338 33.94 -10.62 36.51
CA SER A 338 33.35 -9.37 37.02
C SER A 338 34.43 -8.33 37.33
N GLU A 339 35.33 -8.15 36.37
CA GLU A 339 36.45 -7.24 36.49
C GLU A 339 36.31 -6.11 35.47
N GLN A 340 37.35 -5.27 35.39
CA GLN A 340 37.45 -4.29 34.32
C GLN A 340 37.62 -5.00 32.99
N ARG A 341 37.03 -4.43 31.94
CA ARG A 341 37.03 -5.09 30.64
C ARG A 341 38.26 -4.79 29.79
N VAL A 342 38.98 -3.70 30.09
CA VAL A 342 40.21 -3.36 29.40
C VAL A 342 41.30 -3.11 30.42
N VAL A 343 42.45 -3.76 30.22
CA VAL A 343 43.60 -3.62 31.11
C VAL A 343 44.84 -3.40 30.25
N ILE A 344 45.57 -2.33 30.53
CA ILE A 344 46.77 -1.97 29.78
C ILE A 344 47.97 -2.21 30.67
N GLU A 345 48.85 -3.13 30.24
CA GLU A 345 50.01 -3.50 31.03
C GLU A 345 51.30 -3.33 30.24
N ASN B 20 22.56 12.73 26.04
CA ASN B 20 21.88 11.69 26.82
C ASN B 20 20.42 12.05 27.06
N ALA B 21 20.18 13.31 27.45
CA ALA B 21 18.82 13.79 27.62
C ALA B 21 18.01 13.70 26.33
N LEU B 22 18.68 13.72 25.18
CA LEU B 22 18.03 13.61 23.88
C LEU B 22 17.80 12.16 23.47
N VAL B 23 18.78 11.28 23.70
CA VAL B 23 18.68 9.91 23.20
C VAL B 23 17.55 9.16 23.89
N GLY B 24 17.26 9.48 25.15
CA GLY B 24 16.14 8.87 25.82
C GLY B 24 14.80 9.35 25.31
N ARG B 25 14.76 10.60 24.83
CA ARG B 25 13.55 11.17 24.27
C ARG B 25 13.34 10.79 22.80
N ILE B 26 14.32 10.15 22.16
CA ILE B 26 14.22 9.79 20.76
C ILE B 26 14.50 8.33 20.50
N LYS B 27 14.75 7.52 21.53
CA LYS B 27 14.90 6.08 21.31
C LYS B 27 13.58 5.46 20.92
N GLY B 28 12.46 6.08 21.30
CA GLY B 28 11.17 5.54 20.93
C GLY B 28 10.87 5.71 19.44
N VAL B 29 11.35 6.80 18.84
CA VAL B 29 11.06 7.04 17.43
C VAL B 29 11.80 6.04 16.55
N VAL B 30 13.02 5.65 16.95
CA VAL B 30 13.73 4.60 16.23
C VAL B 30 13.01 3.26 16.40
N LYS B 31 12.47 3.03 17.59
CA LYS B 31 11.79 1.77 17.85
C LYS B 31 10.45 1.69 17.13
N LYS B 32 9.69 2.80 17.11
CA LYS B 32 8.34 2.75 16.56
C LYS B 32 8.32 2.75 15.03
N THR B 33 9.35 3.28 14.39
CA THR B 33 9.44 3.25 12.93
C THR B 33 10.06 1.97 12.40
N ARG B 34 10.40 1.03 13.28
CA ARG B 34 11.15 -0.15 12.86
C ARG B 34 10.31 -1.05 11.95
N ARG B 35 10.89 -1.40 10.80
CA ARG B 35 10.33 -2.38 9.87
C ARG B 35 10.76 -3.78 10.26
N PRO B 36 10.08 -4.81 9.76
CA PRO B 36 10.53 -6.20 10.01
C PRO B 36 11.94 -6.46 9.50
N GLU B 37 12.38 -5.77 8.45
CA GLU B 37 13.70 -6.02 7.88
C GLU B 37 14.83 -5.52 8.78
N VAL B 38 14.55 -4.58 9.68
CA VAL B 38 15.61 -3.99 10.51
C VAL B 38 16.10 -5.03 11.51
N MET B 39 17.43 -5.14 11.64
CA MET B 39 18.03 -6.02 12.62
C MET B 39 18.84 -5.20 13.64
N GLY B 46 26.11 2.13 12.62
CA GLY B 46 26.06 0.87 11.91
C GLY B 46 24.75 0.13 12.08
N ALA B 47 23.70 0.62 11.42
CA ALA B 47 22.40 -0.01 11.50
C ALA B 47 22.28 -1.14 10.47
N LEU B 48 21.55 -2.18 10.86
CA LEU B 48 21.40 -3.39 10.04
C LEU B 48 19.99 -3.44 9.48
N CYS B 49 19.87 -3.63 8.17
CA CYS B 49 18.56 -3.74 7.53
C CYS B 49 18.65 -4.69 6.35
N ALA B 50 17.92 -5.80 6.42
CA ALA B 50 17.85 -6.72 5.31
C ALA B 50 16.97 -6.15 4.20
N LEU B 51 17.00 -6.80 3.06
CA LEU B 51 16.18 -6.36 1.94
C LEU B 51 14.78 -6.99 2.03
N PRO B 52 13.76 -6.27 1.57
CA PRO B 52 12.42 -6.87 1.50
C PRO B 52 12.43 -8.12 0.61
N GLN B 53 11.71 -9.14 1.06
CA GLN B 53 11.82 -10.45 0.43
C GLN B 53 11.27 -10.49 -0.99
N LYS B 54 10.39 -9.56 -1.36
CA LYS B 54 9.70 -9.64 -2.64
C LYS B 54 10.58 -9.26 -3.83
N TYR B 55 11.78 -8.72 -3.59
CA TYR B 55 12.64 -8.26 -4.66
C TYR B 55 13.56 -9.40 -5.09
N ARG B 56 13.51 -9.76 -6.38
CA ARG B 56 14.40 -10.79 -6.91
C ARG B 56 15.74 -10.21 -7.35
N GLU B 57 15.72 -9.05 -8.02
CA GLU B 57 16.93 -8.35 -8.44
C GLU B 57 16.88 -6.93 -7.89
N PRO B 58 17.11 -6.76 -6.59
CA PRO B 58 16.94 -5.44 -5.97
C PRO B 58 18.03 -4.47 -6.40
N VAL B 59 17.61 -3.22 -6.63
CA VAL B 59 18.52 -2.13 -6.93
C VAL B 59 18.32 -1.05 -5.87
N LEU B 60 19.42 -0.58 -5.30
CA LEU B 60 19.37 0.40 -4.22
C LEU B 60 19.28 1.80 -4.80
N VAL B 61 18.32 2.59 -4.30
CA VAL B 61 18.15 3.98 -4.69
C VAL B 61 18.38 4.83 -3.46
N SER B 62 19.28 5.81 -3.57
CA SER B 62 19.70 6.60 -2.43
C SER B 62 19.65 8.08 -2.76
N GLY B 63 19.60 8.89 -1.70
CA GLY B 63 19.57 10.34 -1.86
C GLY B 63 19.81 11.03 -0.54
N THR B 64 20.30 12.27 -0.63
CA THR B 64 20.54 13.10 0.54
C THR B 64 20.01 14.50 0.27
N ASP B 65 19.68 15.21 1.34
CA ASP B 65 19.04 16.52 1.20
C ASP B 65 19.26 17.34 2.45
N GLY B 66 18.88 18.62 2.34
CA GLY B 66 18.66 19.47 3.49
C GLY B 66 17.31 20.17 3.34
N VAL B 67 16.83 20.71 4.45
CA VAL B 67 15.55 21.43 4.40
C VAL B 67 15.69 22.72 3.62
N GLY B 68 16.75 23.48 3.87
CA GLY B 68 16.99 24.72 3.17
C GLY B 68 16.63 25.95 3.99
N THR B 69 16.39 27.04 3.26
CA THR B 69 16.09 28.32 3.91
C THR B 69 14.83 28.26 4.74
N LYS B 70 13.94 27.28 4.49
CA LYS B 70 12.77 27.11 5.34
C LYS B 70 13.14 26.90 6.80
N LEU B 71 14.36 26.41 7.07
CA LEU B 71 14.84 26.33 8.44
C LEU B 71 14.83 27.71 9.10
N ARG B 72 15.30 28.73 8.37
CA ARG B 72 15.37 30.08 8.94
C ARG B 72 13.98 30.63 9.23
N LEU B 73 13.01 30.34 8.36
CA LEU B 73 11.64 30.79 8.60
C LEU B 73 11.04 30.08 9.80
N ALA B 74 11.30 28.77 9.94
CA ALA B 74 10.83 28.04 11.11
C ALA B 74 11.49 28.54 12.39
N MET B 75 12.74 29.01 12.29
CA MET B 75 13.40 29.59 13.45
C MET B 75 12.77 30.94 13.82
N ASP B 76 12.59 31.81 12.83
CA ASP B 76 11.97 33.11 13.09
C ASP B 76 10.58 32.97 13.68
N LEU B 77 9.87 31.90 13.31
CA LEU B 77 8.51 31.67 13.76
C LEU B 77 8.43 30.86 15.04
N LYS B 78 9.54 30.28 15.48
CA LYS B 78 9.57 29.39 16.65
C LYS B 78 8.65 28.19 16.45
N ARG B 79 8.63 27.65 15.23
CA ARG B 79 7.81 26.50 14.88
C ARG B 79 8.70 25.45 14.21
N HIS B 80 9.16 24.47 14.97
CA HIS B 80 10.02 23.41 14.46
C HIS B 80 9.32 22.06 14.42
N ASP B 81 7.99 22.03 14.59
CA ASP B 81 7.29 20.77 14.77
C ASP B 81 7.17 19.97 13.48
N THR B 82 7.32 20.59 12.32
CA THR B 82 7.16 19.90 11.04
C THR B 82 8.38 19.99 10.14
N ILE B 83 9.49 20.57 10.61
CA ILE B 83 10.71 20.65 9.80
C ILE B 83 11.21 19.25 9.46
N GLY B 84 11.09 18.32 10.41
CA GLY B 84 11.52 16.95 10.15
C GLY B 84 10.71 16.25 9.09
N ILE B 85 9.42 16.62 8.95
CA ILE B 85 8.62 16.07 7.86
C ILE B 85 9.15 16.56 6.52
N ASP B 86 9.47 17.85 6.44
CA ASP B 86 10.07 18.40 5.22
C ASP B 86 11.34 17.67 4.84
N LEU B 87 12.18 17.35 5.83
CA LEU B 87 13.45 16.69 5.56
C LEU B 87 13.24 15.31 4.96
N VAL B 88 12.37 14.51 5.57
CA VAL B 88 12.10 13.17 5.04
C VAL B 88 11.43 13.26 3.68
N ALA B 89 10.45 14.16 3.54
CA ALA B 89 9.65 14.22 2.32
C ALA B 89 10.51 14.46 1.09
N MET B 90 11.43 15.43 1.17
CA MET B 90 12.31 15.72 0.04
C MET B 90 13.13 14.51 -0.34
N CYS B 91 13.65 13.79 0.65
CA CYS B 91 14.38 12.55 0.39
C CYS B 91 13.50 11.52 -0.29
N VAL B 92 12.43 11.09 0.39
CA VAL B 92 11.65 9.94 -0.07
C VAL B 92 10.90 10.23 -1.36
N ASN B 93 10.48 11.49 -1.57
CA ASN B 93 9.81 11.81 -2.83
C ASN B 93 10.76 11.67 -4.02
N ASP B 94 12.05 11.96 -3.82
CA ASP B 94 13.01 11.76 -4.90
C ASP B 94 13.26 10.28 -5.18
N LEU B 95 13.16 9.43 -4.16
CA LEU B 95 13.37 8.00 -4.38
C LEU B 95 12.23 7.38 -5.17
N VAL B 96 10.99 7.69 -4.80
CA VAL B 96 9.83 7.05 -5.42
C VAL B 96 9.64 7.48 -6.86
N VAL B 97 10.33 8.54 -7.29
CA VAL B 97 10.28 8.97 -8.69
C VAL B 97 10.68 7.83 -9.62
N GLN B 98 11.70 7.05 -9.23
CA GLN B 98 12.19 5.94 -10.02
C GLN B 98 11.54 4.61 -9.64
N GLY B 99 10.51 4.64 -8.79
CA GLY B 99 9.81 3.44 -8.39
C GLY B 99 10.35 2.75 -7.16
N ALA B 100 11.20 3.41 -6.38
CA ALA B 100 11.84 2.77 -5.24
C ALA B 100 10.95 2.81 -4.01
N GLU B 101 11.00 1.74 -3.23
CA GLU B 101 10.32 1.69 -1.95
C GLU B 101 11.26 2.18 -0.85
N PRO B 102 10.96 3.28 -0.17
CA PRO B 102 11.85 3.75 0.91
C PRO B 102 12.05 2.67 1.96
N LEU B 103 13.31 2.44 2.32
CA LEU B 103 13.67 1.37 3.25
C LEU B 103 14.13 1.89 4.61
N PHE B 104 15.12 2.78 4.65
CA PHE B 104 15.57 3.33 5.93
C PHE B 104 16.08 4.74 5.72
N PHE B 105 16.18 5.46 6.84
CA PHE B 105 16.49 6.89 6.84
C PHE B 105 17.51 7.19 7.93
N LEU B 106 18.40 8.14 7.66
CA LEU B 106 19.35 8.64 8.64
C LEU B 106 19.39 10.15 8.56
N ASP B 107 19.74 10.79 9.68
CA ASP B 107 19.87 12.24 9.73
C ASP B 107 21.13 12.63 10.49
N TYR B 108 21.71 13.78 10.12
CA TYR B 108 22.87 14.34 10.77
C TYR B 108 22.50 15.72 11.30
N TYR B 109 22.35 15.83 12.62
CA TYR B 109 21.91 17.05 13.28
C TYR B 109 23.14 17.82 13.74
N ALA B 110 23.45 18.91 13.04
CA ALA B 110 24.59 19.76 13.36
C ALA B 110 24.09 21.07 13.97
N THR B 111 24.67 21.46 15.10
CA THR B 111 24.24 22.66 15.81
C THR B 111 25.41 23.22 16.60
N GLY B 112 25.24 24.43 17.11
CA GLY B 112 26.22 25.03 17.99
C GLY B 112 26.09 24.49 19.40
N LYS B 113 25.14 25.03 20.15
CA LYS B 113 24.75 24.49 21.46
C LYS B 113 23.46 23.72 21.30
N LEU B 114 23.43 22.49 21.82
CA LEU B 114 22.30 21.59 21.58
C LEU B 114 21.09 22.03 22.40
N ASP B 115 20.09 22.57 21.72
CA ASP B 115 18.79 22.85 22.34
C ASP B 115 17.97 21.55 22.27
N VAL B 116 17.82 20.89 23.41
CA VAL B 116 17.24 19.54 23.43
C VAL B 116 15.79 19.58 22.98
N ASP B 117 15.05 20.61 23.37
CA ASP B 117 13.64 20.71 22.98
C ASP B 117 13.50 20.94 21.48
N THR B 118 14.40 21.74 20.89
CA THR B 118 14.35 21.96 19.45
C THR B 118 14.70 20.68 18.69
N ALA B 119 15.75 19.98 19.12
CA ALA B 119 16.14 18.75 18.43
C ALA B 119 15.08 17.67 18.59
N SER B 120 14.43 17.61 19.74
CA SER B 120 13.36 16.63 19.93
C SER B 120 12.18 16.90 19.01
N ALA B 121 11.86 18.17 18.80
CA ALA B 121 10.77 18.51 17.87
C ALA B 121 11.11 18.13 16.44
N VAL B 122 12.38 18.31 16.05
CA VAL B 122 12.79 17.95 14.69
C VAL B 122 12.75 16.45 14.51
N ILE B 123 13.27 15.69 15.48
CA ILE B 123 13.29 14.23 15.37
C ILE B 123 11.88 13.67 15.36
N SER B 124 10.96 14.28 16.11
CA SER B 124 9.57 13.86 16.06
C SER B 124 8.99 14.05 14.66
N GLY B 125 9.33 15.16 14.01
CA GLY B 125 8.89 15.36 12.64
C GLY B 125 9.50 14.36 11.67
N ILE B 126 10.78 14.03 11.88
CA ILE B 126 11.42 13.00 11.05
C ILE B 126 10.71 11.67 11.23
N ALA B 127 10.37 11.31 12.47
CA ALA B 127 9.65 10.07 12.73
C ALA B 127 8.31 10.05 12.01
N GLU B 128 7.57 11.17 12.07
CA GLU B 128 6.30 11.26 11.35
C GLU B 128 6.50 11.06 9.85
N GLY B 129 7.55 11.66 9.29
CA GLY B 129 7.82 11.49 7.88
C GLY B 129 8.19 10.07 7.52
N CYS B 130 8.99 9.41 8.38
CA CYS B 130 9.35 8.02 8.13
C CYS B 130 8.13 7.11 8.18
N LEU B 131 7.24 7.35 9.14
CA LEU B 131 6.04 6.53 9.28
C LEU B 131 5.13 6.66 8.06
N GLN B 132 4.97 7.89 7.55
CA GLN B 132 4.19 8.09 6.34
C GLN B 132 4.87 7.49 5.11
N SER B 133 6.20 7.41 5.13
CA SER B 133 6.95 6.90 3.99
C SER B 133 7.11 5.39 4.02
N GLY B 134 6.92 4.76 5.18
CA GLY B 134 7.12 3.33 5.30
C GLY B 134 8.55 2.90 5.54
N CYS B 135 9.45 3.85 5.79
CA CYS B 135 10.85 3.55 6.06
C CYS B 135 11.16 3.76 7.53
N SER B 136 12.26 3.15 7.98
CA SER B 136 12.66 3.19 9.38
C SER B 136 13.75 4.23 9.60
N LEU B 137 13.64 4.94 10.72
CA LEU B 137 14.74 5.79 11.19
C LEU B 137 15.71 4.90 11.93
N VAL B 138 16.81 4.53 11.26
CA VAL B 138 17.71 3.50 11.76
C VAL B 138 19.01 4.07 12.33
N GLY B 139 19.30 5.33 12.12
CA GLY B 139 20.54 5.90 12.62
C GLY B 139 20.53 7.41 12.56
N GLY B 140 21.46 8.00 13.28
CA GLY B 140 21.57 9.45 13.32
C GLY B 140 22.77 9.86 14.13
N GLU B 141 23.02 11.17 14.14
CA GLU B 141 24.13 11.73 14.89
C GLU B 141 23.84 13.19 15.20
N THR B 142 24.22 13.62 16.40
CA THR B 142 24.12 15.01 16.81
C THR B 142 25.52 15.54 17.08
N ALA B 143 25.93 16.55 16.33
CA ALA B 143 27.25 17.15 16.45
C ALA B 143 27.13 18.59 16.92
N GLU B 144 28.07 19.01 17.75
CA GLU B 144 28.09 20.36 18.30
C GLU B 144 29.36 21.06 17.84
N MET B 145 29.20 22.05 16.96
CA MET B 145 30.30 22.88 16.48
C MET B 145 30.12 24.27 17.06
N PRO B 146 30.72 24.58 18.22
CA PRO B 146 30.39 25.84 18.89
C PRO B 146 30.74 27.09 18.10
N GLY B 147 31.89 27.11 17.43
CA GLY B 147 32.32 28.32 16.74
C GLY B 147 31.73 28.55 15.37
N MET B 148 30.95 27.60 14.86
CA MET B 148 30.42 27.70 13.50
C MET B 148 28.95 28.08 13.45
N TYR B 149 28.15 27.65 14.41
CA TYR B 149 26.74 28.02 14.48
C TYR B 149 26.55 29.05 15.59
N HIS B 150 25.94 30.18 15.24
CA HIS B 150 25.66 31.24 16.19
C HIS B 150 24.20 31.17 16.65
N GLY B 151 23.96 31.50 17.91
CA GLY B 151 22.62 31.38 18.45
C GLY B 151 22.23 29.93 18.64
N GLU B 152 20.96 29.63 18.38
CA GLU B 152 20.44 28.27 18.44
C GLU B 152 20.29 27.66 17.05
N ASP B 153 21.04 28.15 16.07
CA ASP B 153 20.93 27.64 14.71
C ASP B 153 21.32 26.16 14.65
N TYR B 154 20.68 25.44 13.73
CA TYR B 154 21.01 24.05 13.48
C TYR B 154 20.83 23.75 11.99
N ASP B 155 21.58 22.76 11.51
CA ASP B 155 21.48 22.30 10.14
C ASP B 155 21.35 20.78 10.17
N VAL B 156 20.35 20.25 9.49
CA VAL B 156 20.03 18.83 9.53
C VAL B 156 20.15 18.28 8.12
N ALA B 157 20.99 17.26 7.95
CA ALA B 157 21.12 16.54 6.69
C ALA B 157 20.31 15.26 6.76
N GLY B 158 19.64 14.93 5.66
CA GLY B 158 18.84 13.72 5.58
C GLY B 158 19.42 12.75 4.57
N PHE B 159 19.18 11.46 4.81
CA PHE B 159 19.73 10.40 3.96
C PHE B 159 18.75 9.25 3.94
N CYS B 160 18.39 8.79 2.75
N CYS B 160 18.42 8.78 2.74
CA CYS B 160 17.41 7.72 2.61
CA CYS B 160 17.42 7.77 2.52
C CYS B 160 17.84 6.75 1.52
C CYS B 160 17.95 6.72 1.55
N VAL B 161 17.51 5.48 1.74
CA VAL B 161 17.81 4.40 0.80
C VAL B 161 16.51 3.68 0.47
N GLY B 162 16.26 3.49 -0.82
CA GLY B 162 15.10 2.76 -1.28
C GLY B 162 15.51 1.56 -2.12
N VAL B 163 14.54 0.67 -2.33
CA VAL B 163 14.75 -0.55 -3.11
C VAL B 163 13.72 -0.58 -4.23
N VAL B 164 14.18 -0.89 -5.44
CA VAL B 164 13.33 -1.03 -6.61
C VAL B 164 13.72 -2.30 -7.34
N GLU B 165 12.73 -2.98 -7.91
CA GLU B 165 13.02 -4.12 -8.77
C GLU B 165 13.71 -3.63 -10.04
N LYS B 166 14.81 -4.30 -10.41
CA LYS B 166 15.63 -3.82 -11.52
C LYS B 166 14.82 -3.68 -12.80
N SER B 167 13.97 -4.66 -13.09
CA SER B 167 13.13 -4.58 -14.28
C SER B 167 12.09 -3.48 -14.20
N GLU B 168 11.76 -3.02 -12.99
CA GLU B 168 10.70 -2.05 -12.78
C GLU B 168 11.21 -0.62 -12.61
N ILE B 169 12.49 -0.38 -12.86
CA ILE B 169 13.02 0.97 -12.73
C ILE B 169 12.34 1.88 -13.74
N ILE B 170 11.86 3.04 -13.26
CA ILE B 170 11.31 4.07 -14.13
C ILE B 170 12.49 4.92 -14.60
N ASP B 171 13.01 4.59 -15.78
CA ASP B 171 14.16 5.27 -16.34
C ASP B 171 13.78 6.38 -17.32
N GLY B 172 12.49 6.60 -17.56
CA GLY B 172 12.04 7.66 -18.43
C GLY B 172 12.18 7.38 -19.92
N SER B 173 12.69 6.21 -20.30
CA SER B 173 12.87 5.89 -21.71
C SER B 173 11.57 5.58 -22.42
N LYS B 174 10.47 5.39 -21.69
CA LYS B 174 9.17 5.12 -22.30
C LYS B 174 8.36 6.39 -22.55
N VAL B 175 8.82 7.54 -22.07
CA VAL B 175 8.13 8.79 -22.35
C VAL B 175 8.15 9.02 -23.86
N SER B 176 6.96 9.10 -24.46
CA SER B 176 6.83 9.20 -25.89
C SER B 176 5.85 10.30 -26.25
N ASP B 177 5.86 10.68 -27.53
CA ASP B 177 4.92 11.66 -28.05
C ASP B 177 3.49 11.24 -27.76
N GLY B 178 2.70 12.17 -27.21
CA GLY B 178 1.31 11.91 -26.91
C GLY B 178 1.02 11.51 -25.48
N ASP B 179 2.06 11.28 -24.66
CA ASP B 179 1.82 11.02 -23.25
C ASP B 179 1.13 12.20 -22.59
N VAL B 180 0.29 11.89 -21.61
CA VAL B 180 -0.45 12.90 -20.85
C VAL B 180 0.28 13.15 -19.54
N LEU B 181 0.28 14.39 -19.10
CA LEU B 181 0.91 14.78 -17.84
C LEU B 181 -0.18 14.93 -16.77
N ILE B 182 -0.01 14.22 -15.66
CA ILE B 182 -0.90 14.33 -14.50
C ILE B 182 -0.12 14.98 -13.36
N ALA B 183 -0.73 15.99 -12.74
CA ALA B 183 -0.11 16.69 -11.62
C ALA B 183 -0.71 16.20 -10.31
N LEU B 184 0.13 16.18 -9.28
CA LEU B 184 -0.31 15.93 -7.91
C LEU B 184 -0.16 17.23 -7.12
N GLY B 185 -1.24 17.63 -6.45
CA GLY B 185 -1.22 18.89 -5.75
C GLY B 185 -0.21 18.91 -4.62
N SER B 186 0.32 20.10 -4.36
CA SER B 186 1.25 20.31 -3.26
C SER B 186 0.52 20.87 -2.04
N SER B 187 1.14 20.72 -0.88
CA SER B 187 0.61 21.27 0.36
C SER B 187 1.00 22.71 0.58
N GLY B 188 1.74 23.30 -0.35
CA GLY B 188 2.26 24.64 -0.22
C GLY B 188 3.59 24.77 -0.93
N PRO B 189 4.42 25.71 -0.49
CA PRO B 189 5.75 25.86 -1.11
C PRO B 189 6.69 24.69 -0.85
N HIS B 190 6.30 23.75 0.00
CA HIS B 190 7.14 22.62 0.39
C HIS B 190 8.45 23.11 1.02
N SER B 191 9.58 22.90 0.36
CA SER B 191 10.86 23.29 0.94
C SER B 191 11.79 23.88 -0.10
N ASN B 192 11.25 24.68 -1.02
CA ASN B 192 12.06 25.37 -2.01
C ASN B 192 11.50 26.75 -2.26
N GLY B 193 12.39 27.71 -2.47
CA GLY B 193 12.00 29.08 -2.72
C GLY B 193 11.85 29.94 -1.49
N TYR B 194 12.25 29.46 -0.32
CA TYR B 194 12.06 30.22 0.91
C TYR B 194 13.05 31.36 1.06
N SER B 195 14.13 31.36 0.30
CA SER B 195 14.98 32.56 0.23
C SER B 195 14.19 33.74 -0.32
N LEU B 196 13.39 33.50 -1.36
CA LEU B 196 12.54 34.55 -1.91
C LEU B 196 11.37 34.85 -0.98
N VAL B 197 10.86 33.84 -0.28
CA VAL B 197 9.78 34.05 0.68
C VAL B 197 10.19 35.07 1.74
N ARG B 198 11.37 34.86 2.32
CA ARG B 198 11.84 35.75 3.39
C ARG B 198 12.09 37.16 2.87
N LYS B 199 12.54 37.29 1.62
CA LYS B 199 12.72 38.63 1.05
C LYS B 199 11.38 39.32 0.81
N ILE B 200 10.37 38.54 0.36
CA ILE B 200 9.05 39.12 0.15
C ILE B 200 8.43 39.55 1.47
N LEU B 201 8.60 38.74 2.52
CA LEU B 201 8.08 39.12 3.83
C LEU B 201 8.77 40.39 4.35
N GLU B 202 10.07 40.54 4.06
CA GLU B 202 10.79 41.70 4.55
C GLU B 202 10.28 42.99 3.89
N VAL B 203 10.08 42.96 2.58
CA VAL B 203 9.66 44.18 1.87
C VAL B 203 8.19 44.48 2.09
N SER B 204 7.38 43.50 2.46
CA SER B 204 5.98 43.75 2.76
C SER B 204 5.76 44.17 4.21
N GLY B 205 6.65 43.76 5.12
CA GLY B 205 6.55 44.18 6.51
C GLY B 205 5.38 43.67 7.28
N CYS B 206 4.65 42.69 6.75
CA CYS B 206 3.50 42.16 7.46
C CYS B 206 3.92 41.07 8.45
N ASP B 207 3.06 40.83 9.43
CA ASP B 207 3.29 39.79 10.41
C ASP B 207 2.65 38.50 9.91
N PRO B 208 3.43 37.47 9.58
CA PRO B 208 2.82 36.24 9.03
C PRO B 208 1.88 35.54 9.98
N GLN B 209 2.08 35.67 11.29
CA GLN B 209 1.15 35.09 12.25
C GLN B 209 -0.17 35.87 12.32
N THR B 210 -0.14 37.15 11.98
CA THR B 210 -1.31 38.03 12.05
C THR B 210 -2.06 38.12 10.73
N THR B 211 -1.34 38.18 9.61
CA THR B 211 -1.96 38.31 8.30
C THR B 211 -2.75 37.05 7.98
N GLU B 212 -4.08 37.14 8.04
CA GLU B 212 -4.94 36.02 7.71
C GLU B 212 -5.04 35.85 6.20
N LEU B 213 -5.14 34.60 5.76
CA LEU B 213 -5.18 34.30 4.34
C LEU B 213 -6.10 33.10 4.14
N ASP B 214 -7.27 33.34 3.54
CA ASP B 214 -8.31 32.33 3.38
C ASP B 214 -8.60 31.59 4.69
N GLY B 215 -8.75 32.37 5.77
CA GLY B 215 -9.12 31.85 7.06
C GLY B 215 -7.98 31.33 7.90
N LYS B 216 -6.77 31.24 7.36
CA LYS B 216 -5.62 30.78 8.12
C LYS B 216 -4.52 31.83 8.08
N PRO B 217 -3.71 31.92 9.14
CA PRO B 217 -2.57 32.84 9.11
C PRO B 217 -1.61 32.51 7.98
N LEU B 218 -0.96 33.54 7.46
CA LEU B 218 -0.01 33.35 6.37
C LEU B 218 1.10 32.39 6.76
N ALA B 219 1.51 32.43 8.03
CA ALA B 219 2.60 31.56 8.49
C ALA B 219 2.22 30.09 8.36
N ASP B 220 0.94 29.76 8.56
CA ASP B 220 0.50 28.37 8.41
C ASP B 220 0.61 27.93 6.96
N HIS B 221 0.22 28.81 6.02
CA HIS B 221 0.42 28.51 4.60
C HIS B 221 1.89 28.24 4.30
N LEU B 222 2.78 29.05 4.86
CA LEU B 222 4.20 29.00 4.49
C LEU B 222 4.93 27.85 5.17
N LEU B 223 4.57 27.52 6.40
CA LEU B 223 5.27 26.49 7.16
C LEU B 223 4.63 25.11 7.02
N ALA B 224 3.59 24.98 6.20
CA ALA B 224 2.94 23.69 6.02
C ALA B 224 3.96 22.65 5.55
N PRO B 225 4.00 21.46 6.15
CA PRO B 225 5.03 20.49 5.80
C PRO B 225 4.85 19.96 4.38
N THR B 226 5.97 19.61 3.76
CA THR B 226 5.96 19.06 2.41
C THR B 226 5.12 17.80 2.37
N ARG B 227 4.29 17.69 1.33
CA ARG B 227 3.47 16.51 1.15
C ARG B 227 4.33 15.31 0.74
N ILE B 228 4.06 14.15 1.33
CA ILE B 228 4.77 12.93 1.04
C ILE B 228 3.93 12.08 0.09
N TYR B 229 4.48 11.78 -1.09
CA TYR B 229 3.75 11.08 -2.14
C TYR B 229 4.12 9.61 -2.24
N VAL B 230 4.81 9.06 -1.24
CA VAL B 230 5.37 7.72 -1.36
C VAL B 230 4.29 6.69 -1.60
N LYS B 231 3.32 6.60 -0.68
CA LYS B 231 2.35 5.51 -0.75
C LYS B 231 1.44 5.65 -1.97
N SER B 232 1.05 6.88 -2.32
CA SER B 232 0.16 7.05 -3.45
C SER B 232 0.85 6.73 -4.78
N VAL B 233 2.15 7.05 -4.89
CA VAL B 233 2.87 6.75 -6.12
C VAL B 233 3.14 5.25 -6.23
N LEU B 234 3.49 4.60 -5.13
CA LEU B 234 3.71 3.16 -5.17
C LEU B 234 2.43 2.41 -5.50
N GLU B 235 1.29 2.89 -5.01
CA GLU B 235 0.01 2.30 -5.40
C GLU B 235 -0.26 2.52 -6.88
N LEU B 236 0.12 3.69 -7.41
CA LEU B 236 -0.15 4.02 -8.80
C LEU B 236 0.65 3.12 -9.74
N ILE B 237 1.95 2.96 -9.47
CA ILE B 237 2.82 2.19 -10.34
C ILE B 237 2.36 0.75 -10.43
N GLU B 238 1.80 0.22 -9.33
CA GLU B 238 1.31 -1.15 -9.33
C GLU B 238 0.09 -1.35 -10.22
N LYS B 239 -0.65 -0.29 -10.52
CA LYS B 239 -1.92 -0.41 -11.23
C LYS B 239 -1.89 0.13 -12.65
N VAL B 240 -1.09 1.16 -12.95
CA VAL B 240 -1.01 1.73 -14.29
C VAL B 240 0.44 1.76 -14.72
N ASP B 241 0.65 1.96 -16.02
CA ASP B 241 1.98 2.01 -16.61
C ASP B 241 2.47 3.46 -16.61
N VAL B 242 3.38 3.76 -15.70
CA VAL B 242 3.95 5.10 -15.57
C VAL B 242 5.23 5.17 -16.38
N HIS B 243 5.39 6.24 -17.15
CA HIS B 243 6.58 6.43 -17.97
C HIS B 243 7.67 7.22 -17.25
N ALA B 244 7.27 8.25 -16.48
CA ALA B 244 8.23 9.04 -15.71
C ALA B 244 7.46 9.87 -14.70
N ILE B 245 8.18 10.33 -13.68
CA ILE B 245 7.63 11.19 -12.63
C ILE B 245 8.66 12.28 -12.34
N ALA B 246 8.18 13.51 -12.19
CA ALA B 246 9.03 14.64 -11.86
C ALA B 246 8.63 15.21 -10.51
N HIS B 247 9.58 15.27 -9.58
CA HIS B 247 9.39 15.95 -8.30
C HIS B 247 9.79 17.41 -8.48
N LEU B 248 8.84 18.31 -8.27
CA LEU B 248 9.09 19.75 -8.48
C LEU B 248 9.73 20.33 -7.23
N THR B 249 11.05 20.51 -7.28
CA THR B 249 11.79 21.06 -6.15
C THR B 249 12.49 22.35 -6.57
N GLY B 250 13.79 22.45 -6.30
CA GLY B 250 14.55 23.60 -6.71
C GLY B 250 14.55 23.80 -8.21
N GLY B 251 14.18 24.99 -8.68
CA GLY B 251 14.08 25.26 -10.10
C GLY B 251 12.70 25.08 -10.70
N GLY B 252 11.72 24.65 -9.90
CA GLY B 252 10.32 24.49 -10.25
C GLY B 252 10.10 23.71 -11.54
N PHE B 253 9.18 24.22 -12.36
CA PHE B 253 8.82 23.54 -13.60
C PHE B 253 9.97 23.53 -14.58
N TRP B 254 10.67 24.66 -14.73
CA TRP B 254 11.66 24.81 -15.78
C TRP B 254 12.85 23.87 -15.59
N GLU B 255 13.27 23.67 -14.34
CA GLU B 255 14.46 22.86 -14.08
C GLU B 255 14.15 21.38 -13.93
N ASN B 256 12.99 21.02 -13.38
CA ASN B 256 12.72 19.65 -12.99
C ASN B 256 11.98 18.82 -14.02
N ILE B 257 11.09 19.43 -14.81
CA ILE B 257 10.39 18.66 -15.85
C ILE B 257 11.34 18.14 -16.91
N PRO B 258 12.29 18.92 -17.46
CA PRO B 258 13.18 18.36 -18.50
C PRO B 258 14.05 17.22 -18.00
N ARG B 259 14.22 17.04 -16.70
CA ARG B 259 15.04 15.93 -16.21
C ARG B 259 14.44 14.57 -16.56
N VAL B 260 13.15 14.51 -16.87
CA VAL B 260 12.48 13.26 -17.20
C VAL B 260 12.10 13.20 -18.68
N LEU B 261 12.53 14.18 -19.48
CA LEU B 261 12.12 14.21 -20.88
C LEU B 261 13.18 13.59 -21.77
N PRO B 262 12.81 12.67 -22.65
CA PRO B 262 13.74 12.21 -23.68
C PRO B 262 14.04 13.34 -24.66
N ASP B 263 15.08 13.15 -25.46
CA ASP B 263 15.42 14.14 -26.48
C ASP B 263 14.27 14.29 -27.47
N ASN B 264 14.15 15.51 -28.00
CA ASN B 264 13.15 15.83 -29.03
C ASN B 264 11.73 15.65 -28.51
N THR B 265 11.49 16.04 -27.26
CA THR B 265 10.16 16.09 -26.67
C THR B 265 9.97 17.41 -25.95
N GLN B 266 8.71 17.86 -25.89
CA GLN B 266 8.37 19.12 -25.25
C GLN B 266 7.14 18.91 -24.36
N ALA B 267 7.22 19.41 -23.14
CA ALA B 267 6.09 19.35 -22.21
C ALA B 267 5.30 20.64 -22.29
N VAL B 268 4.00 20.53 -22.53
CA VAL B 268 3.12 21.67 -22.69
C VAL B 268 2.16 21.69 -21.50
N ILE B 269 2.32 22.67 -20.63
CA ILE B 269 1.52 22.77 -19.41
C ILE B 269 0.29 23.62 -19.68
N ASP B 270 -0.88 23.11 -19.31
CA ASP B 270 -2.15 23.85 -19.43
C ASP B 270 -2.32 24.65 -18.14
N GLU B 271 -1.99 25.94 -18.20
CA GLU B 271 -2.05 26.78 -17.00
C GLU B 271 -3.47 26.90 -16.45
N SER B 272 -4.48 26.78 -17.32
CA SER B 272 -5.86 26.90 -16.90
C SER B 272 -6.39 25.66 -16.19
N SER B 273 -5.62 24.56 -16.16
CA SER B 273 -6.11 23.32 -15.60
C SER B 273 -6.16 23.32 -14.08
N TRP B 274 -5.59 24.33 -13.42
CA TRP B 274 -5.65 24.42 -11.97
C TRP B 274 -5.43 25.87 -11.55
N GLN B 275 -5.91 26.18 -10.35
CA GLN B 275 -5.68 27.48 -9.73
C GLN B 275 -4.58 27.35 -8.68
N TRP B 276 -3.69 28.33 -8.64
CA TRP B 276 -2.68 28.35 -7.60
C TRP B 276 -3.33 28.36 -6.23
N PRO B 277 -2.82 27.60 -5.27
CA PRO B 277 -3.17 27.86 -3.87
C PRO B 277 -2.86 29.31 -3.52
N GLU B 278 -3.70 29.89 -2.67
CA GLU B 278 -3.71 31.34 -2.50
C GLU B 278 -2.37 31.88 -1.99
N VAL B 279 -1.59 31.04 -1.29
CA VAL B 279 -0.31 31.49 -0.77
C VAL B 279 0.60 31.95 -1.89
N PHE B 280 0.52 31.33 -3.07
CA PHE B 280 1.36 31.74 -4.18
C PHE B 280 0.87 33.02 -4.83
N ASN B 281 -0.44 33.28 -4.79
CA ASN B 281 -0.94 34.57 -5.24
C ASN B 281 -0.44 35.70 -4.34
N TRP B 282 -0.50 35.48 -3.03
CA TRP B 282 0.02 36.47 -2.09
C TRP B 282 1.50 36.73 -2.32
N LEU B 283 2.28 35.66 -2.54
CA LEU B 283 3.71 35.83 -2.76
C LEU B 283 3.99 36.60 -4.05
N GLN B 284 3.25 36.30 -5.11
CA GLN B 284 3.46 37.00 -6.37
C GLN B 284 3.14 38.48 -6.24
N THR B 285 2.00 38.80 -5.63
CA THR B 285 1.58 40.19 -5.51
C THR B 285 2.51 40.97 -4.58
N ALA B 286 2.81 40.40 -3.42
CA ALA B 286 3.63 41.12 -2.44
C ALA B 286 5.06 41.31 -2.93
N GLY B 287 5.53 40.45 -3.83
CA GLY B 287 6.89 40.57 -4.32
C GLY B 287 6.99 41.07 -5.75
N ASN B 288 5.83 41.30 -6.38
CA ASN B 288 5.77 41.70 -7.79
C ASN B 288 6.58 40.74 -8.65
N VAL B 289 6.41 39.44 -8.38
CA VAL B 289 7.22 38.42 -9.01
C VAL B 289 6.66 38.11 -10.39
N GLU B 290 7.52 38.03 -11.39
CA GLU B 290 7.07 37.84 -12.76
C GLU B 290 6.71 36.38 -13.02
N HIS B 291 6.06 36.16 -14.17
CA HIS B 291 5.45 34.87 -14.47
C HIS B 291 6.49 33.75 -14.49
N HIS B 292 7.57 33.94 -15.25
CA HIS B 292 8.59 32.90 -15.36
C HIS B 292 9.26 32.64 -14.02
N GLU B 293 9.45 33.67 -13.21
CA GLU B 293 10.15 33.52 -11.95
C GLU B 293 9.33 32.73 -10.92
N MET B 294 8.00 32.86 -10.95
CA MET B 294 7.16 32.07 -10.05
C MET B 294 7.28 30.58 -10.33
N TYR B 295 7.27 30.20 -11.61
CA TYR B 295 7.39 28.79 -11.97
C TYR B 295 8.81 28.26 -11.84
N ARG B 296 9.81 29.13 -11.67
CA ARG B 296 11.16 28.68 -11.35
C ARG B 296 11.38 28.51 -9.86
N THR B 297 10.90 29.47 -9.05
CA THR B 297 11.19 29.46 -7.62
C THR B 297 10.21 28.60 -6.83
N PHE B 298 8.94 28.55 -7.24
CA PHE B 298 7.91 27.89 -6.48
C PHE B 298 7.26 26.79 -7.30
N ASN B 299 6.69 25.80 -6.59
CA ASN B 299 5.94 24.74 -7.25
C ASN B 299 4.54 25.17 -7.67
N CYS B 300 4.05 26.30 -7.15
CA CYS B 300 2.79 26.91 -7.58
C CYS B 300 1.61 25.96 -7.47
N GLY B 301 1.67 25.03 -6.51
CA GLY B 301 0.57 24.13 -6.27
C GLY B 301 0.74 22.74 -6.83
N VAL B 302 1.87 22.43 -7.47
CA VAL B 302 2.10 21.14 -8.10
C VAL B 302 3.34 20.53 -7.44
N GLY B 303 3.15 19.45 -6.69
CA GLY B 303 4.25 18.77 -6.06
C GLY B 303 4.95 17.79 -6.98
N MET B 304 4.18 17.09 -7.82
CA MET B 304 4.73 16.11 -8.74
C MET B 304 3.96 16.14 -10.05
N ILE B 305 4.64 15.69 -11.11
CA ILE B 305 4.04 15.55 -12.42
C ILE B 305 4.35 14.15 -12.95
N ILE B 306 3.32 13.46 -13.43
CA ILE B 306 3.42 12.07 -13.85
C ILE B 306 3.16 12.01 -15.35
N ALA B 307 4.05 11.33 -16.08
CA ALA B 307 3.89 11.10 -17.51
C ALA B 307 3.46 9.66 -17.73
N LEU B 308 2.43 9.47 -18.55
CA LEU B 308 1.85 8.15 -18.78
C LEU B 308 1.05 8.20 -20.08
N PRO B 309 0.81 7.05 -20.71
CA PRO B 309 0.04 7.07 -21.96
C PRO B 309 -1.41 7.48 -21.74
N ALA B 310 -1.98 8.07 -22.78
CA ALA B 310 -3.34 8.61 -22.71
C ALA B 310 -4.40 7.59 -22.28
N PRO B 311 -4.39 6.33 -22.72
CA PRO B 311 -5.42 5.38 -22.26
C PRO B 311 -5.38 5.08 -20.77
N GLU B 312 -4.31 5.45 -20.07
CA GLU B 312 -4.17 5.17 -18.65
C GLU B 312 -4.63 6.33 -17.76
N VAL B 313 -5.06 7.44 -18.35
CA VAL B 313 -5.29 8.66 -17.58
C VAL B 313 -6.50 8.50 -16.67
N ASP B 314 -7.61 7.99 -17.20
CA ASP B 314 -8.83 7.89 -16.42
C ASP B 314 -8.64 6.97 -15.21
N LYS B 315 -7.99 5.82 -15.41
CA LYS B 315 -7.69 4.95 -14.28
C LYS B 315 -6.77 5.64 -13.27
N ALA B 316 -5.75 6.35 -13.77
CA ALA B 316 -4.79 6.99 -12.87
C ALA B 316 -5.46 8.08 -12.04
N LEU B 317 -6.24 8.95 -12.68
CA LEU B 317 -6.90 10.03 -11.95
C LEU B 317 -7.88 9.49 -10.93
N ALA B 318 -8.65 8.46 -11.30
CA ALA B 318 -9.62 7.88 -10.38
C ALA B 318 -8.93 7.30 -9.15
N LEU B 319 -7.84 6.55 -9.36
CA LEU B 319 -7.11 5.97 -8.23
C LEU B 319 -6.55 7.06 -7.33
N LEU B 320 -5.90 8.06 -7.91
CA LEU B 320 -5.21 9.07 -7.12
C LEU B 320 -6.18 9.91 -6.32
N ASN B 321 -7.27 10.35 -6.94
CA ASN B 321 -8.21 11.24 -6.25
C ASN B 321 -9.01 10.50 -5.19
N ALA B 322 -9.20 9.20 -5.35
CA ALA B 322 -9.92 8.41 -4.35
C ALA B 322 -9.02 7.94 -3.22
N ASN B 323 -7.70 8.09 -3.35
CA ASN B 323 -6.75 7.60 -2.36
C ASN B 323 -5.90 8.73 -1.80
N GLY B 324 -6.51 9.89 -1.60
CA GLY B 324 -5.92 10.94 -0.80
C GLY B 324 -5.01 11.91 -1.53
N GLU B 325 -5.16 12.08 -2.83
CA GLU B 325 -4.37 13.05 -3.58
C GLU B 325 -5.27 14.03 -4.33
N ASN B 326 -4.68 15.13 -4.75
CA ASN B 326 -5.32 16.13 -5.60
C ASN B 326 -4.66 16.01 -6.97
N ALA B 327 -5.28 15.23 -7.85
CA ALA B 327 -4.70 14.88 -9.14
C ALA B 327 -5.57 15.41 -10.27
N TRP B 328 -4.91 15.93 -11.31
CA TRP B 328 -5.61 16.45 -12.47
C TRP B 328 -4.69 16.38 -13.69
N LYS B 329 -5.31 16.36 -14.86
CA LYS B 329 -4.57 16.43 -16.12
C LYS B 329 -4.00 17.83 -16.31
N ILE B 330 -2.68 17.94 -16.28
CA ILE B 330 -2.04 19.25 -16.34
C ILE B 330 -1.45 19.58 -17.72
N GLY B 331 -1.13 18.58 -18.53
CA GLY B 331 -0.56 18.86 -19.83
C GLY B 331 -0.31 17.61 -20.63
N ILE B 332 0.50 17.76 -21.68
CA ILE B 332 0.79 16.68 -22.62
C ILE B 332 2.25 16.77 -23.05
N ILE B 333 2.76 15.66 -23.58
CA ILE B 333 4.08 15.59 -24.19
C ILE B 333 3.91 15.52 -25.70
N LYS B 334 4.68 16.32 -26.43
CA LYS B 334 4.65 16.30 -27.88
C LYS B 334 6.07 16.22 -28.42
N ALA B 335 6.21 15.54 -29.56
CA ALA B 335 7.48 15.51 -30.25
C ALA B 335 7.81 16.90 -30.78
N SER B 336 9.04 17.34 -30.54
CA SER B 336 9.45 18.70 -30.89
C SER B 336 10.95 18.82 -30.71
N ASP B 337 11.61 19.48 -31.68
CA ASP B 337 13.03 19.78 -31.59
C ASP B 337 13.29 21.14 -30.94
N SER B 338 12.30 21.71 -30.26
CA SER B 338 12.46 23.00 -29.61
C SER B 338 13.44 22.91 -28.45
N GLU B 339 14.30 23.92 -28.32
CA GLU B 339 15.19 24.01 -27.18
C GLU B 339 14.48 24.43 -25.90
N GLN B 340 13.25 24.93 -26.01
CA GLN B 340 12.43 25.27 -24.84
C GLN B 340 11.62 24.04 -24.48
N ARG B 341 12.14 23.25 -23.54
CA ARG B 341 11.59 21.93 -23.26
C ARG B 341 10.28 21.99 -22.50
N VAL B 342 9.94 23.12 -21.88
CA VAL B 342 8.72 23.27 -21.11
C VAL B 342 8.00 24.53 -21.58
N VAL B 343 6.71 24.41 -21.88
CA VAL B 343 5.87 25.54 -22.26
C VAL B 343 4.70 25.60 -21.30
N ILE B 344 4.51 26.76 -20.68
CA ILE B 344 3.42 26.99 -19.74
C ILE B 344 2.53 28.08 -20.36
N GLU B 345 1.41 27.66 -20.94
CA GLU B 345 0.51 28.58 -21.61
C GLU B 345 -0.91 28.48 -21.07
N THR C 5 -38.31 4.74 29.58
CA THR C 5 -38.39 3.75 28.51
C THR C 5 -37.08 3.67 27.75
N SER C 6 -36.43 2.51 27.82
CA SER C 6 -35.17 2.26 27.13
C SER C 6 -35.45 1.56 25.80
N LEU C 7 -34.88 2.08 24.73
CA LEU C 7 -35.06 1.51 23.41
C LEU C 7 -33.94 0.53 23.08
N SER C 8 -34.26 -0.45 22.24
CA SER C 8 -33.30 -1.48 21.86
C SER C 8 -33.69 -2.03 20.50
N TYR C 9 -32.85 -2.93 19.97
CA TYR C 9 -33.17 -3.60 18.71
C TYR C 9 -34.42 -4.46 18.83
N LYS C 10 -34.76 -4.90 20.04
CA LYS C 10 -36.01 -5.62 20.25
C LYS C 10 -37.23 -4.74 19.98
N ASP C 11 -37.08 -3.43 20.07
CA ASP C 11 -38.17 -2.50 19.78
C ASP C 11 -38.30 -2.19 18.30
N ALA C 12 -37.30 -2.53 17.49
CA ALA C 12 -37.36 -2.29 16.06
C ALA C 12 -37.80 -3.54 15.31
N GLY C 13 -37.23 -3.78 14.13
CA GLY C 13 -37.74 -4.85 13.29
C GLY C 13 -36.72 -5.84 12.75
N VAL C 14 -35.44 -5.68 13.09
CA VAL C 14 -34.41 -6.58 12.61
C VAL C 14 -33.84 -7.36 13.78
N ASP C 15 -33.45 -8.61 13.52
CA ASP C 15 -32.88 -9.48 14.53
C ASP C 15 -31.70 -10.22 13.90
N ILE C 16 -30.49 -9.94 14.40
CA ILE C 16 -29.30 -10.59 13.86
C ILE C 16 -29.30 -12.07 14.20
N ASP C 17 -29.87 -12.45 15.35
CA ASP C 17 -29.90 -13.85 15.76
C ASP C 17 -30.77 -14.72 14.86
N ALA C 18 -31.71 -14.13 14.13
CA ALA C 18 -32.52 -14.90 13.20
C ALA C 18 -31.67 -15.49 12.08
N GLY C 19 -30.82 -14.66 11.48
CA GLY C 19 -29.90 -15.16 10.48
C GLY C 19 -28.92 -16.17 11.05
N ASN C 20 -28.52 -16.01 12.31
CA ASN C 20 -27.67 -16.99 12.95
C ASN C 20 -28.42 -18.31 13.16
N ALA C 21 -29.72 -18.24 13.47
CA ALA C 21 -30.52 -19.45 13.59
C ALA C 21 -30.62 -20.18 12.26
N LEU C 22 -30.61 -19.43 11.15
CA LEU C 22 -30.63 -20.06 9.83
C LEU C 22 -29.32 -20.80 9.56
N VAL C 23 -28.18 -20.17 9.88
CA VAL C 23 -26.89 -20.80 9.69
C VAL C 23 -26.81 -22.11 10.47
N GLY C 24 -27.26 -22.10 11.71
CA GLY C 24 -27.25 -23.32 12.50
C GLY C 24 -28.14 -24.41 11.96
N ARG C 25 -29.19 -24.02 11.23
CA ARG C 25 -30.09 -25.00 10.64
C ARG C 25 -29.50 -25.65 9.40
N ILE C 26 -28.82 -24.86 8.57
CA ILE C 26 -28.40 -25.30 7.24
C ILE C 26 -26.94 -25.75 7.25
N LYS C 27 -26.33 -25.81 8.44
CA LYS C 27 -24.90 -26.12 8.52
C LYS C 27 -24.58 -27.47 7.87
N GLY C 28 -25.43 -28.47 8.09
CA GLY C 28 -25.15 -29.78 7.53
C GLY C 28 -25.34 -29.83 6.03
N VAL C 29 -26.41 -29.19 5.53
CA VAL C 29 -26.67 -29.20 4.09
C VAL C 29 -25.57 -28.46 3.34
N VAL C 30 -25.04 -27.39 3.94
CA VAL C 30 -24.00 -26.61 3.28
C VAL C 30 -22.68 -27.37 3.28
N LYS C 31 -22.38 -28.09 4.37
CA LYS C 31 -21.17 -28.90 4.41
C LYS C 31 -21.16 -29.96 3.31
N LYS C 32 -22.34 -30.45 2.92
CA LYS C 32 -22.42 -31.49 1.90
C LYS C 32 -21.87 -31.04 0.56
N THR C 33 -21.76 -29.74 0.33
CA THR C 33 -21.28 -29.21 -0.94
C THR C 33 -19.78 -28.95 -0.96
N ARG C 34 -19.08 -29.19 0.16
CA ARG C 34 -17.69 -28.80 0.27
C ARG C 34 -16.82 -29.58 -0.72
N ARG C 35 -15.91 -28.87 -1.36
CA ARG C 35 -14.88 -29.41 -2.23
C ARG C 35 -13.56 -29.52 -1.47
N PRO C 36 -12.60 -30.32 -1.96
CA PRO C 36 -11.30 -30.38 -1.28
C PRO C 36 -10.58 -29.04 -1.24
N GLU C 37 -10.87 -28.14 -2.17
CA GLU C 37 -10.22 -26.83 -2.19
C GLU C 37 -10.71 -25.90 -1.08
N VAL C 38 -11.79 -26.26 -0.40
CA VAL C 38 -12.40 -25.36 0.58
C VAL C 38 -11.65 -25.46 1.91
N MET C 39 -11.45 -24.32 2.56
CA MET C 39 -10.87 -24.26 3.89
C MET C 39 -11.75 -23.42 4.81
N GLY C 40 -11.49 -23.53 6.11
CA GLY C 40 -12.18 -22.70 7.09
C GLY C 40 -13.57 -23.21 7.41
N GLY C 41 -14.37 -22.31 7.97
CA GLY C 41 -15.73 -22.62 8.37
C GLY C 41 -16.75 -22.31 7.30
N GLY C 46 -18.36 -17.94 6.84
CA GLY C 46 -17.79 -18.05 5.52
C GLY C 46 -16.61 -18.99 5.45
N ALA C 47 -16.29 -19.47 4.25
CA ALA C 47 -15.20 -20.41 4.04
C ALA C 47 -14.28 -19.89 2.94
N LEU C 48 -13.02 -20.32 3.00
CA LEU C 48 -12.03 -19.98 2.00
C LEU C 48 -11.97 -21.09 0.95
N CYS C 49 -11.33 -20.79 -0.18
CA CYS C 49 -11.29 -21.73 -1.28
C CYS C 49 -9.98 -21.58 -2.03
N ALA C 50 -9.20 -22.66 -2.10
CA ALA C 50 -7.98 -22.70 -2.91
C ALA C 50 -8.32 -22.86 -4.38
N LEU C 51 -7.32 -22.74 -5.20
CA LEU C 51 -7.54 -22.92 -6.63
C LEU C 51 -7.30 -24.37 -7.02
N PRO C 52 -8.06 -24.87 -8.00
CA PRO C 52 -7.81 -26.23 -8.47
C PRO C 52 -6.40 -26.40 -9.00
N GLN C 53 -5.78 -27.52 -8.62
CA GLN C 53 -4.37 -27.77 -8.91
C GLN C 53 -4.09 -27.79 -10.41
N LYS C 54 -5.05 -28.23 -11.23
CA LYS C 54 -4.75 -28.51 -12.63
C LYS C 54 -4.55 -27.27 -13.47
N TYR C 55 -4.77 -26.08 -12.93
CA TYR C 55 -4.65 -24.85 -13.71
C TYR C 55 -3.26 -24.27 -13.56
N ARG C 56 -2.59 -24.01 -14.69
CA ARG C 56 -1.29 -23.36 -14.67
C ARG C 56 -1.41 -21.83 -14.75
N GLU C 57 -2.37 -21.33 -15.53
CA GLU C 57 -2.70 -19.90 -15.59
C GLU C 57 -4.19 -19.75 -15.30
N PRO C 58 -4.59 -19.85 -14.04
CA PRO C 58 -6.02 -19.79 -13.71
C PRO C 58 -6.57 -18.38 -13.88
N VAL C 59 -7.68 -18.28 -14.61
CA VAL C 59 -8.42 -17.04 -14.75
C VAL C 59 -9.76 -17.21 -14.06
N LEU C 60 -10.14 -16.22 -13.25
CA LEU C 60 -11.38 -16.28 -12.50
C LEU C 60 -12.53 -15.70 -13.32
N VAL C 61 -13.64 -16.43 -13.38
CA VAL C 61 -14.84 -16.00 -14.07
C VAL C 61 -15.95 -15.85 -13.04
N SER C 62 -16.62 -14.71 -13.04
CA SER C 62 -17.60 -14.39 -12.01
C SER C 62 -18.85 -13.81 -12.65
N GLY C 63 -19.96 -13.92 -11.92
CA GLY C 63 -21.23 -13.40 -12.37
C GLY C 63 -22.24 -13.45 -11.25
N THR C 64 -23.31 -12.66 -11.42
CA THR C 64 -24.40 -12.60 -10.46
C THR C 64 -25.72 -12.79 -11.18
N ASP C 65 -26.75 -13.14 -10.41
CA ASP C 65 -28.06 -13.39 -11.00
C ASP C 65 -29.15 -13.31 -9.94
N GLY C 66 -30.38 -13.32 -10.42
CA GLY C 66 -31.54 -13.50 -9.56
C GLY C 66 -32.63 -14.20 -10.34
N VAL C 67 -33.39 -15.05 -9.67
CA VAL C 67 -34.50 -15.72 -10.34
C VAL C 67 -35.67 -14.77 -10.52
N GLY C 68 -35.90 -13.87 -9.56
CA GLY C 68 -36.87 -12.80 -9.69
C GLY C 68 -38.31 -13.23 -9.89
N THR C 69 -38.76 -13.21 -11.15
CA THR C 69 -40.18 -13.39 -11.43
C THR C 69 -40.65 -14.81 -11.14
N LYS C 70 -39.82 -15.81 -11.44
CA LYS C 70 -40.19 -17.18 -11.12
C LYS C 70 -40.40 -17.37 -9.62
N LEU C 71 -39.66 -16.63 -8.80
CA LEU C 71 -39.84 -16.70 -7.36
C LEU C 71 -41.25 -16.27 -6.96
N ARG C 72 -41.76 -15.21 -7.60
CA ARG C 72 -43.12 -14.76 -7.31
C ARG C 72 -44.13 -15.87 -7.62
N LEU C 73 -43.96 -16.56 -8.74
CA LEU C 73 -44.87 -17.65 -9.09
C LEU C 73 -44.69 -18.84 -8.15
N ALA C 74 -43.43 -19.24 -7.91
CA ALA C 74 -43.17 -20.38 -7.04
C ALA C 74 -43.73 -20.17 -5.65
N MET C 75 -43.62 -18.93 -5.13
CA MET C 75 -44.18 -18.63 -3.82
C MET C 75 -45.71 -18.64 -3.84
N ASP C 76 -46.30 -18.05 -4.87
CA ASP C 76 -47.76 -18.03 -5.00
C ASP C 76 -48.36 -19.43 -5.07
N LEU C 77 -47.55 -20.46 -5.31
CA LEU C 77 -47.99 -21.84 -5.24
C LEU C 77 -47.36 -22.59 -4.07
N LYS C 78 -46.69 -21.87 -3.17
CA LYS C 78 -46.13 -22.42 -1.94
C LYS C 78 -45.14 -23.55 -2.24
N ARG C 79 -44.09 -23.21 -2.99
CA ARG C 79 -43.02 -24.14 -3.33
C ARG C 79 -41.71 -23.38 -3.31
N HIS C 80 -40.79 -23.80 -2.42
CA HIS C 80 -39.56 -23.07 -2.19
C HIS C 80 -38.29 -23.90 -2.29
N ASP C 81 -38.38 -25.22 -2.47
CA ASP C 81 -37.22 -26.10 -2.38
C ASP C 81 -36.59 -26.40 -3.74
N THR C 82 -37.04 -25.76 -4.81
CA THR C 82 -36.40 -25.89 -6.11
C THR C 82 -36.02 -24.56 -6.74
N ILE C 83 -36.54 -23.44 -6.25
CA ILE C 83 -36.14 -22.14 -6.77
C ILE C 83 -34.66 -21.89 -6.51
N GLY C 84 -34.10 -22.53 -5.50
CA GLY C 84 -32.67 -22.42 -5.25
C GLY C 84 -31.83 -23.10 -6.32
N ILE C 85 -32.36 -24.18 -6.90
CA ILE C 85 -31.68 -24.82 -8.02
C ILE C 85 -31.67 -23.89 -9.23
N ASP C 86 -32.79 -23.21 -9.47
CA ASP C 86 -32.85 -22.23 -10.56
C ASP C 86 -31.81 -21.13 -10.37
N LEU C 87 -31.58 -20.72 -9.12
CA LEU C 87 -30.63 -19.66 -8.85
C LEU C 87 -29.22 -20.08 -9.20
N VAL C 88 -28.80 -21.26 -8.75
CA VAL C 88 -27.45 -21.73 -9.07
C VAL C 88 -27.32 -22.00 -10.56
N ALA C 89 -28.37 -22.55 -11.18
CA ALA C 89 -28.28 -22.96 -12.58
C ALA C 89 -28.05 -21.77 -13.50
N MET C 90 -28.75 -20.66 -13.26
CA MET C 90 -28.54 -19.46 -14.06
C MET C 90 -27.09 -18.99 -13.98
N CYS C 91 -26.49 -19.08 -12.79
CA CYS C 91 -25.10 -18.68 -12.62
C CYS C 91 -24.15 -19.63 -13.35
N VAL C 92 -24.20 -20.92 -13.00
CA VAL C 92 -23.17 -21.85 -13.47
C VAL C 92 -23.31 -22.12 -14.96
N ASN C 93 -24.52 -22.07 -15.51
CA ASN C 93 -24.66 -22.22 -16.96
C ASN C 93 -24.04 -21.05 -17.71
N ASP C 94 -24.03 -19.86 -17.09
CA ASP C 94 -23.35 -18.72 -17.72
C ASP C 94 -21.84 -18.85 -17.63
N LEU C 95 -21.33 -19.47 -16.56
CA LEU C 95 -19.88 -19.60 -16.40
C LEU C 95 -19.28 -20.52 -17.46
N VAL C 96 -19.91 -21.66 -17.71
CA VAL C 96 -19.35 -22.64 -18.64
C VAL C 96 -19.35 -22.14 -20.08
N VAL C 97 -20.09 -21.06 -20.36
CA VAL C 97 -20.09 -20.47 -21.69
C VAL C 97 -18.68 -20.15 -22.15
N GLN C 98 -17.84 -19.69 -21.23
CA GLN C 98 -16.45 -19.36 -21.53
C GLN C 98 -15.49 -20.46 -21.11
N GLY C 99 -16.00 -21.63 -20.71
CA GLY C 99 -15.17 -22.73 -20.30
C GLY C 99 -14.80 -22.76 -18.84
N ALA C 100 -15.45 -21.96 -18.00
CA ALA C 100 -15.09 -21.86 -16.59
C ALA C 100 -15.66 -23.02 -15.79
N GLU C 101 -14.82 -23.63 -14.97
CA GLU C 101 -15.26 -24.63 -14.02
C GLU C 101 -15.84 -23.96 -12.79
N PRO C 102 -17.11 -24.16 -12.47
CA PRO C 102 -17.67 -23.56 -11.25
C PRO C 102 -16.91 -24.02 -10.01
N LEU C 103 -16.56 -23.06 -9.15
CA LEU C 103 -15.73 -23.32 -7.99
C LEU C 103 -16.47 -23.11 -6.68
N PHE C 104 -17.05 -21.93 -6.45
CA PHE C 104 -17.83 -21.70 -5.25
C PHE C 104 -18.97 -20.73 -5.54
N PHE C 105 -19.91 -20.67 -4.59
CA PHE C 105 -21.17 -19.96 -4.76
C PHE C 105 -21.54 -19.27 -3.46
N LEU C 106 -22.14 -18.08 -3.57
CA LEU C 106 -22.68 -17.35 -2.44
C LEU C 106 -24.07 -16.84 -2.77
N ASP C 107 -24.89 -16.64 -1.74
CA ASP C 107 -26.26 -16.16 -1.92
C ASP C 107 -26.57 -15.05 -0.93
N TYR C 108 -27.35 -14.08 -1.40
CA TYR C 108 -27.85 -13.00 -0.55
C TYR C 108 -29.36 -13.15 -0.45
N TYR C 109 -29.84 -13.41 0.76
CA TYR C 109 -31.25 -13.70 1.02
C TYR C 109 -31.85 -12.52 1.77
N ALA C 110 -32.77 -11.80 1.13
CA ALA C 110 -33.41 -10.63 1.70
C ALA C 110 -34.89 -10.87 1.86
N THR C 111 -35.43 -10.44 2.99
CA THR C 111 -36.84 -10.68 3.32
C THR C 111 -37.29 -9.65 4.34
N GLY C 112 -38.58 -9.68 4.65
CA GLY C 112 -39.14 -8.83 5.68
C GLY C 112 -38.83 -9.35 7.07
N LYS C 113 -39.57 -10.37 7.49
CA LYS C 113 -39.26 -11.13 8.69
C LYS C 113 -38.81 -12.53 8.27
N LEU C 114 -37.66 -12.95 8.79
CA LEU C 114 -37.06 -14.21 8.35
C LEU C 114 -37.90 -15.39 8.80
N ASP C 115 -38.32 -16.20 7.84
CA ASP C 115 -38.97 -17.49 8.11
C ASP C 115 -37.91 -18.57 7.92
N VAL C 116 -37.42 -19.12 9.03
CA VAL C 116 -36.30 -20.07 8.97
C VAL C 116 -36.68 -21.30 8.15
N ASP C 117 -37.94 -21.74 8.24
CA ASP C 117 -38.37 -22.90 7.47
C ASP C 117 -38.28 -22.62 5.97
N THR C 118 -38.80 -21.48 5.53
CA THR C 118 -38.78 -21.16 4.11
C THR C 118 -37.35 -20.92 3.61
N ALA C 119 -36.56 -20.17 4.38
CA ALA C 119 -35.18 -19.89 3.96
C ALA C 119 -34.35 -21.16 3.91
N SER C 120 -34.60 -22.09 4.84
CA SER C 120 -33.84 -23.34 4.84
C SER C 120 -34.16 -24.17 3.60
N ALA C 121 -35.42 -24.19 3.18
CA ALA C 121 -35.79 -24.92 1.97
C ALA C 121 -35.16 -24.30 0.73
N VAL C 122 -35.09 -22.97 0.69
CA VAL C 122 -34.46 -22.29 -0.44
C VAL C 122 -32.97 -22.63 -0.49
N ILE C 123 -32.28 -22.52 0.65
CA ILE C 123 -30.85 -22.80 0.69
C ILE C 123 -30.59 -24.28 0.42
N SER C 124 -31.48 -25.16 0.87
CA SER C 124 -31.34 -26.58 0.54
C SER C 124 -31.36 -26.80 -0.96
N GLY C 125 -32.19 -26.03 -1.68
CA GLY C 125 -32.18 -26.11 -3.13
C GLY C 125 -30.92 -25.52 -3.73
N ILE C 126 -30.43 -24.42 -3.14
CA ILE C 126 -29.17 -23.82 -3.59
C ILE C 126 -28.02 -24.81 -3.45
N ALA C 127 -27.97 -25.51 -2.31
CA ALA C 127 -26.91 -26.50 -2.10
C ALA C 127 -27.03 -27.67 -3.08
N GLU C 128 -28.26 -28.06 -3.43
CA GLU C 128 -28.44 -29.13 -4.41
C GLU C 128 -27.90 -28.72 -5.78
N GLY C 129 -28.18 -27.49 -6.19
CA GLY C 129 -27.62 -27.00 -7.45
C GLY C 129 -26.11 -26.91 -7.43
N CYS C 130 -25.53 -26.61 -6.26
CA CYS C 130 -24.09 -26.60 -6.13
C CYS C 130 -23.50 -28.00 -6.27
N LEU C 131 -24.21 -29.00 -5.75
CA LEU C 131 -23.77 -30.39 -5.92
C LEU C 131 -23.83 -30.80 -7.39
N GLN C 132 -24.92 -30.45 -8.07
CA GLN C 132 -25.08 -30.84 -9.46
C GLN C 132 -24.03 -30.16 -10.35
N SER C 133 -23.66 -28.93 -10.03
CA SER C 133 -22.68 -28.18 -10.82
C SER C 133 -21.25 -28.35 -10.31
N GLY C 134 -21.06 -28.97 -9.14
CA GLY C 134 -19.72 -29.26 -8.66
C GLY C 134 -19.01 -28.11 -7.96
N CYS C 135 -19.75 -27.11 -7.49
CA CYS C 135 -19.17 -26.01 -6.73
C CYS C 135 -19.65 -26.06 -5.29
N SER C 136 -18.95 -25.33 -4.43
CA SER C 136 -19.22 -25.33 -3.00
C SER C 136 -19.98 -24.07 -2.59
N LEU C 137 -20.97 -24.24 -1.71
CA LEU C 137 -21.67 -23.12 -1.11
C LEU C 137 -20.84 -22.67 0.10
N VAL C 138 -20.12 -21.58 -0.06
CA VAL C 138 -19.08 -21.20 0.89
C VAL C 138 -19.46 -19.99 1.72
N GLY C 139 -20.67 -19.48 1.59
CA GLY C 139 -21.10 -18.36 2.40
C GLY C 139 -22.35 -17.71 1.86
N GLY C 140 -22.87 -16.78 2.65
CA GLY C 140 -24.09 -16.08 2.29
C GLY C 140 -24.41 -15.02 3.31
N GLU C 141 -25.55 -14.36 3.10
CA GLU C 141 -26.00 -13.29 3.97
C GLU C 141 -27.53 -13.28 4.01
N THR C 142 -28.07 -13.05 5.20
CA THR C 142 -29.52 -12.97 5.40
C THR C 142 -29.85 -11.56 5.90
N ALA C 143 -30.72 -10.87 5.19
CA ALA C 143 -31.11 -9.50 5.51
C ALA C 143 -32.60 -9.43 5.81
N GLU C 144 -32.94 -8.78 6.91
CA GLU C 144 -34.32 -8.56 7.31
C GLU C 144 -34.66 -7.08 7.10
N MET C 145 -35.62 -6.82 6.21
CA MET C 145 -36.02 -5.46 5.86
C MET C 145 -37.54 -5.40 5.79
N PRO C 146 -38.21 -5.34 6.95
CA PRO C 146 -39.68 -5.46 6.96
C PRO C 146 -40.39 -4.34 6.24
N GLY C 147 -39.79 -3.15 6.14
CA GLY C 147 -40.45 -2.05 5.48
C GLY C 147 -40.48 -2.11 3.97
N MET C 148 -39.77 -3.07 3.36
CA MET C 148 -39.64 -3.13 1.92
C MET C 148 -40.28 -4.36 1.29
N TYR C 149 -40.25 -5.51 1.96
CA TYR C 149 -40.79 -6.74 1.40
C TYR C 149 -42.19 -7.00 1.97
N HIS C 150 -43.15 -7.18 1.07
CA HIS C 150 -44.55 -7.32 1.46
C HIS C 150 -44.81 -8.70 2.06
N GLY C 151 -45.21 -8.71 3.32
CA GLY C 151 -45.61 -9.96 3.95
C GLY C 151 -44.48 -10.96 4.00
N GLU C 152 -44.68 -12.10 3.33
CA GLU C 152 -43.70 -13.18 3.30
C GLU C 152 -42.76 -13.10 2.10
N ASP C 153 -42.77 -11.98 1.38
CA ASP C 153 -41.93 -11.84 0.20
C ASP C 153 -40.45 -11.98 0.56
N TYR C 154 -39.68 -12.54 -0.38
CA TYR C 154 -38.24 -12.63 -0.20
C TYR C 154 -37.57 -12.60 -1.58
N ASP C 155 -36.39 -12.00 -1.62
CA ASP C 155 -35.58 -11.95 -2.83
C ASP C 155 -34.24 -12.62 -2.54
N VAL C 156 -33.74 -13.36 -3.53
CA VAL C 156 -32.48 -14.07 -3.40
C VAL C 156 -31.60 -13.73 -4.59
N ALA C 157 -30.38 -13.27 -4.32
CA ALA C 157 -29.39 -12.98 -5.33
C ALA C 157 -28.25 -14.00 -5.24
N GLY C 158 -27.78 -14.46 -6.39
CA GLY C 158 -26.74 -15.47 -6.45
C GLY C 158 -25.44 -14.89 -6.97
N PHE C 159 -24.33 -15.44 -6.49
CA PHE C 159 -23.00 -15.08 -6.96
C PHE C 159 -22.17 -16.35 -7.09
N CYS C 160 -21.39 -16.43 -8.16
N CYS C 160 -21.40 -16.44 -8.17
CA CYS C 160 -20.61 -17.61 -8.47
CA CYS C 160 -20.60 -17.64 -8.42
C CYS C 160 -19.25 -17.18 -9.03
C CYS C 160 -19.29 -17.26 -9.08
N VAL C 161 -18.23 -17.98 -8.72
CA VAL C 161 -16.89 -17.77 -9.26
C VAL C 161 -16.42 -19.08 -9.88
N GLY C 162 -15.94 -19.01 -11.12
CA GLY C 162 -15.42 -20.15 -11.83
C GLY C 162 -13.97 -19.94 -12.24
N VAL C 163 -13.32 -21.03 -12.63
CA VAL C 163 -11.91 -21.01 -13.00
C VAL C 163 -11.77 -21.60 -14.40
N VAL C 164 -11.04 -20.89 -15.27
CA VAL C 164 -10.76 -21.35 -16.62
C VAL C 164 -9.27 -21.17 -16.88
N GLU C 165 -8.68 -22.11 -17.63
CA GLU C 165 -7.31 -21.95 -18.07
C GLU C 165 -7.22 -20.78 -19.03
N LYS C 166 -6.21 -19.91 -18.83
CA LYS C 166 -6.11 -18.67 -19.58
C LYS C 166 -6.05 -18.93 -21.08
N SER C 167 -5.23 -19.89 -21.50
CA SER C 167 -5.06 -20.17 -22.93
C SER C 167 -6.25 -20.90 -23.53
N GLU C 168 -7.17 -21.42 -22.71
CA GLU C 168 -8.29 -22.21 -23.19
C GLU C 168 -9.63 -21.49 -23.01
N ILE C 169 -9.61 -20.16 -22.90
CA ILE C 169 -10.84 -19.40 -22.75
C ILE C 169 -11.61 -19.40 -24.06
N ILE C 170 -12.91 -19.68 -23.97
CA ILE C 170 -13.79 -19.68 -25.14
C ILE C 170 -14.32 -18.26 -25.34
N ASP C 171 -13.83 -17.58 -26.38
CA ASP C 171 -14.22 -16.21 -26.66
C ASP C 171 -15.00 -16.07 -27.96
N GLY C 172 -15.27 -17.16 -28.67
CA GLY C 172 -16.01 -17.11 -29.91
C GLY C 172 -15.22 -16.64 -31.11
N SER C 173 -13.90 -16.42 -30.97
CA SER C 173 -13.10 -15.94 -32.09
C SER C 173 -12.90 -17.02 -33.15
N LYS C 174 -13.13 -18.29 -32.82
CA LYS C 174 -12.99 -19.37 -33.77
C LYS C 174 -14.27 -19.66 -34.56
N VAL C 175 -15.37 -18.98 -34.24
CA VAL C 175 -16.62 -19.21 -34.94
C VAL C 175 -16.48 -18.72 -36.38
N SER C 176 -16.85 -19.58 -37.33
CA SER C 176 -16.80 -19.25 -38.74
C SER C 176 -18.02 -19.85 -39.43
N ASP C 177 -18.27 -19.39 -40.66
CA ASP C 177 -19.34 -19.98 -41.44
C ASP C 177 -19.07 -21.44 -41.70
N GLY C 178 -20.14 -22.24 -41.74
CA GLY C 178 -20.04 -23.67 -41.81
C GLY C 178 -20.10 -24.37 -40.46
N ASP C 179 -19.84 -23.65 -39.37
CA ASP C 179 -20.03 -24.22 -38.04
C ASP C 179 -21.47 -24.66 -37.86
N VAL C 180 -21.64 -25.80 -37.23
CA VAL C 180 -22.96 -26.37 -36.96
C VAL C 180 -23.37 -26.01 -35.54
N LEU C 181 -24.66 -25.80 -35.35
CA LEU C 181 -25.22 -25.46 -34.05
C LEU C 181 -25.87 -26.69 -33.44
N ILE C 182 -25.43 -27.04 -32.23
CA ILE C 182 -26.01 -28.14 -31.46
C ILE C 182 -26.82 -27.56 -30.31
N ALA C 183 -28.05 -28.05 -30.14
CA ALA C 183 -28.92 -27.61 -29.07
C ALA C 183 -28.89 -28.63 -27.94
N LEU C 184 -28.95 -28.13 -26.70
CA LEU C 184 -29.14 -28.95 -25.51
C LEU C 184 -30.55 -28.68 -24.98
N GLY C 185 -31.34 -29.73 -24.86
CA GLY C 185 -32.73 -29.56 -24.46
C GLY C 185 -32.86 -28.97 -23.06
N SER C 186 -33.94 -28.24 -22.85
CA SER C 186 -34.23 -27.64 -21.56
C SER C 186 -35.26 -28.46 -20.80
N SER C 187 -35.33 -28.22 -19.49
CA SER C 187 -36.30 -28.88 -18.63
C SER C 187 -37.64 -28.17 -18.59
N GLY C 188 -37.77 -27.05 -19.29
CA GLY C 188 -38.97 -26.23 -19.25
C GLY C 188 -38.61 -24.78 -19.48
N PRO C 189 -39.42 -23.86 -18.93
CA PRO C 189 -39.11 -22.44 -19.08
C PRO C 189 -37.86 -22.00 -18.36
N HIS C 190 -37.27 -22.87 -17.52
CA HIS C 190 -36.13 -22.53 -16.68
C HIS C 190 -36.47 -21.36 -15.76
N SER C 191 -35.92 -20.17 -16.01
CA SER C 191 -36.19 -19.04 -15.13
C SER C 191 -36.33 -17.74 -15.91
N ASN C 192 -36.96 -17.80 -17.07
CA ASN C 192 -37.21 -16.61 -17.86
C ASN C 192 -38.58 -16.69 -18.51
N GLY C 193 -39.28 -15.56 -18.52
CA GLY C 193 -40.58 -15.47 -19.15
C GLY C 193 -41.77 -15.70 -18.24
N TYR C 194 -41.55 -15.72 -16.92
CA TYR C 194 -42.64 -16.02 -15.99
C TYR C 194 -43.57 -14.83 -15.76
N SER C 195 -43.15 -13.62 -16.14
CA SER C 195 -44.08 -12.50 -16.12
C SER C 195 -45.15 -12.66 -17.20
N LEU C 196 -44.78 -13.26 -18.34
CA LEU C 196 -45.77 -13.60 -19.34
C LEU C 196 -46.58 -14.84 -18.95
N VAL C 197 -45.95 -15.79 -18.26
CA VAL C 197 -46.68 -16.96 -17.77
C VAL C 197 -47.83 -16.52 -16.87
N ARG C 198 -47.57 -15.59 -15.95
CA ARG C 198 -48.63 -15.06 -15.10
C ARG C 198 -49.73 -14.41 -15.93
N LYS C 199 -49.36 -13.65 -16.97
CA LYS C 199 -50.35 -13.04 -17.84
C LYS C 199 -51.16 -14.10 -18.57
N ILE C 200 -50.49 -15.15 -19.06
CA ILE C 200 -51.20 -16.21 -19.78
C ILE C 200 -52.12 -16.98 -18.83
N LEU C 201 -51.69 -17.17 -17.59
CA LEU C 201 -52.55 -17.84 -16.61
C LEU C 201 -53.80 -17.00 -16.30
N GLU C 202 -53.69 -15.68 -16.39
CA GLU C 202 -54.87 -14.84 -16.20
C GLU C 202 -55.81 -14.90 -17.40
N VAL C 203 -55.25 -15.07 -18.61
CA VAL C 203 -56.09 -15.18 -19.80
C VAL C 203 -56.82 -16.52 -19.81
N SER C 204 -56.11 -17.60 -19.50
CA SER C 204 -56.75 -18.91 -19.46
C SER C 204 -57.70 -19.06 -18.29
N GLY C 205 -57.55 -18.24 -17.25
CA GLY C 205 -58.32 -18.43 -16.03
C GLY C 205 -58.07 -19.77 -15.39
N CYS C 206 -56.89 -20.34 -15.61
CA CYS C 206 -56.61 -21.73 -15.27
C CYS C 206 -55.95 -21.84 -13.90
N ASP C 207 -56.34 -22.89 -13.17
CA ASP C 207 -55.67 -23.25 -11.93
C ASP C 207 -54.52 -24.18 -12.28
N PRO C 208 -53.26 -23.72 -12.23
CA PRO C 208 -52.14 -24.58 -12.67
C PRO C 208 -51.91 -25.79 -11.79
N GLN C 209 -52.49 -25.86 -10.59
CA GLN C 209 -52.31 -27.03 -9.74
C GLN C 209 -53.27 -28.15 -10.10
N THR C 210 -54.52 -27.82 -10.38
CA THR C 210 -55.53 -28.83 -10.71
C THR C 210 -55.51 -29.21 -12.18
N THR C 211 -55.10 -28.30 -13.06
CA THR C 211 -54.99 -28.62 -14.48
C THR C 211 -53.77 -29.50 -14.71
N GLU C 212 -53.98 -30.69 -15.26
CA GLU C 212 -52.89 -31.60 -15.60
C GLU C 212 -52.60 -31.50 -17.09
N LEU C 213 -51.33 -31.61 -17.44
CA LEU C 213 -50.88 -31.59 -18.82
C LEU C 213 -50.12 -32.88 -19.09
N ASP C 214 -50.71 -33.76 -19.91
CA ASP C 214 -50.10 -35.04 -20.28
C ASP C 214 -49.79 -35.90 -19.05
N GLY C 215 -50.66 -35.81 -18.03
CA GLY C 215 -50.50 -36.58 -16.82
C GLY C 215 -49.77 -35.87 -15.69
N LYS C 216 -49.30 -34.65 -15.91
CA LYS C 216 -48.57 -33.92 -14.90
C LYS C 216 -49.21 -32.55 -14.71
N PRO C 217 -49.37 -32.08 -13.47
CA PRO C 217 -49.99 -30.77 -13.24
C PRO C 217 -49.23 -29.66 -13.96
N LEU C 218 -49.98 -28.67 -14.44
CA LEU C 218 -49.39 -27.58 -15.20
C LEU C 218 -48.33 -26.84 -14.40
N ALA C 219 -48.56 -26.66 -13.09
CA ALA C 219 -47.58 -25.98 -12.26
C ALA C 219 -46.25 -26.72 -12.23
N ASP C 220 -46.28 -28.05 -12.37
CA ASP C 220 -45.03 -28.81 -12.36
C ASP C 220 -44.26 -28.64 -13.67
N HIS C 221 -44.97 -28.57 -14.79
CA HIS C 221 -44.32 -28.19 -16.05
C HIS C 221 -43.74 -26.79 -15.96
N LEU C 222 -44.46 -25.88 -15.30
CA LEU C 222 -44.06 -24.47 -15.29
C LEU C 222 -42.87 -24.25 -14.36
N LEU C 223 -42.86 -24.90 -13.21
CA LEU C 223 -41.89 -24.65 -12.16
C LEU C 223 -40.75 -25.67 -12.12
N ALA C 224 -40.62 -26.49 -13.17
CA ALA C 224 -39.55 -27.46 -13.22
C ALA C 224 -38.20 -26.75 -13.07
N PRO C 225 -37.32 -27.23 -12.19
CA PRO C 225 -36.04 -26.52 -11.98
C PRO C 225 -35.17 -26.52 -13.22
N THR C 226 -34.42 -25.44 -13.39
CA THR C 226 -33.56 -25.29 -14.54
C THR C 226 -32.53 -26.41 -14.61
N ARG C 227 -32.32 -26.94 -15.81
CA ARG C 227 -31.30 -27.96 -16.00
C ARG C 227 -29.91 -27.33 -15.94
N ILE C 228 -28.99 -28.02 -15.28
CA ILE C 228 -27.61 -27.57 -15.14
C ILE C 228 -26.75 -28.34 -16.15
N TYR C 229 -26.09 -27.61 -17.04
CA TYR C 229 -25.32 -28.20 -18.13
C TYR C 229 -23.84 -28.26 -17.85
N VAL C 230 -23.41 -28.03 -16.60
CA VAL C 230 -21.99 -27.80 -16.30
C VAL C 230 -21.17 -29.04 -16.65
N LYS C 231 -21.53 -30.19 -16.09
CA LYS C 231 -20.72 -31.39 -16.28
C LYS C 231 -20.63 -31.79 -17.74
N SER C 232 -21.76 -31.72 -18.47
CA SER C 232 -21.75 -32.12 -19.86
C SER C 232 -20.95 -31.17 -20.72
N VAL C 233 -21.07 -29.86 -20.49
CA VAL C 233 -20.37 -28.88 -21.31
C VAL C 233 -18.86 -28.93 -21.04
N LEU C 234 -18.47 -29.05 -19.77
CA LEU C 234 -17.04 -29.08 -19.45
C LEU C 234 -16.34 -30.27 -20.10
N GLU C 235 -16.99 -31.43 -20.12
CA GLU C 235 -16.37 -32.58 -20.77
C GLU C 235 -16.36 -32.41 -22.29
N LEU C 236 -17.44 -31.85 -22.84
CA LEU C 236 -17.47 -31.57 -24.28
C LEU C 236 -16.29 -30.68 -24.68
N ILE C 237 -16.04 -29.63 -23.91
CA ILE C 237 -14.93 -28.72 -24.21
C ILE C 237 -13.61 -29.46 -24.17
N GLU C 238 -13.45 -30.40 -23.23
CA GLU C 238 -12.20 -31.15 -23.14
C GLU C 238 -11.99 -32.05 -24.36
N LYS C 239 -13.07 -32.61 -24.90
CA LYS C 239 -12.96 -33.65 -25.92
C LYS C 239 -13.17 -33.15 -27.34
N VAL C 240 -13.88 -32.04 -27.52
CA VAL C 240 -14.23 -31.54 -28.85
C VAL C 240 -13.86 -30.07 -28.93
N ASP C 241 -13.49 -29.62 -30.13
CA ASP C 241 -13.14 -28.22 -30.37
C ASP C 241 -14.41 -27.39 -30.41
N VAL C 242 -14.76 -26.78 -29.28
CA VAL C 242 -15.96 -25.96 -29.17
C VAL C 242 -15.60 -24.52 -29.52
N HIS C 243 -16.38 -23.91 -30.41
CA HIS C 243 -16.12 -22.54 -30.84
C HIS C 243 -16.85 -21.50 -30.00
N ALA C 244 -18.11 -21.76 -29.64
CA ALA C 244 -18.87 -20.83 -28.82
C ALA C 244 -20.06 -21.56 -28.22
N ILE C 245 -20.57 -20.99 -27.13
CA ILE C 245 -21.71 -21.53 -26.40
C ILE C 245 -22.64 -20.38 -26.05
N ALA C 246 -23.94 -20.58 -26.23
CA ALA C 246 -24.95 -19.58 -25.92
C ALA C 246 -25.93 -20.14 -24.90
N HIS C 247 -26.09 -19.43 -23.79
CA HIS C 247 -27.08 -19.79 -22.78
C HIS C 247 -28.36 -19.01 -23.08
N LEU C 248 -29.42 -19.73 -23.44
CA LEU C 248 -30.67 -19.08 -23.82
C LEU C 248 -31.42 -18.68 -22.56
N THR C 249 -31.28 -17.40 -22.19
CA THR C 249 -31.97 -16.85 -21.02
C THR C 249 -32.92 -15.74 -21.43
N GLY C 250 -32.87 -14.62 -20.71
CA GLY C 250 -33.68 -13.46 -21.04
C GLY C 250 -33.42 -12.96 -22.45
N GLY C 251 -34.48 -12.83 -23.24
CA GLY C 251 -34.35 -12.47 -24.65
C GLY C 251 -34.41 -13.64 -25.60
N GLY C 252 -34.33 -14.87 -25.08
CA GLY C 252 -34.41 -16.12 -25.83
C GLY C 252 -33.43 -16.21 -26.98
N PHE C 253 -33.91 -16.76 -28.09
CA PHE C 253 -33.06 -16.97 -29.26
C PHE C 253 -32.51 -15.66 -29.80
N TRP C 254 -33.36 -14.64 -29.89
CA TRP C 254 -33.00 -13.44 -30.63
C TRP C 254 -31.91 -12.63 -29.93
N GLU C 255 -31.91 -12.60 -28.60
CA GLU C 255 -30.94 -11.79 -27.88
C GLU C 255 -29.66 -12.53 -27.56
N ASN C 256 -29.73 -13.84 -27.30
CA ASN C 256 -28.58 -14.55 -26.74
C ASN C 256 -27.71 -15.22 -27.80
N ILE C 257 -28.29 -15.68 -28.91
CA ILE C 257 -27.48 -16.31 -29.96
C ILE C 257 -26.51 -15.31 -30.60
N PRO C 258 -26.92 -14.10 -30.98
CA PRO C 258 -25.96 -13.18 -31.62
C PRO C 258 -24.78 -12.81 -30.74
N ARG C 259 -24.88 -12.99 -29.43
CA ARG C 259 -23.78 -12.62 -28.54
C ARG C 259 -22.54 -13.47 -28.74
N VAL C 260 -22.64 -14.59 -29.46
CA VAL C 260 -21.52 -15.45 -29.76
C VAL C 260 -21.20 -15.50 -31.24
N LEU C 261 -21.76 -14.58 -32.03
CA LEU C 261 -21.50 -14.59 -33.47
C LEU C 261 -20.48 -13.54 -33.83
N PRO C 262 -19.49 -13.86 -34.66
CA PRO C 262 -18.60 -12.83 -35.19
C PRO C 262 -19.31 -11.98 -36.22
N ASP C 263 -18.61 -10.96 -36.70
CA ASP C 263 -19.20 -10.05 -37.66
C ASP C 263 -19.53 -10.77 -38.96
N ASN C 264 -20.64 -10.37 -39.59
CA ASN C 264 -21.03 -10.85 -40.92
C ASN C 264 -21.36 -12.34 -40.91
N THR C 265 -21.94 -12.81 -39.81
CA THR C 265 -22.43 -14.19 -39.72
C THR C 265 -23.89 -14.17 -39.27
N GLN C 266 -24.59 -15.25 -39.60
CA GLN C 266 -26.01 -15.38 -39.27
C GLN C 266 -26.30 -16.81 -38.85
N ALA C 267 -27.03 -16.96 -37.75
CA ALA C 267 -27.44 -18.27 -37.26
C ALA C 267 -28.77 -18.65 -37.90
N VAL C 268 -28.82 -19.80 -38.55
CA VAL C 268 -30.01 -20.28 -39.24
C VAL C 268 -30.52 -21.50 -38.48
N ILE C 269 -31.66 -21.33 -37.81
CA ILE C 269 -32.23 -22.38 -36.96
C ILE C 269 -33.22 -23.20 -37.79
N ASP C 270 -33.09 -24.53 -37.71
CA ASP C 270 -34.02 -25.45 -38.36
C ASP C 270 -35.13 -25.75 -37.36
N GLU C 271 -36.30 -25.14 -37.58
CA GLU C 271 -37.38 -25.29 -36.60
C GLU C 271 -37.95 -26.71 -36.60
N SER C 272 -37.85 -27.42 -37.72
CA SER C 272 -38.34 -28.79 -37.77
C SER C 272 -37.38 -29.78 -37.11
N SER C 273 -36.23 -29.32 -36.62
CA SER C 273 -35.27 -30.22 -36.00
C SER C 273 -35.69 -30.67 -34.60
N TRP C 274 -36.74 -30.07 -34.04
CA TRP C 274 -37.23 -30.51 -32.74
C TRP C 274 -38.66 -30.04 -32.55
N GLN C 275 -39.37 -30.71 -31.66
CA GLN C 275 -40.73 -30.35 -31.28
C GLN C 275 -40.70 -29.68 -29.93
N TRP C 276 -41.45 -28.58 -29.79
CA TRP C 276 -41.54 -27.91 -28.51
C TRP C 276 -42.06 -28.87 -27.45
N PRO C 277 -41.51 -28.85 -26.24
CA PRO C 277 -42.20 -29.51 -25.12
C PRO C 277 -43.60 -28.96 -24.98
N GLU C 278 -44.53 -29.82 -24.57
CA GLU C 278 -45.95 -29.47 -24.63
C GLU C 278 -46.28 -28.23 -23.81
N VAL C 279 -45.49 -27.95 -22.77
CA VAL C 279 -45.75 -26.78 -21.95
C VAL C 279 -45.67 -25.50 -22.77
N PHE C 280 -44.78 -25.46 -23.76
CA PHE C 280 -44.64 -24.26 -24.58
C PHE C 280 -45.76 -24.15 -25.60
N ASN C 281 -46.24 -25.28 -26.12
CA ASN C 281 -47.42 -25.25 -26.97
C ASN C 281 -48.64 -24.80 -26.18
N TRP C 282 -48.76 -25.23 -24.92
CA TRP C 282 -49.88 -24.79 -24.10
C TRP C 282 -49.82 -23.29 -23.87
N LEU C 283 -48.64 -22.75 -23.59
CA LEU C 283 -48.53 -21.32 -23.32
C LEU C 283 -48.85 -20.49 -24.54
N GLN C 284 -48.38 -20.91 -25.73
N GLN C 284 -48.38 -20.91 -25.73
CA GLN C 284 -48.68 -20.15 -26.94
CA GLN C 284 -48.67 -20.17 -26.95
C GLN C 284 -50.16 -20.17 -27.25
C GLN C 284 -50.16 -20.17 -27.24
N THR C 285 -50.81 -21.32 -27.12
CA THR C 285 -52.24 -21.41 -27.40
C THR C 285 -53.05 -20.64 -26.36
N ALA C 286 -52.76 -20.85 -25.07
CA ALA C 286 -53.50 -20.17 -24.02
C ALA C 286 -53.24 -18.67 -24.03
N GLY C 287 -52.05 -18.25 -24.43
CA GLY C 287 -51.68 -16.85 -24.46
C GLY C 287 -51.85 -16.14 -25.78
N ASN C 288 -52.22 -16.86 -26.85
CA ASN C 288 -52.36 -16.30 -28.19
C ASN C 288 -51.08 -15.57 -28.61
N VAL C 289 -49.93 -16.20 -28.32
CA VAL C 289 -48.65 -15.53 -28.35
C VAL C 289 -48.08 -15.60 -29.76
N GLU C 290 -47.55 -14.48 -30.23
CA GLU C 290 -46.90 -14.40 -31.54
C GLU C 290 -45.71 -15.34 -31.63
N HIS C 291 -45.45 -15.84 -32.84
CA HIS C 291 -44.34 -16.76 -33.05
C HIS C 291 -43.01 -16.15 -32.61
N HIS C 292 -42.76 -14.90 -32.97
CA HIS C 292 -41.50 -14.25 -32.61
C HIS C 292 -41.36 -14.09 -31.10
N GLU C 293 -42.44 -13.71 -30.43
CA GLU C 293 -42.37 -13.47 -28.99
C GLU C 293 -42.13 -14.76 -28.21
N MET C 294 -42.62 -15.90 -28.70
CA MET C 294 -42.34 -17.18 -28.05
C MET C 294 -40.84 -17.45 -27.99
N TYR C 295 -40.11 -17.13 -29.06
CA TYR C 295 -38.67 -17.33 -29.07
C TYR C 295 -37.89 -16.21 -28.40
N ARG C 296 -38.55 -15.10 -28.05
CA ARG C 296 -37.91 -14.05 -27.27
C ARG C 296 -38.17 -14.21 -25.78
N THR C 297 -39.36 -14.68 -25.41
CA THR C 297 -39.75 -14.82 -24.02
C THR C 297 -39.36 -16.18 -23.44
N PHE C 298 -39.47 -17.25 -24.23
CA PHE C 298 -39.25 -18.60 -23.75
C PHE C 298 -38.13 -19.26 -24.53
N ASN C 299 -37.50 -20.26 -23.91
CA ASN C 299 -36.46 -21.04 -24.57
C ASN C 299 -37.02 -22.09 -25.51
N CYS C 300 -38.31 -22.41 -25.39
CA CYS C 300 -39.02 -23.29 -26.32
C CYS C 300 -38.37 -24.67 -26.42
N GLY C 301 -37.75 -25.11 -25.33
CA GLY C 301 -37.14 -26.43 -25.27
C GLY C 301 -35.64 -26.47 -25.46
N VAL C 302 -35.00 -25.33 -25.66
CA VAL C 302 -33.56 -25.28 -25.94
C VAL C 302 -32.92 -24.43 -24.85
N GLY C 303 -32.09 -25.04 -24.02
CA GLY C 303 -31.42 -24.33 -22.95
C GLY C 303 -30.06 -23.78 -23.35
N MET C 304 -29.38 -24.48 -24.26
CA MET C 304 -28.05 -24.06 -24.72
C MET C 304 -27.89 -24.38 -26.19
N ILE C 305 -27.05 -23.59 -26.86
CA ILE C 305 -26.66 -23.81 -28.24
C ILE C 305 -25.14 -23.72 -28.33
N ILE C 306 -24.53 -24.69 -29.01
CA ILE C 306 -23.08 -24.81 -29.08
C ILE C 306 -22.68 -24.79 -30.55
N ALA C 307 -21.71 -23.94 -30.89
CA ALA C 307 -21.16 -23.86 -32.23
C ALA C 307 -19.84 -24.62 -32.29
N LEU C 308 -19.64 -25.39 -33.35
CA LEU C 308 -18.49 -26.26 -33.47
C LEU C 308 -18.36 -26.69 -34.93
N PRO C 309 -17.18 -27.16 -35.34
CA PRO C 309 -17.00 -27.55 -36.75
C PRO C 309 -17.92 -28.69 -37.15
N ALA C 310 -18.38 -28.64 -38.40
CA ALA C 310 -19.26 -29.68 -38.92
C ALA C 310 -18.69 -31.09 -38.83
N PRO C 311 -17.40 -31.35 -39.07
CA PRO C 311 -16.90 -32.73 -38.94
C PRO C 311 -16.87 -33.27 -37.52
N GLU C 312 -17.38 -32.53 -36.53
CA GLU C 312 -17.35 -32.97 -35.14
C GLU C 312 -18.75 -33.10 -34.55
N VAL C 313 -19.80 -32.95 -35.37
CA VAL C 313 -21.16 -32.89 -34.85
C VAL C 313 -21.57 -34.23 -34.26
N ASP C 314 -21.42 -35.31 -35.03
CA ASP C 314 -21.89 -36.62 -34.58
C ASP C 314 -21.12 -37.09 -33.36
N LYS C 315 -19.81 -36.78 -33.29
CA LYS C 315 -19.04 -37.11 -32.10
C LYS C 315 -19.53 -36.33 -30.89
N ALA C 316 -19.78 -35.03 -31.07
CA ALA C 316 -20.26 -34.20 -29.97
C ALA C 316 -21.63 -34.66 -29.49
N LEU C 317 -22.53 -34.99 -30.42
CA LEU C 317 -23.87 -35.44 -30.04
C LEU C 317 -23.81 -36.73 -29.25
N ALA C 318 -22.94 -37.66 -29.66
CA ALA C 318 -22.80 -38.92 -28.92
C ALA C 318 -22.31 -38.66 -27.49
N LEU C 319 -21.35 -37.75 -27.32
CA LEU C 319 -20.87 -37.42 -25.98
C LEU C 319 -21.98 -36.78 -25.15
N LEU C 320 -22.70 -35.82 -25.72
CA LEU C 320 -23.72 -35.10 -24.97
C LEU C 320 -24.88 -36.02 -24.59
N ASN C 321 -25.35 -36.84 -25.55
CA ASN C 321 -26.49 -37.70 -25.26
C ASN C 321 -26.13 -38.81 -24.29
N ALA C 322 -24.86 -39.19 -24.22
CA ALA C 322 -24.41 -40.19 -23.26
C ALA C 322 -24.30 -39.65 -21.84
N ASN C 323 -24.58 -38.36 -21.64
CA ASN C 323 -24.48 -37.72 -20.33
C ASN C 323 -25.81 -37.15 -19.87
N GLY C 324 -26.90 -37.79 -20.26
CA GLY C 324 -28.21 -37.34 -19.84
C GLY C 324 -28.70 -36.07 -20.51
N GLU C 325 -28.03 -35.61 -21.57
CA GLU C 325 -28.49 -34.45 -22.31
C GLU C 325 -29.39 -34.87 -23.46
N ASN C 326 -30.31 -33.98 -23.83
CA ASN C 326 -31.13 -34.13 -25.03
C ASN C 326 -30.52 -33.21 -26.08
N ALA C 327 -29.59 -33.75 -26.87
CA ALA C 327 -28.81 -32.96 -27.80
C ALA C 327 -29.15 -33.34 -29.24
N TRP C 328 -29.25 -32.34 -30.10
CA TRP C 328 -29.51 -32.55 -31.52
C TRP C 328 -28.91 -31.42 -32.32
N LYS C 329 -28.79 -31.65 -33.63
CA LYS C 329 -28.35 -30.61 -34.56
C LYS C 329 -29.52 -29.66 -34.83
N ILE C 330 -29.38 -28.41 -34.40
CA ILE C 330 -30.47 -27.45 -34.51
C ILE C 330 -30.30 -26.47 -35.67
N GLY C 331 -29.08 -26.23 -36.13
CA GLY C 331 -28.90 -25.29 -37.22
C GLY C 331 -27.46 -25.21 -37.67
N ILE C 332 -27.16 -24.10 -38.36
CA ILE C 332 -25.85 -23.87 -38.97
C ILE C 332 -25.60 -22.38 -38.99
N ILE C 333 -24.32 -22.01 -39.04
CA ILE C 333 -23.91 -20.62 -39.16
C ILE C 333 -23.48 -20.35 -40.60
N LYS C 334 -24.01 -19.28 -41.18
CA LYS C 334 -23.70 -18.89 -42.54
C LYS C 334 -23.09 -17.50 -42.57
N ALA C 335 -22.32 -17.23 -43.62
CA ALA C 335 -21.83 -15.88 -43.87
C ALA C 335 -22.96 -15.03 -44.46
N SER C 336 -23.19 -13.87 -43.86
CA SER C 336 -24.32 -13.05 -44.26
C SER C 336 -24.13 -11.62 -43.77
N ASP C 337 -24.48 -10.65 -44.61
CA ASP C 337 -24.49 -9.25 -44.23
C ASP C 337 -25.83 -8.81 -43.64
N SER C 338 -26.78 -9.73 -43.50
CA SER C 338 -28.11 -9.38 -43.02
C SER C 338 -28.06 -8.81 -41.61
N GLU C 339 -28.92 -7.82 -41.36
CA GLU C 339 -29.05 -7.28 -40.01
C GLU C 339 -29.77 -8.25 -39.08
N GLN C 340 -30.44 -9.27 -39.63
CA GLN C 340 -31.11 -10.29 -38.84
C GLN C 340 -30.08 -11.36 -38.50
N ARG C 341 -29.50 -11.28 -37.30
CA ARG C 341 -28.44 -12.20 -36.92
C ARG C 341 -28.95 -13.61 -36.66
N VAL C 342 -30.23 -13.78 -36.38
CA VAL C 342 -30.84 -15.09 -36.16
C VAL C 342 -32.11 -15.18 -36.99
N VAL C 343 -32.22 -16.26 -37.76
CA VAL C 343 -33.43 -16.57 -38.51
C VAL C 343 -33.86 -17.98 -38.16
N ILE C 344 -35.17 -18.19 -38.16
CA ILE C 344 -35.76 -19.51 -37.90
C ILE C 344 -36.45 -19.94 -39.18
N GLU C 345 -35.92 -20.99 -39.82
CA GLU C 345 -36.39 -21.39 -41.13
C GLU C 345 -36.66 -22.90 -41.18
N ASN D 20 -30.42 1.16 -20.85
CA ASN D 20 -29.84 1.89 -21.96
C ASN D 20 -29.30 3.25 -21.51
N ALA D 21 -30.06 3.92 -20.64
CA ALA D 21 -29.61 5.18 -20.08
C ALA D 21 -28.67 4.98 -18.89
N LEU D 22 -28.90 3.92 -18.11
CA LEU D 22 -28.06 3.66 -16.94
C LEU D 22 -26.70 3.09 -17.33
N VAL D 23 -26.63 2.29 -18.40
CA VAL D 23 -25.36 1.73 -18.82
C VAL D 23 -24.40 2.80 -19.33
N GLY D 24 -24.92 3.97 -19.70
CA GLY D 24 -24.05 5.05 -20.12
C GLY D 24 -23.17 5.59 -19.01
N ARG D 25 -23.66 5.53 -17.78
CA ARG D 25 -22.87 5.96 -16.62
C ARG D 25 -22.10 4.82 -15.97
N ILE D 26 -22.56 3.58 -16.14
CA ILE D 26 -21.85 2.45 -15.56
C ILE D 26 -20.57 2.16 -16.32
N LYS D 27 -20.52 2.50 -17.61
CA LYS D 27 -19.37 2.16 -18.43
C LYS D 27 -18.08 2.79 -17.91
N GLY D 28 -18.14 4.07 -17.53
CA GLY D 28 -16.96 4.74 -17.00
C GLY D 28 -16.54 4.19 -15.66
N VAL D 29 -17.50 3.75 -14.85
CA VAL D 29 -17.19 3.18 -13.54
C VAL D 29 -16.39 1.89 -13.70
N VAL D 30 -16.94 0.94 -14.45
CA VAL D 30 -16.25 -0.33 -14.68
C VAL D 30 -14.89 -0.10 -15.34
N LYS D 31 -14.79 0.94 -16.16
CA LYS D 31 -13.53 1.23 -16.84
C LYS D 31 -12.49 1.78 -15.86
N LYS D 32 -12.87 2.76 -15.05
CA LYS D 32 -11.89 3.46 -14.21
C LYS D 32 -11.42 2.64 -13.02
N THR D 33 -12.17 1.62 -12.62
CA THR D 33 -11.77 0.76 -11.51
C THR D 33 -10.93 -0.43 -11.99
N ARG D 34 -10.68 -0.55 -13.29
CA ARG D 34 -10.03 -1.73 -13.85
C ARG D 34 -8.62 -1.89 -13.30
N ARG D 35 -8.29 -3.11 -12.91
CA ARG D 35 -6.96 -3.53 -12.52
C ARG D 35 -6.25 -4.18 -13.69
N PRO D 36 -4.92 -4.28 -13.64
CA PRO D 36 -4.20 -5.01 -14.70
C PRO D 36 -4.63 -6.47 -14.81
N GLU D 37 -5.08 -7.09 -13.72
CA GLU D 37 -5.50 -8.47 -13.76
C GLU D 37 -6.80 -8.67 -14.52
N VAL D 38 -7.62 -7.62 -14.67
CA VAL D 38 -8.92 -7.75 -15.29
C VAL D 38 -8.77 -7.93 -16.79
N MET D 39 -9.54 -8.86 -17.35
CA MET D 39 -9.51 -9.11 -18.79
C MET D 39 -10.85 -8.76 -19.42
N GLY D 46 -20.07 -12.67 -17.21
CA GLY D 46 -18.88 -13.49 -16.99
C GLY D 46 -17.59 -12.68 -17.08
N ALA D 47 -17.26 -11.97 -16.01
CA ALA D 47 -16.07 -11.15 -15.98
C ALA D 47 -14.82 -12.01 -15.82
N LEU D 48 -13.73 -11.57 -16.45
CA LEU D 48 -12.46 -12.29 -16.46
C LEU D 48 -11.43 -11.51 -15.67
N CYS D 49 -10.77 -12.18 -14.73
CA CYS D 49 -9.74 -11.54 -13.92
C CYS D 49 -8.68 -12.57 -13.56
N ALA D 50 -7.43 -12.29 -13.93
CA ALA D 50 -6.34 -13.18 -13.57
C ALA D 50 -5.97 -13.01 -12.10
N LEU D 51 -5.17 -13.95 -11.60
CA LEU D 51 -4.67 -13.85 -10.24
C LEU D 51 -3.43 -12.95 -10.22
N PRO D 52 -3.29 -12.11 -9.20
CA PRO D 52 -2.06 -11.30 -9.07
C PRO D 52 -0.84 -12.19 -9.00
N GLN D 53 0.27 -11.70 -9.58
CA GLN D 53 1.44 -12.53 -9.76
C GLN D 53 2.17 -12.82 -8.45
N LYS D 54 2.02 -11.94 -7.45
CA LYS D 54 2.81 -12.07 -6.23
C LYS D 54 2.49 -13.33 -5.44
N TYR D 55 1.32 -13.95 -5.67
CA TYR D 55 0.86 -15.06 -4.85
C TYR D 55 1.36 -16.37 -5.42
N ARG D 56 2.00 -17.17 -4.56
CA ARG D 56 2.48 -18.50 -4.94
C ARG D 56 1.41 -19.57 -4.71
N GLU D 57 0.70 -19.51 -3.58
CA GLU D 57 -0.40 -20.41 -3.27
C GLU D 57 -1.65 -19.57 -3.00
N PRO D 58 -2.25 -18.99 -4.04
CA PRO D 58 -3.36 -18.06 -3.82
C PRO D 58 -4.59 -18.78 -3.29
N VAL D 59 -5.19 -18.20 -2.24
CA VAL D 59 -6.43 -18.67 -1.65
C VAL D 59 -7.46 -17.57 -1.81
N LEU D 60 -8.64 -17.93 -2.31
CA LEU D 60 -9.68 -16.95 -2.58
C LEU D 60 -10.56 -16.76 -1.35
N VAL D 61 -10.71 -15.51 -0.93
CA VAL D 61 -11.58 -15.14 0.17
C VAL D 61 -12.75 -14.35 -0.41
N SER D 62 -13.97 -14.73 -0.02
CA SER D 62 -15.18 -14.17 -0.63
C SER D 62 -16.16 -13.74 0.45
N GLY D 63 -17.10 -12.88 0.06
CA GLY D 63 -18.11 -12.38 0.95
C GLY D 63 -19.22 -11.64 0.23
N THR D 64 -20.44 -11.70 0.78
CA THR D 64 -21.58 -10.97 0.25
C THR D 64 -22.23 -10.17 1.37
N ASP D 65 -22.90 -9.09 0.99
CA ASP D 65 -23.51 -8.22 1.98
C ASP D 65 -24.68 -7.45 1.38
N GLY D 66 -25.42 -6.79 2.27
CA GLY D 66 -26.31 -5.72 1.89
C GLY D 66 -26.13 -4.56 2.85
N VAL D 67 -26.59 -3.39 2.42
CA VAL D 67 -26.48 -2.21 3.27
C VAL D 67 -27.39 -2.35 4.48
N GLY D 68 -28.64 -2.75 4.26
CA GLY D 68 -29.57 -2.95 5.35
C GLY D 68 -30.48 -1.77 5.59
N THR D 69 -30.93 -1.59 6.83
CA THR D 69 -31.89 -0.56 7.17
C THR D 69 -31.38 0.84 6.83
N LYS D 70 -30.05 1.03 6.78
CA LYS D 70 -29.50 2.33 6.41
C LYS D 70 -30.00 2.79 5.04
N LEU D 71 -30.30 1.84 4.14
CA LEU D 71 -30.84 2.20 2.84
C LEU D 71 -32.17 2.93 2.98
N ARG D 72 -33.02 2.48 3.90
CA ARG D 72 -34.30 3.15 4.14
C ARG D 72 -34.09 4.57 4.64
N LEU D 73 -33.11 4.77 5.52
CA LEU D 73 -32.84 6.11 6.03
C LEU D 73 -32.28 7.02 4.95
N ALA D 74 -31.41 6.50 4.09
CA ALA D 74 -30.89 7.28 2.98
C ALA D 74 -32.00 7.63 2.00
N MET D 75 -32.94 6.70 1.80
CA MET D 75 -34.10 6.99 0.95
C MET D 75 -34.95 8.10 1.55
N ASP D 76 -35.24 8.01 2.85
CA ASP D 76 -36.12 8.99 3.49
C ASP D 76 -35.54 10.40 3.43
N LEU D 77 -34.21 10.51 3.51
CA LEU D 77 -33.54 11.79 3.49
C LEU D 77 -32.97 12.16 2.12
N LYS D 78 -33.21 11.32 1.11
CA LYS D 78 -32.78 11.59 -0.27
C LYS D 78 -31.27 11.76 -0.37
N ARG D 79 -30.52 11.09 0.48
CA ARG D 79 -29.06 11.12 0.48
C ARG D 79 -28.56 9.74 0.05
N HIS D 80 -28.63 9.48 -1.25
CA HIS D 80 -28.19 8.20 -1.82
C HIS D 80 -26.73 8.21 -2.24
N ASP D 81 -25.99 9.30 -1.98
CA ASP D 81 -24.73 9.55 -2.67
C ASP D 81 -23.57 8.70 -2.15
N THR D 82 -23.66 8.16 -0.93
CA THR D 82 -22.57 7.35 -0.40
C THR D 82 -23.04 5.97 0.05
N ILE D 83 -24.26 5.56 -0.29
CA ILE D 83 -24.72 4.25 0.14
C ILE D 83 -23.94 3.14 -0.56
N GLY D 84 -23.42 3.42 -1.75
CA GLY D 84 -22.61 2.43 -2.45
C GLY D 84 -21.26 2.22 -1.79
N ILE D 85 -20.72 3.27 -1.19
CA ILE D 85 -19.50 3.11 -0.39
C ILE D 85 -19.76 2.17 0.77
N ASP D 86 -20.91 2.32 1.43
CA ASP D 86 -21.31 1.40 2.49
C ASP D 86 -21.32 -0.04 1.99
N LEU D 87 -21.88 -0.25 0.80
CA LEU D 87 -21.96 -1.60 0.24
C LEU D 87 -20.58 -2.21 0.05
N VAL D 88 -19.67 -1.47 -0.57
CA VAL D 88 -18.33 -2.01 -0.80
C VAL D 88 -17.58 -2.18 0.51
N ALA D 89 -17.70 -1.20 1.41
CA ALA D 89 -16.91 -1.20 2.64
C ALA D 89 -17.17 -2.45 3.47
N MET D 90 -18.44 -2.80 3.65
CA MET D 90 -18.77 -3.98 4.46
C MET D 90 -18.22 -5.26 3.83
N CYS D 91 -18.25 -5.34 2.50
CA CYS D 91 -17.67 -6.49 1.81
C CYS D 91 -16.15 -6.55 2.00
N VAL D 92 -15.45 -5.47 1.68
CA VAL D 92 -13.99 -5.52 1.65
C VAL D 92 -13.39 -5.53 3.06
N ASN D 93 -14.07 -4.93 4.03
CA ASN D 93 -13.54 -4.94 5.39
C ASN D 93 -13.55 -6.34 5.98
N ASP D 94 -14.49 -7.19 5.57
CA ASP D 94 -14.50 -8.57 6.01
C ASP D 94 -13.43 -9.40 5.31
N LEU D 95 -13.04 -9.02 4.09
CA LEU D 95 -11.99 -9.75 3.39
C LEU D 95 -10.63 -9.49 4.02
N VAL D 96 -10.27 -8.22 4.18
CA VAL D 96 -8.94 -7.86 4.65
C VAL D 96 -8.71 -8.32 6.09
N VAL D 97 -9.78 -8.61 6.83
CA VAL D 97 -9.67 -9.16 8.17
C VAL D 97 -8.88 -10.46 8.16
N GLN D 98 -8.98 -11.24 7.09
CA GLN D 98 -8.26 -12.48 6.94
C GLN D 98 -6.95 -12.33 6.17
N GLY D 99 -6.54 -11.09 5.89
CA GLY D 99 -5.33 -10.83 5.14
C GLY D 99 -5.49 -10.78 3.65
N ALA D 100 -6.72 -10.80 3.14
CA ALA D 100 -6.95 -10.90 1.71
C ALA D 100 -6.90 -9.54 1.04
N GLU D 101 -6.30 -9.49 -0.15
CA GLU D 101 -6.29 -8.30 -0.98
C GLU D 101 -7.55 -8.29 -1.85
N PRO D 102 -8.43 -7.30 -1.71
CA PRO D 102 -9.64 -7.29 -2.55
C PRO D 102 -9.30 -7.23 -4.03
N LEU D 103 -9.92 -8.12 -4.80
CA LEU D 103 -9.61 -8.27 -6.22
C LEU D 103 -10.71 -7.73 -7.13
N PHE D 104 -11.95 -8.19 -6.98
CA PHE D 104 -13.03 -7.66 -7.79
C PHE D 104 -14.34 -7.69 -7.01
N PHE D 105 -15.31 -6.91 -7.51
CA PHE D 105 -16.57 -6.66 -6.84
C PHE D 105 -17.71 -6.72 -7.85
N LEU D 106 -18.85 -7.25 -7.41
CA LEU D 106 -20.07 -7.27 -8.23
C LEU D 106 -21.24 -6.86 -7.35
N ASP D 107 -22.29 -6.35 -7.98
CA ASP D 107 -23.49 -5.94 -7.25
C ASP D 107 -24.73 -6.40 -8.00
N TYR D 108 -25.78 -6.72 -7.23
CA TYR D 108 -27.08 -7.07 -7.77
C TYR D 108 -28.08 -6.00 -7.33
N TYR D 109 -28.62 -5.26 -8.29
CA TYR D 109 -29.50 -4.13 -8.02
C TYR D 109 -30.93 -4.55 -8.34
N ALA D 110 -31.73 -4.75 -7.30
CA ALA D 110 -33.13 -5.16 -7.44
C ALA D 110 -34.03 -4.01 -7.03
N THR D 111 -34.97 -3.65 -7.90
CA THR D 111 -35.86 -2.53 -7.64
C THR D 111 -37.21 -2.81 -8.31
N GLY D 112 -38.21 -2.00 -7.94
CA GLY D 112 -39.52 -2.09 -8.55
C GLY D 112 -39.57 -1.36 -9.88
N LYS D 113 -39.39 -0.05 -9.83
CA LYS D 113 -39.21 0.77 -11.03
C LYS D 113 -37.82 1.40 -10.98
N LEU D 114 -37.07 1.24 -12.06
CA LEU D 114 -35.69 1.71 -12.09
C LEU D 114 -35.66 3.23 -12.11
N ASP D 115 -35.12 3.82 -11.04
CA ASP D 115 -34.84 5.26 -11.00
C ASP D 115 -33.38 5.45 -11.41
N VAL D 116 -33.17 5.99 -12.60
CA VAL D 116 -31.83 6.04 -13.19
C VAL D 116 -30.91 6.93 -12.35
N ASP D 117 -31.43 8.07 -11.87
CA ASP D 117 -30.61 8.94 -11.03
C ASP D 117 -30.21 8.26 -9.74
N THR D 118 -31.13 7.54 -9.12
CA THR D 118 -30.82 6.84 -7.86
C THR D 118 -29.81 5.72 -8.09
N ALA D 119 -30.01 4.92 -9.14
CA ALA D 119 -29.08 3.83 -9.43
C ALA D 119 -27.70 4.38 -9.79
N SER D 120 -27.66 5.50 -10.53
CA SER D 120 -26.38 6.10 -10.89
C SER D 120 -25.62 6.55 -9.65
N ALA D 121 -26.32 7.12 -8.68
CA ALA D 121 -25.66 7.54 -7.44
C ALA D 121 -25.12 6.34 -6.67
N VAL D 122 -25.85 5.22 -6.69
CA VAL D 122 -25.39 4.02 -6.01
C VAL D 122 -24.15 3.45 -6.70
N ILE D 123 -24.20 3.33 -8.03
CA ILE D 123 -23.05 2.84 -8.78
C ILE D 123 -21.85 3.76 -8.59
N SER D 124 -22.10 5.08 -8.51
CA SER D 124 -21.02 6.03 -8.26
C SER D 124 -20.38 5.78 -6.91
N GLY D 125 -21.19 5.51 -5.89
CA GLY D 125 -20.64 5.18 -4.58
C GLY D 125 -19.89 3.86 -4.59
N ILE D 126 -20.41 2.87 -5.30
CA ILE D 126 -19.71 1.59 -5.45
C ILE D 126 -18.36 1.81 -6.12
N ALA D 127 -18.32 2.68 -7.14
CA ALA D 127 -17.06 3.03 -7.78
C ALA D 127 -16.07 3.59 -6.78
N GLU D 128 -16.52 4.52 -5.95
CA GLU D 128 -15.64 5.13 -4.96
C GLU D 128 -15.09 4.09 -3.98
N GLY D 129 -15.94 3.16 -3.54
CA GLY D 129 -15.49 2.13 -2.62
C GLY D 129 -14.47 1.20 -3.25
N CYS D 130 -14.70 0.81 -4.50
CA CYS D 130 -13.75 -0.07 -5.19
C CYS D 130 -12.41 0.61 -5.38
N LEU D 131 -12.42 1.91 -5.72
CA LEU D 131 -11.18 2.65 -5.90
C LEU D 131 -10.39 2.73 -4.60
N GLN D 132 -11.08 3.03 -3.50
CA GLN D 132 -10.43 3.02 -2.19
C GLN D 132 -9.92 1.63 -1.83
N SER D 133 -10.64 0.59 -2.24
CA SER D 133 -10.29 -0.77 -1.87
C SER D 133 -9.24 -1.37 -2.79
N GLY D 134 -9.01 -0.77 -3.96
CA GLY D 134 -8.08 -1.33 -4.92
C GLY D 134 -8.62 -2.49 -5.73
N CYS D 135 -9.91 -2.78 -5.63
CA CYS D 135 -10.54 -3.82 -6.42
C CYS D 135 -11.33 -3.20 -7.57
N SER D 136 -11.64 -4.05 -8.55
CA SER D 136 -12.33 -3.62 -9.76
C SER D 136 -13.80 -4.00 -9.71
N LEU D 137 -14.67 -3.10 -10.15
CA LEU D 137 -16.07 -3.43 -10.38
C LEU D 137 -16.16 -4.08 -11.75
N VAL D 138 -16.36 -5.40 -11.78
CA VAL D 138 -16.23 -6.18 -13.00
C VAL D 138 -17.56 -6.70 -13.52
N GLY D 139 -18.65 -6.50 -12.79
CA GLY D 139 -19.94 -7.00 -13.25
C GLY D 139 -21.06 -6.56 -12.34
N GLY D 140 -22.27 -6.89 -12.76
CA GLY D 140 -23.45 -6.54 -12.02
C GLY D 140 -24.69 -6.79 -12.84
N GLU D 141 -25.83 -6.64 -12.17
CA GLU D 141 -27.12 -6.83 -12.83
C GLU D 141 -28.15 -5.90 -12.21
N THR D 142 -29.01 -5.33 -13.05
CA THR D 142 -30.14 -4.53 -12.61
C THR D 142 -31.42 -5.27 -13.01
N ALA D 143 -32.27 -5.53 -12.02
CA ALA D 143 -33.49 -6.30 -12.24
C ALA D 143 -34.69 -5.52 -11.73
N GLU D 144 -35.79 -5.60 -12.47
CA GLU D 144 -37.05 -4.95 -12.11
C GLU D 144 -38.07 -6.01 -11.75
N MET D 145 -38.54 -5.97 -10.49
CA MET D 145 -39.62 -6.84 -10.01
C MET D 145 -40.68 -5.94 -9.39
N PRO D 146 -41.49 -5.28 -10.20
CA PRO D 146 -42.48 -4.33 -9.66
C PRO D 146 -43.50 -4.96 -8.73
N GLY D 147 -43.75 -6.26 -8.86
CA GLY D 147 -44.70 -6.92 -7.98
C GLY D 147 -44.20 -7.21 -6.60
N MET D 148 -42.92 -6.98 -6.32
CA MET D 148 -42.33 -7.24 -5.03
C MET D 148 -41.78 -6.00 -4.34
N TYR D 149 -41.23 -5.05 -5.09
CA TYR D 149 -40.75 -3.79 -4.52
C TYR D 149 -41.78 -2.70 -4.79
N HIS D 150 -42.31 -2.11 -3.73
CA HIS D 150 -43.33 -1.07 -3.84
C HIS D 150 -42.65 0.29 -3.96
N GLY D 151 -43.09 1.07 -4.94
CA GLY D 151 -42.54 2.39 -5.14
C GLY D 151 -41.10 2.36 -5.61
N GLU D 152 -40.32 3.34 -5.14
CA GLU D 152 -38.94 3.51 -5.54
C GLU D 152 -37.97 2.69 -4.70
N ASP D 153 -38.48 1.72 -3.94
CA ASP D 153 -37.60 0.90 -3.09
C ASP D 153 -36.66 0.07 -3.96
N TYR D 154 -35.44 -0.11 -3.46
CA TYR D 154 -34.45 -0.94 -4.11
C TYR D 154 -33.59 -1.62 -3.07
N ASP D 155 -33.08 -2.80 -3.41
CA ASP D 155 -32.21 -3.57 -2.53
C ASP D 155 -30.98 -3.98 -3.33
N VAL D 156 -29.80 -3.67 -2.80
CA VAL D 156 -28.55 -3.90 -3.51
C VAL D 156 -27.74 -4.92 -2.72
N ALA D 157 -27.34 -5.99 -3.39
CA ALA D 157 -26.46 -7.00 -2.82
C ALA D 157 -25.05 -6.81 -3.35
N GLY D 158 -24.07 -6.86 -2.46
CA GLY D 158 -22.67 -6.73 -2.83
C GLY D 158 -21.97 -8.07 -2.74
N PHE D 159 -20.91 -8.23 -3.55
CA PHE D 159 -20.16 -9.47 -3.60
C PHE D 159 -18.72 -9.14 -3.94
N CYS D 160 -17.78 -9.67 -3.17
N CYS D 160 -17.79 -9.72 -3.19
CA CYS D 160 -16.37 -9.36 -3.37
CA CYS D 160 -16.38 -9.39 -3.28
C CYS D 160 -15.52 -10.60 -3.22
C CYS D 160 -15.56 -10.67 -3.27
N VAL D 161 -14.43 -10.64 -3.97
CA VAL D 161 -13.47 -11.73 -3.95
C VAL D 161 -12.08 -11.15 -3.70
N GLY D 162 -11.38 -11.69 -2.69
CA GLY D 162 -10.04 -11.29 -2.38
C GLY D 162 -9.08 -12.46 -2.48
N VAL D 163 -7.79 -12.15 -2.43
CA VAL D 163 -6.74 -13.16 -2.55
C VAL D 163 -5.78 -13.02 -1.38
N VAL D 164 -5.41 -14.14 -0.77
CA VAL D 164 -4.45 -14.17 0.32
C VAL D 164 -3.51 -15.35 0.09
N GLU D 165 -2.24 -15.16 0.43
CA GLU D 165 -1.28 -16.26 0.37
C GLU D 165 -1.63 -17.30 1.42
N LYS D 166 -1.62 -18.58 1.02
CA LYS D 166 -2.11 -19.65 1.89
C LYS D 166 -1.39 -19.67 3.23
N SER D 167 -0.08 -19.45 3.22
CA SER D 167 0.70 -19.47 4.45
C SER D 167 0.50 -18.23 5.31
N GLU D 168 -0.19 -17.21 4.81
CA GLU D 168 -0.37 -15.95 5.52
C GLU D 168 -1.82 -15.70 5.93
N ILE D 169 -2.67 -16.71 5.85
CA ILE D 169 -4.05 -16.55 6.28
C ILE D 169 -4.10 -16.21 7.76
N ILE D 170 -4.79 -15.11 8.08
CA ILE D 170 -5.02 -14.73 9.48
C ILE D 170 -6.24 -15.51 9.95
N ASP D 171 -6.01 -16.61 10.67
CA ASP D 171 -7.08 -17.50 11.11
C ASP D 171 -7.31 -17.45 12.62
N GLY D 172 -6.68 -16.52 13.32
CA GLY D 172 -6.88 -16.38 14.75
C GLY D 172 -6.24 -17.45 15.61
N SER D 173 -5.54 -18.41 15.02
CA SER D 173 -4.91 -19.47 15.80
C SER D 173 -3.76 -18.94 16.66
N LYS D 174 -3.21 -17.79 16.31
CA LYS D 174 -2.06 -17.22 17.03
C LYS D 174 -2.48 -16.28 18.15
N VAL D 175 -3.77 -16.05 18.35
CA VAL D 175 -4.22 -15.19 19.44
C VAL D 175 -3.88 -15.84 20.77
N SER D 176 -3.23 -15.08 21.66
CA SER D 176 -2.67 -15.65 22.87
C SER D 176 -3.00 -14.77 24.07
N ASP D 177 -2.93 -15.37 25.24
CA ASP D 177 -2.91 -14.63 26.49
C ASP D 177 -1.85 -13.53 26.44
N GLY D 178 -2.24 -12.33 26.87
CA GLY D 178 -1.34 -11.21 26.86
C GLY D 178 -1.34 -10.38 25.59
N ASP D 179 -2.07 -10.82 24.55
CA ASP D 179 -2.20 -10.00 23.35
C ASP D 179 -2.94 -8.71 23.68
N VAL D 180 -2.55 -7.64 23.00
CA VAL D 180 -3.12 -6.32 23.20
C VAL D 180 -4.11 -6.04 22.08
N LEU D 181 -5.18 -5.32 22.41
CA LEU D 181 -6.22 -4.98 21.46
C LEU D 181 -6.06 -3.52 21.03
N ILE D 182 -5.98 -3.30 19.72
CA ILE D 182 -5.90 -1.96 19.15
C ILE D 182 -7.17 -1.69 18.37
N ALA D 183 -7.83 -0.57 18.68
CA ALA D 183 -9.06 -0.19 18.01
C ALA D 183 -8.75 0.75 16.84
N LEU D 184 -9.49 0.58 15.75
CA LEU D 184 -9.50 1.53 14.65
C LEU D 184 -10.82 2.29 14.68
N GLY D 185 -10.74 3.61 14.72
CA GLY D 185 -11.94 4.42 14.86
C GLY D 185 -12.86 4.30 13.65
N SER D 186 -14.16 4.38 13.92
CA SER D 186 -15.15 4.35 12.87
C SER D 186 -15.49 5.77 12.41
N SER D 187 -16.17 5.85 11.27
CA SER D 187 -16.66 7.13 10.76
C SER D 187 -18.07 7.45 11.23
N GLY D 188 -18.66 6.57 12.03
CA GLY D 188 -20.04 6.71 12.44
C GLY D 188 -20.65 5.34 12.69
N PRO D 189 -21.97 5.24 12.63
CA PRO D 189 -22.62 3.94 12.82
C PRO D 189 -22.33 2.94 11.71
N HIS D 190 -21.65 3.36 10.64
CA HIS D 190 -21.36 2.50 9.49
C HIS D 190 -22.64 1.95 8.87
N SER D 191 -22.86 0.64 8.99
CA SER D 191 -24.01 0.03 8.30
C SER D 191 -24.73 -0.99 9.18
N ASN D 192 -24.78 -0.76 10.48
CA ASN D 192 -25.48 -1.66 11.39
C ASN D 192 -26.14 -0.86 12.51
N GLY D 193 -27.31 -1.35 12.94
CA GLY D 193 -28.07 -0.71 13.98
C GLY D 193 -29.00 0.38 13.53
N TYR D 194 -29.26 0.49 12.22
CA TYR D 194 -30.08 1.58 11.71
C TYR D 194 -31.58 1.35 11.91
N SER D 195 -31.99 0.13 12.26
CA SER D 195 -33.37 -0.07 12.70
C SER D 195 -33.63 0.65 14.01
N LEU D 196 -32.66 0.62 14.94
CA LEU D 196 -32.78 1.37 16.17
C LEU D 196 -32.60 2.86 15.93
N VAL D 197 -31.75 3.24 14.96
CA VAL D 197 -31.60 4.65 14.60
C VAL D 197 -32.94 5.23 14.17
N ARG D 198 -33.63 4.54 13.26
CA ARG D 198 -34.94 5.01 12.81
C ARG D 198 -35.93 5.06 13.97
N LYS D 199 -35.89 4.08 14.88
CA LYS D 199 -36.79 4.08 16.02
C LYS D 199 -36.51 5.27 16.94
N ILE D 200 -35.23 5.57 17.18
CA ILE D 200 -34.88 6.69 18.05
C ILE D 200 -35.26 8.01 17.40
N LEU D 201 -35.12 8.11 16.07
CA LEU D 201 -35.55 9.32 15.38
C LEU D 201 -37.06 9.50 15.46
N GLU D 202 -37.81 8.40 15.43
CA GLU D 202 -39.27 8.49 15.50
C GLU D 202 -39.73 9.00 16.86
N VAL D 203 -39.17 8.45 17.94
CA VAL D 203 -39.62 8.85 19.27
C VAL D 203 -39.11 10.25 19.61
N SER D 204 -37.92 10.62 19.13
CA SER D 204 -37.41 11.95 19.42
C SER D 204 -38.13 13.02 18.61
N GLY D 205 -38.57 12.69 17.40
CA GLY D 205 -39.33 13.62 16.58
C GLY D 205 -38.56 14.80 16.05
N CYS D 206 -37.24 14.83 16.22
CA CYS D 206 -36.45 15.95 15.76
C CYS D 206 -36.26 15.89 14.25
N ASP D 207 -35.87 17.03 13.68
CA ASP D 207 -35.55 17.10 12.26
C ASP D 207 -34.07 16.79 12.09
N PRO D 208 -33.72 15.65 11.47
CA PRO D 208 -32.29 15.33 11.31
C PRO D 208 -31.53 16.31 10.44
N GLN D 209 -32.22 17.07 9.58
CA GLN D 209 -31.53 17.99 8.69
C GLN D 209 -31.15 19.30 9.38
N THR D 210 -31.91 19.71 10.40
CA THR D 210 -31.62 20.95 11.11
C THR D 210 -31.02 20.74 12.48
N THR D 211 -31.12 19.56 13.06
CA THR D 211 -30.45 19.26 14.33
C THR D 211 -28.95 19.16 14.07
N GLU D 212 -28.20 20.17 14.50
CA GLU D 212 -26.78 20.26 14.22
C GLU D 212 -25.98 19.56 15.32
N LEU D 213 -24.95 18.81 14.90
CA LEU D 213 -23.98 18.21 15.80
C LEU D 213 -22.59 18.62 15.33
N ASP D 214 -21.90 19.42 16.14
CA ASP D 214 -20.54 19.87 15.83
C ASP D 214 -20.49 20.57 14.48
N GLY D 215 -21.50 21.39 14.20
CA GLY D 215 -21.55 22.18 12.98
C GLY D 215 -22.10 21.48 11.76
N LYS D 216 -22.43 20.19 11.86
CA LYS D 216 -23.00 19.46 10.74
C LYS D 216 -24.33 18.83 11.17
N PRO D 217 -25.27 18.70 10.24
CA PRO D 217 -26.57 18.12 10.59
C PRO D 217 -26.45 16.69 11.10
N LEU D 218 -27.36 16.32 11.99
CA LEU D 218 -27.42 14.95 12.50
C LEU D 218 -27.53 13.94 11.37
N ALA D 219 -28.23 14.31 10.29
CA ALA D 219 -28.38 13.40 9.16
C ALA D 219 -27.03 13.07 8.54
N ASP D 220 -26.13 14.05 8.47
CA ASP D 220 -24.81 13.79 7.91
C ASP D 220 -24.01 12.84 8.79
N HIS D 221 -24.14 12.96 10.11
CA HIS D 221 -23.47 12.04 11.01
C HIS D 221 -24.02 10.63 10.88
N LEU D 222 -25.32 10.49 10.61
CA LEU D 222 -25.95 9.18 10.55
C LEU D 222 -25.70 8.49 9.21
N LEU D 223 -25.68 9.26 8.11
CA LEU D 223 -25.49 8.70 6.78
C LEU D 223 -24.03 8.71 6.34
N ALA D 224 -23.10 9.04 7.23
CA ALA D 224 -21.69 9.05 6.89
C ALA D 224 -21.27 7.69 6.36
N PRO D 225 -20.54 7.61 5.26
CA PRO D 225 -20.22 6.31 4.67
C PRO D 225 -19.30 5.49 5.56
N THR D 226 -19.50 4.17 5.53
CA THR D 226 -18.66 3.26 6.29
C THR D 226 -17.20 3.44 5.90
N ARG D 227 -16.33 3.47 6.90
CA ARG D 227 -14.91 3.63 6.64
C ARG D 227 -14.33 2.35 6.04
N ILE D 228 -13.44 2.50 5.06
CA ILE D 228 -12.79 1.38 4.40
C ILE D 228 -11.38 1.27 4.96
N TYR D 229 -11.06 0.11 5.54
CA TYR D 229 -9.78 -0.11 6.21
C TYR D 229 -8.83 -0.96 5.40
N VAL D 230 -9.08 -1.13 4.09
CA VAL D 230 -8.31 -2.08 3.29
C VAL D 230 -6.83 -1.72 3.28
N LYS D 231 -6.50 -0.53 2.78
CA LYS D 231 -5.10 -0.14 2.66
C LYS D 231 -4.42 -0.05 4.01
N SER D 232 -5.15 0.40 5.04
CA SER D 232 -4.57 0.51 6.38
C SER D 232 -4.19 -0.87 6.91
N VAL D 233 -5.09 -1.84 6.80
CA VAL D 233 -4.83 -3.17 7.35
C VAL D 233 -3.75 -3.90 6.54
N LEU D 234 -3.83 -3.83 5.20
CA LEU D 234 -2.82 -4.46 4.38
C LEU D 234 -1.44 -3.89 4.66
N GLU D 235 -1.34 -2.59 4.90
CA GLU D 235 -0.05 -1.99 5.26
C GLU D 235 0.41 -2.46 6.63
N LEU D 236 -0.52 -2.66 7.56
CA LEU D 236 -0.16 -3.09 8.90
C LEU D 236 0.33 -4.54 8.90
N ILE D 237 -0.31 -5.39 8.10
CA ILE D 237 0.06 -6.81 8.07
C ILE D 237 1.50 -6.97 7.61
N GLU D 238 1.96 -6.12 6.69
CA GLU D 238 3.31 -6.24 6.16
C GLU D 238 4.36 -5.86 7.21
N LYS D 239 4.01 -5.01 8.17
CA LYS D 239 4.98 -4.46 9.10
C LYS D 239 4.86 -5.00 10.52
N VAL D 240 3.74 -5.64 10.87
CA VAL D 240 3.48 -6.05 12.24
C VAL D 240 2.89 -7.46 12.23
N ASP D 241 3.23 -8.25 13.24
CA ASP D 241 2.64 -9.57 13.44
C ASP D 241 1.23 -9.40 14.00
N VAL D 242 0.24 -9.57 13.14
CA VAL D 242 -1.18 -9.46 13.53
C VAL D 242 -1.71 -10.86 13.80
N HIS D 243 -2.34 -11.04 14.96
CA HIS D 243 -2.92 -12.33 15.32
C HIS D 243 -4.35 -12.48 14.83
N ALA D 244 -5.16 -11.43 14.98
CA ALA D 244 -6.53 -11.46 14.50
C ALA D 244 -7.05 -10.03 14.40
N ILE D 245 -8.12 -9.87 13.62
CA ILE D 245 -8.80 -8.59 13.46
C ILE D 245 -10.30 -8.85 13.52
N ALA D 246 -10.99 -8.09 14.35
CA ALA D 246 -12.43 -8.19 14.47
C ALA D 246 -13.08 -6.99 13.80
N HIS D 247 -13.99 -7.26 12.87
CA HIS D 247 -14.78 -6.22 12.23
C HIS D 247 -16.09 -6.06 13.00
N LEU D 248 -16.32 -4.87 13.54
CA LEU D 248 -17.47 -4.63 14.41
C LEU D 248 -18.67 -4.28 13.55
N THR D 249 -19.51 -5.28 13.26
CA THR D 249 -20.70 -5.11 12.45
C THR D 249 -21.95 -5.39 13.27
N GLY D 250 -22.87 -6.19 12.73
CA GLY D 250 -24.06 -6.57 13.46
C GLY D 250 -23.72 -7.34 14.72
N GLY D 251 -24.31 -6.93 15.84
CA GLY D 251 -23.98 -7.51 17.12
C GLY D 251 -22.88 -6.80 17.87
N GLY D 252 -22.20 -5.84 17.24
CA GLY D 252 -21.30 -4.94 17.95
C GLY D 252 -20.16 -5.67 18.63
N PHE D 253 -19.81 -5.19 19.82
CA PHE D 253 -18.68 -5.76 20.56
C PHE D 253 -18.96 -7.20 20.99
N TRP D 254 -20.17 -7.46 21.48
CA TRP D 254 -20.46 -8.75 22.11
C TRP D 254 -20.45 -9.89 21.10
N GLU D 255 -20.91 -9.64 19.88
CA GLU D 255 -21.05 -10.70 18.89
C GLU D 255 -19.77 -10.92 18.08
N ASN D 256 -18.97 -9.88 17.86
CA ASN D 256 -17.90 -9.94 16.88
C ASN D 256 -16.51 -10.17 17.49
N ILE D 257 -16.26 -9.68 18.70
CA ILE D 257 -14.97 -9.89 19.35
C ILE D 257 -14.77 -11.37 19.69
N PRO D 258 -15.77 -12.09 20.24
CA PRO D 258 -15.56 -13.53 20.48
C PRO D 258 -15.25 -14.34 19.23
N ARG D 259 -15.55 -13.82 18.05
CA ARG D 259 -15.25 -14.55 16.82
C ARG D 259 -13.76 -14.75 16.59
N VAL D 260 -12.91 -13.98 17.28
CA VAL D 260 -11.47 -14.06 17.13
C VAL D 260 -10.80 -14.57 18.39
N LEU D 261 -11.58 -15.01 19.38
CA LEU D 261 -10.99 -15.45 20.64
C LEU D 261 -10.87 -16.97 20.67
N PRO D 262 -9.69 -17.52 20.93
CA PRO D 262 -9.58 -18.96 21.18
C PRO D 262 -10.22 -19.31 22.51
N ASP D 263 -10.33 -20.62 22.76
CA ASP D 263 -10.94 -21.09 23.98
C ASP D 263 -10.15 -20.62 25.20
N ASN D 264 -10.89 -20.37 26.29
CA ASN D 264 -10.29 -20.01 27.58
C ASN D 264 -9.54 -18.68 27.51
N THR D 265 -10.09 -17.72 26.78
CA THR D 265 -9.58 -16.35 26.76
C THR D 265 -10.74 -15.38 26.94
N GLN D 266 -10.41 -14.18 27.39
CA GLN D 266 -11.39 -13.14 27.63
C GLN D 266 -10.86 -11.80 27.13
N ALA D 267 -11.69 -11.06 26.40
CA ALA D 267 -11.34 -9.73 25.96
C ALA D 267 -11.82 -8.71 26.98
N VAL D 268 -10.90 -7.87 27.46
CA VAL D 268 -11.20 -6.86 28.47
C VAL D 268 -11.05 -5.50 27.79
N ILE D 269 -12.16 -4.78 27.65
CA ILE D 269 -12.19 -3.49 26.98
C ILE D 269 -12.09 -2.38 28.02
N ASP D 270 -11.14 -1.47 27.81
CA ASP D 270 -10.98 -0.29 28.67
C ASP D 270 -11.85 0.82 28.12
N GLU D 271 -13.00 1.05 28.75
CA GLU D 271 -13.93 2.06 28.26
C GLU D 271 -13.34 3.46 28.37
N SER D 272 -12.41 3.67 29.30
CA SER D 272 -11.80 4.98 29.47
C SER D 272 -10.82 5.33 28.36
N SER D 273 -10.47 4.38 27.49
CA SER D 273 -9.45 4.61 26.48
C SER D 273 -9.93 5.48 25.32
N TRP D 274 -11.24 5.75 25.22
CA TRP D 274 -11.72 6.61 24.15
C TRP D 274 -13.09 7.16 24.53
N GLN D 275 -13.44 8.27 23.91
CA GLN D 275 -14.75 8.89 24.07
C GLN D 275 -15.59 8.61 22.83
N TRP D 276 -16.86 8.27 23.06
CA TRP D 276 -17.76 8.01 21.95
C TRP D 276 -17.84 9.24 21.04
N PRO D 277 -17.81 9.06 19.72
CA PRO D 277 -18.18 10.17 18.82
C PRO D 277 -19.58 10.68 19.18
N GLU D 278 -19.78 11.98 18.96
CA GLU D 278 -20.96 12.64 19.50
C GLU D 278 -22.26 12.02 18.99
N VAL D 279 -22.25 11.46 17.78
CA VAL D 279 -23.47 10.89 17.22
C VAL D 279 -23.97 9.73 18.08
N PHE D 280 -23.05 9.01 18.73
CA PHE D 280 -23.46 7.89 19.57
C PHE D 280 -23.98 8.37 20.93
N ASN D 281 -23.46 9.47 21.44
CA ASN D 281 -24.03 10.07 22.64
C ASN D 281 -25.44 10.58 22.37
N TRP D 282 -25.66 11.17 21.19
CA TRP D 282 -26.99 11.62 20.82
C TRP D 282 -27.97 10.45 20.76
N LEU D 283 -27.54 9.35 20.15
CA LEU D 283 -28.42 8.18 20.02
C LEU D 283 -28.76 7.61 21.38
N GLN D 284 -27.78 7.50 22.28
CA GLN D 284 -28.03 6.95 23.60
C GLN D 284 -29.00 7.84 24.39
N THR D 285 -28.76 9.15 24.37
CA THR D 285 -29.60 10.07 25.14
C THR D 285 -31.02 10.12 24.59
N ALA D 286 -31.16 10.28 23.27
CA ALA D 286 -32.48 10.38 22.67
C ALA D 286 -33.28 9.09 22.77
N GLY D 287 -32.60 7.95 22.91
CA GLY D 287 -33.29 6.68 22.98
C GLY D 287 -33.24 6.03 24.35
N ASN D 288 -32.56 6.67 25.30
CA ASN D 288 -32.38 6.14 26.64
C ASN D 288 -31.81 4.72 26.60
N VAL D 289 -30.88 4.51 25.68
CA VAL D 289 -30.36 3.17 25.42
C VAL D 289 -29.42 2.76 26.54
N GLU D 290 -29.62 1.57 27.08
CA GLU D 290 -28.81 1.10 28.20
C GLU D 290 -27.42 0.70 27.72
N HIS D 291 -26.53 0.43 28.67
CA HIS D 291 -25.12 0.26 28.39
C HIS D 291 -24.88 -0.91 27.44
N HIS D 292 -25.39 -2.10 27.80
CA HIS D 292 -25.10 -3.30 27.01
C HIS D 292 -25.69 -3.19 25.61
N GLU D 293 -26.87 -2.57 25.48
CA GLU D 293 -27.50 -2.46 24.18
C GLU D 293 -26.72 -1.54 23.25
N MET D 294 -26.12 -0.48 23.80
CA MET D 294 -25.29 0.42 23.01
C MET D 294 -24.17 -0.34 22.33
N TYR D 295 -23.46 -1.19 23.08
CA TYR D 295 -22.33 -1.94 22.54
C TYR D 295 -22.76 -3.15 21.73
N ARG D 296 -24.03 -3.53 21.75
CA ARG D 296 -24.52 -4.59 20.89
C ARG D 296 -24.99 -4.05 19.53
N THR D 297 -25.70 -2.94 19.54
CA THR D 297 -26.32 -2.42 18.32
C THR D 297 -25.41 -1.48 17.55
N PHE D 298 -24.56 -0.73 18.24
CA PHE D 298 -23.69 0.26 17.60
C PHE D 298 -22.23 -0.09 17.83
N ASN D 299 -21.38 0.39 16.92
CA ASN D 299 -19.94 0.21 17.07
C ASN D 299 -19.33 1.21 18.04
N CYS D 300 -20.08 2.23 18.44
CA CYS D 300 -19.67 3.17 19.50
C CYS D 300 -18.33 3.83 19.20
N GLY D 301 -18.02 4.01 17.92
CA GLY D 301 -16.79 4.67 17.51
C GLY D 301 -15.64 3.76 17.15
N VAL D 302 -15.84 2.44 17.19
CA VAL D 302 -14.78 1.48 16.92
C VAL D 302 -15.20 0.64 15.73
N GLY D 303 -14.45 0.74 14.63
CA GLY D 303 -14.76 0.01 13.43
C GLY D 303 -14.12 -1.36 13.37
N MET D 304 -12.89 -1.46 13.88
CA MET D 304 -12.16 -2.72 13.92
C MET D 304 -11.35 -2.79 15.21
N ILE D 305 -11.06 -4.02 15.63
CA ILE D 305 -10.21 -4.28 16.79
C ILE D 305 -9.15 -5.29 16.38
N ILE D 306 -7.88 -4.95 16.63
CA ILE D 306 -6.74 -5.74 16.18
C ILE D 306 -6.09 -6.37 17.40
N ALA D 307 -5.88 -7.69 17.34
CA ALA D 307 -5.15 -8.41 18.38
C ALA D 307 -3.75 -8.71 17.91
N LEU D 308 -2.77 -8.42 18.75
CA LEU D 308 -1.36 -8.52 18.37
C LEU D 308 -0.53 -8.61 19.64
N PRO D 309 0.71 -9.12 19.54
CA PRO D 309 1.56 -9.16 20.74
C PRO D 309 1.86 -7.77 21.27
N ALA D 310 2.05 -7.70 22.59
CA ALA D 310 2.34 -6.43 23.23
C ALA D 310 3.60 -5.74 22.69
N PRO D 311 4.71 -6.43 22.40
CA PRO D 311 5.88 -5.73 21.83
C PRO D 311 5.62 -5.10 20.47
N GLU D 312 4.52 -5.44 19.79
CA GLU D 312 4.21 -4.87 18.49
C GLU D 312 3.35 -3.63 18.56
N VAL D 313 2.88 -3.26 19.75
CA VAL D 313 1.85 -2.22 19.88
C VAL D 313 2.40 -0.87 19.45
N ASP D 314 3.62 -0.53 19.87
CA ASP D 314 4.16 0.79 19.57
C ASP D 314 4.37 0.97 18.06
N LYS D 315 4.87 -0.06 17.38
CA LYS D 315 4.98 0.00 15.93
C LYS D 315 3.62 0.17 15.28
N ALA D 316 2.62 -0.59 15.75
CA ALA D 316 1.31 -0.60 15.10
C ALA D 316 0.60 0.74 15.26
N LEU D 317 0.59 1.29 16.48
CA LEU D 317 -0.08 2.56 16.70
C LEU D 317 0.57 3.69 15.91
N ALA D 318 1.91 3.74 15.90
CA ALA D 318 2.61 4.76 15.15
C ALA D 318 2.30 4.66 13.66
N LEU D 319 2.33 3.44 13.12
CA LEU D 319 2.03 3.23 11.70
C LEU D 319 0.61 3.66 11.38
N LEU D 320 -0.36 3.21 12.17
CA LEU D 320 -1.76 3.46 11.86
C LEU D 320 -2.12 4.94 11.99
N ASN D 321 -1.69 5.57 13.08
CA ASN D 321 -2.07 6.97 13.32
C ASN D 321 -1.39 7.92 12.34
N ALA D 322 -0.22 7.56 11.82
CA ALA D 322 0.46 8.40 10.85
C ALA D 322 -0.07 8.21 9.43
N ASN D 323 -0.91 7.21 9.19
CA ASN D 323 -1.34 6.84 7.85
C ASN D 323 -2.86 6.84 7.73
N GLY D 324 -3.51 7.84 8.33
CA GLY D 324 -4.92 8.07 8.08
C GLY D 324 -5.89 7.24 8.90
N GLU D 325 -5.50 6.82 10.10
CA GLU D 325 -6.41 6.09 10.98
C GLU D 325 -6.41 6.72 12.37
N ASN D 326 -7.45 6.40 13.13
CA ASN D 326 -7.58 6.78 14.53
C ASN D 326 -7.41 5.49 15.34
N ALA D 327 -6.19 5.23 15.78
CA ALA D 327 -5.84 3.99 16.45
C ALA D 327 -5.40 4.25 17.89
N TRP D 328 -5.85 3.38 18.79
CA TRP D 328 -5.49 3.47 20.19
C TRP D 328 -5.57 2.09 20.84
N LYS D 329 -4.87 1.94 21.96
CA LYS D 329 -4.94 0.72 22.74
C LYS D 329 -6.28 0.65 23.46
N ILE D 330 -7.14 -0.29 23.06
CA ILE D 330 -8.48 -0.36 23.61
C ILE D 330 -8.62 -1.43 24.70
N GLY D 331 -7.74 -2.41 24.74
CA GLY D 331 -7.84 -3.44 25.77
C GLY D 331 -6.77 -4.48 25.65
N ILE D 332 -7.06 -5.65 26.22
CA ILE D 332 -6.11 -6.75 26.32
C ILE D 332 -6.89 -8.06 26.31
N ILE D 333 -6.19 -9.14 26.00
CA ILE D 333 -6.74 -10.49 26.07
C ILE D 333 -6.05 -11.21 27.23
N LYS D 334 -6.84 -11.85 28.09
CA LYS D 334 -6.33 -12.55 29.26
C LYS D 334 -6.88 -13.97 29.29
N ALA D 335 -6.09 -14.88 29.86
CA ALA D 335 -6.56 -16.24 30.07
C ALA D 335 -7.66 -16.23 31.13
N SER D 336 -8.73 -16.99 30.85
CA SER D 336 -9.91 -16.99 31.71
C SER D 336 -10.88 -18.05 31.22
N ASP D 337 -11.50 -18.77 32.16
CA ASP D 337 -12.54 -19.72 31.82
C ASP D 337 -13.93 -19.11 31.91
N SER D 338 -14.04 -17.80 32.09
CA SER D 338 -15.33 -17.15 32.18
C SER D 338 -16.13 -17.34 30.90
N GLU D 339 -17.44 -17.54 31.06
CA GLU D 339 -18.33 -17.65 29.90
C GLU D 339 -18.64 -16.30 29.29
N GLN D 340 -18.28 -15.20 29.95
CA GLN D 340 -18.42 -13.85 29.41
C GLN D 340 -17.13 -13.51 28.70
N ARG D 341 -17.11 -13.68 27.37
CA ARG D 341 -15.88 -13.58 26.61
C ARG D 341 -15.42 -12.13 26.46
N VAL D 342 -16.29 -11.16 26.69
CA VAL D 342 -15.97 -9.75 26.53
C VAL D 342 -16.40 -9.01 27.79
N VAL D 343 -15.50 -8.20 28.35
CA VAL D 343 -15.79 -7.34 29.49
C VAL D 343 -15.51 -5.90 29.07
N ILE D 344 -16.50 -5.03 29.19
CA ILE D 344 -16.36 -3.61 28.90
C ILE D 344 -16.54 -2.86 30.21
N GLU D 345 -15.45 -2.27 30.70
CA GLU D 345 -15.46 -1.58 31.98
C GLU D 345 -14.79 -0.22 31.91
S SO4 E . 36.71 15.08 19.29
O1 SO4 E . 36.95 13.80 20.03
O2 SO4 E . 37.65 15.17 18.13
O3 SO4 E . 35.29 15.12 18.80
O4 SO4 E . 36.95 16.25 20.21
S SO4 F . 15.45 27.63 -0.65
O1 SO4 F . 14.18 27.35 0.09
O2 SO4 F . 16.58 26.89 0.00
O3 SO4 F . 15.30 27.17 -2.08
O4 SO4 F . 15.72 29.10 -0.63
S SO4 G . 7.02 32.15 -19.58
O1 SO4 G . 5.94 31.11 -19.66
O2 SO4 G . 6.74 33.24 -20.57
O3 SO4 G . 7.04 32.74 -18.20
O4 SO4 G . 8.34 31.52 -19.87
S SO4 H . -6.05 27.99 -0.45
O1 SO4 H . -6.15 29.08 0.56
O2 SO4 H . -5.95 28.59 -1.82
O3 SO4 H . -4.83 27.16 -0.18
O4 SO4 H . -7.27 27.12 -0.38
S SO4 I . -38.94 -12.95 -16.42
O1 SO4 I . -37.98 -12.97 -17.57
O2 SO4 I . -39.03 -14.32 -15.82
O3 SO4 I . -38.45 -11.97 -15.39
O4 SO4 I . -40.30 -12.52 -16.89
S SO4 J . -40.32 -14.70 -36.83
O1 SO4 J . -41.49 -14.40 -37.71
O2 SO4 J . -39.57 -13.44 -36.56
O3 SO4 J . -40.81 -15.30 -35.55
O4 SO4 J . -39.42 -15.68 -37.51
S SO4 K . -29.73 -2.85 10.63
O1 SO4 K . -28.87 -1.68 10.27
O2 SO4 K . -30.14 -3.57 9.38
O3 SO4 K . -28.96 -3.78 11.51
O4 SO4 K . -30.96 -2.36 11.33
S SO4 L . -22.39 -4.51 30.43
O1 SO4 L . -22.88 -4.43 31.83
O2 SO4 L . -23.18 -3.57 29.57
O3 SO4 L . -20.94 -4.12 30.37
O4 SO4 L . -22.55 -5.91 29.91
S SO4 M . -17.25 13.57 16.66
O1 SO4 M . -17.47 13.51 18.14
O2 SO4 M . -16.22 12.56 16.26
O3 SO4 M . -18.54 13.30 15.95
O4 SO4 M . -16.77 14.95 16.30
#